data_3JU6
#
_entry.id   3JU6
#
_cell.length_a   86.823
_cell.length_b   60.073
_cell.length_c   139.946
_cell.angle_alpha   90.00
_cell.angle_beta   93.08
_cell.angle_gamma   90.00
#
_symmetry.space_group_name_H-M   'P 1 21 1'
#
loop_
_entity.id
_entity.type
_entity.pdbx_description
1 polymer 'Arginine kinase'
2 non-polymer ARGININE
3 non-polymer 'PHOSPHOAMINOPHOSPHONIC ACID-ADENYLATE ESTER'
4 water water
#
_entity_poly.entity_id   1
_entity_poly.type   'polypeptide(L)'
_entity_poly.pdbx_seq_one_letter_code
;(MSE)ANLNQKKYPAKDDFPNFEGHKSLLSKYLTAD(MSE)YAKLRDVATPSGYTLDRAIQNGVDNPDFHLGLLAGDEET
YTVFADLFDPVIEEYHNGFKKTDNHKTDLDASKILDDVLDPAYVISSRVRTGRNIRG(MSE)ALSPHVCRSERRAIEK
(MSE)VSEALNSLAADLKGKYYSL(MSE)K(MSE)DEKTQQQLIDDHFLFDRPVSRHFTSGG(MSE)ARDFPDGRGIWHN
DKKNFLVWINEEDHTRIIS(MSE)Q(MSE)GGN(MSE)KEVFERFTRGLTEVEKHIKDKTGKEF(MSE)KNDHLGFVLTC
PSNLGTGVRCSVHAKLPH(MSE)AKDKRFEEICTK(MSE)RLQKRGTSGEFTESVGGVYDISNLDRLGSSEVEQVNCVIK
GVKVLIE(MSE)EKKLEKGESIDDLVPK
;
_entity_poly.pdbx_strand_id   A,B,C,D
#
# COMPACT_ATOMS: atom_id res chain seq x y z
N ALA A 2 17.02 10.14 2.31
CA ALA A 2 16.20 10.08 1.05
C ALA A 2 14.89 9.31 1.27
N ASN A 3 13.87 9.61 0.47
CA ASN A 3 12.61 8.88 0.60
C ASN A 3 12.75 7.63 -0.26
N LEU A 4 12.90 6.47 0.39
CA LEU A 4 13.06 5.21 -0.33
C LEU A 4 11.88 4.79 -1.21
N ASN A 5 10.76 5.49 -1.10
CA ASN A 5 9.59 5.16 -1.90
C ASN A 5 9.54 6.00 -3.18
N GLN A 6 10.45 6.94 -3.29
CA GLN A 6 10.49 7.80 -4.44
C GLN A 6 10.91 7.14 -5.74
N LYS A 7 11.86 6.22 -5.65
CA LYS A 7 12.33 5.54 -6.85
C LYS A 7 11.25 4.67 -7.48
N LYS A 8 10.19 4.40 -6.72
CA LYS A 8 9.06 3.59 -7.17
C LYS A 8 8.17 4.32 -8.17
N TYR A 9 8.22 5.65 -8.13
CA TYR A 9 7.41 6.47 -8.99
C TYR A 9 8.15 6.92 -10.25
N PRO A 10 7.40 7.12 -11.36
CA PRO A 10 8.04 7.56 -12.59
C PRO A 10 8.58 8.98 -12.34
N ALA A 11 9.77 9.25 -12.83
CA ALA A 11 10.44 10.54 -12.60
C ALA A 11 9.61 11.78 -12.93
N LYS A 12 8.81 11.71 -13.99
CA LYS A 12 7.99 12.84 -14.40
C LYS A 12 7.05 13.31 -13.28
N ASP A 13 6.52 12.36 -12.51
CA ASP A 13 5.61 12.70 -11.43
C ASP A 13 6.34 13.37 -10.27
N ASP A 14 7.67 13.23 -10.25
CA ASP A 14 8.52 13.84 -9.23
C ASP A 14 9.13 15.15 -9.73
N PHE A 15 9.14 15.33 -11.05
CA PHE A 15 9.72 16.51 -11.69
C PHE A 15 9.05 17.83 -11.29
N PRO A 16 9.87 18.80 -10.87
CA PRO A 16 9.40 20.12 -10.45
C PRO A 16 8.57 20.87 -11.51
N ASN A 17 7.58 21.63 -11.06
CA ASN A 17 6.76 22.44 -11.96
C ASN A 17 7.46 23.81 -11.89
N PHE A 18 8.35 24.06 -12.84
CA PHE A 18 9.10 25.33 -12.85
C PHE A 18 8.35 26.49 -13.48
N GLU A 19 7.03 26.39 -13.58
CA GLU A 19 6.21 27.44 -14.17
C GLU A 19 6.37 28.77 -13.43
N GLY A 20 6.96 29.76 -14.11
CA GLY A 20 7.14 31.05 -13.50
C GLY A 20 8.44 31.26 -12.75
N HIS A 21 9.35 30.30 -12.82
CA HIS A 21 10.62 30.45 -12.12
C HIS A 21 11.61 31.25 -12.98
N LYS A 22 12.43 32.07 -12.33
CA LYS A 22 13.42 32.89 -13.02
C LYS A 22 14.87 32.45 -12.73
N SER A 23 15.06 31.21 -12.33
CA SER A 23 16.39 30.71 -11.99
C SER A 23 17.10 29.87 -13.03
N LEU A 24 18.39 29.68 -12.81
CA LEU A 24 19.23 28.89 -13.67
C LEU A 24 18.87 27.42 -13.54
N LEU A 25 18.29 27.06 -12.40
CA LEU A 25 17.84 25.69 -12.11
C LEU A 25 16.67 25.31 -13.00
N SER A 26 15.70 26.21 -13.10
CA SER A 26 14.53 25.97 -13.91
C SER A 26 14.86 26.03 -15.40
N LYS A 27 16.02 26.60 -15.72
CA LYS A 27 16.45 26.71 -17.12
C LYS A 27 17.27 25.53 -17.62
N TYR A 28 18.02 24.89 -16.74
CA TYR A 28 18.87 23.77 -17.15
C TYR A 28 18.44 22.37 -16.72
N LEU A 29 17.65 22.27 -15.66
CA LEU A 29 17.20 20.96 -15.23
C LEU A 29 16.00 20.50 -16.06
N THR A 30 16.29 19.74 -17.12
CA THR A 30 15.27 19.22 -18.02
C THR A 30 14.59 18.01 -17.40
N ALA A 31 13.43 17.66 -17.94
CA ALA A 31 12.68 16.51 -17.45
C ALA A 31 13.54 15.25 -17.57
N ASP A 32 14.22 15.08 -18.69
CA ASP A 32 15.06 13.90 -18.90
C ASP A 32 16.30 13.87 -18.02
N TYR A 34 16.41 15.34 -15.00
CA TYR A 34 15.87 15.04 -13.68
C TYR A 34 15.60 13.54 -13.54
N ALA A 35 15.21 12.92 -14.64
CA ALA A 35 14.92 11.49 -14.64
C ALA A 35 16.18 10.66 -14.45
N LYS A 36 17.26 11.09 -15.07
CA LYS A 36 18.54 10.39 -14.98
C LYS A 36 19.24 10.60 -13.63
N LEU A 37 19.04 11.74 -13.00
CA LEU A 37 19.69 12.02 -11.72
C LEU A 37 18.81 12.01 -10.46
N ARG A 38 17.53 11.67 -10.58
CA ARG A 38 16.66 11.71 -9.39
C ARG A 38 17.01 10.72 -8.29
N ASP A 39 17.47 9.53 -8.67
CA ASP A 39 17.80 8.50 -7.70
C ASP A 39 19.29 8.27 -7.48
N VAL A 40 20.12 9.14 -8.05
CA VAL A 40 21.57 9.06 -7.89
C VAL A 40 21.95 9.94 -6.72
N ALA A 41 22.46 9.33 -5.64
CA ALA A 41 22.85 10.10 -4.46
C ALA A 41 24.37 10.15 -4.31
N THR A 42 24.86 11.15 -3.59
CA THR A 42 26.31 11.30 -3.37
C THR A 42 26.75 10.27 -2.34
N PRO A 43 28.07 10.07 -2.19
CA PRO A 43 28.65 9.12 -1.23
C PRO A 43 28.20 9.37 0.20
N SER A 44 27.76 10.60 0.49
CA SER A 44 27.31 10.97 1.83
C SER A 44 25.79 10.90 1.97
N GLY A 45 25.12 10.56 0.88
CA GLY A 45 23.68 10.46 0.93
C GLY A 45 22.89 11.68 0.50
N TYR A 46 23.55 12.75 0.07
CA TYR A 46 22.83 13.95 -0.39
C TYR A 46 22.17 13.66 -1.74
N THR A 47 20.91 14.11 -1.88
CA THR A 47 20.14 13.88 -3.10
C THR A 47 19.97 15.09 -4.01
N LEU A 48 19.48 14.82 -5.23
CA LEU A 48 19.26 15.85 -6.22
C LEU A 48 18.18 16.78 -5.70
N ASP A 49 17.18 16.20 -5.05
CA ASP A 49 16.07 16.94 -4.50
C ASP A 49 16.57 17.90 -3.43
N ARG A 50 17.42 17.38 -2.55
CA ARG A 50 17.99 18.18 -1.48
C ARG A 50 18.74 19.38 -2.06
N ALA A 51 19.48 19.13 -3.13
CA ALA A 51 20.27 20.16 -3.79
C ALA A 51 19.46 21.26 -4.47
N ILE A 52 18.32 20.90 -5.06
CA ILE A 52 17.48 21.87 -5.76
C ILE A 52 16.33 22.46 -4.95
N GLN A 53 16.18 22.01 -3.71
CA GLN A 53 15.11 22.52 -2.82
C GLN A 53 15.08 24.04 -2.67
N ASN A 54 16.24 24.65 -2.54
CA ASN A 54 16.31 26.11 -2.40
C ASN A 54 15.61 26.86 -3.53
N GLY A 55 15.73 26.35 -4.75
CA GLY A 55 15.12 27.02 -5.88
C GLY A 55 13.71 26.58 -6.21
N VAL A 56 13.36 25.36 -5.79
CA VAL A 56 12.03 24.82 -6.02
C VAL A 56 11.06 25.62 -5.16
N ASP A 57 11.48 25.89 -3.92
CA ASP A 57 10.66 26.63 -2.95
C ASP A 57 10.58 28.13 -3.25
N ASN A 58 11.55 28.67 -3.96
CA ASN A 58 11.60 30.11 -4.21
C ASN A 58 11.87 30.48 -5.67
N PRO A 59 10.80 30.59 -6.49
CA PRO A 59 11.02 30.93 -7.90
C PRO A 59 11.66 32.27 -8.17
N ASP A 60 11.71 33.15 -7.18
CA ASP A 60 12.35 34.46 -7.39
C ASP A 60 13.87 34.38 -7.34
N PHE A 61 14.39 33.30 -6.76
CA PHE A 61 15.84 33.13 -6.67
C PHE A 61 16.42 33.04 -8.06
N HIS A 62 17.69 33.38 -8.21
CA HIS A 62 18.32 33.35 -9.51
C HIS A 62 19.12 32.09 -9.84
N LEU A 63 19.61 31.42 -8.81
CA LEU A 63 20.41 30.21 -9.00
C LEU A 63 19.56 28.98 -8.67
N GLY A 64 19.18 28.84 -7.40
CA GLY A 64 18.34 27.74 -7.00
C GLY A 64 19.00 26.46 -6.49
N LEU A 65 20.33 26.41 -6.46
CA LEU A 65 20.97 25.21 -5.99
C LEU A 65 22.07 25.39 -4.96
N LEU A 66 22.14 24.43 -4.02
CA LEU A 66 23.14 24.43 -2.96
C LEU A 66 23.83 23.07 -2.91
N ALA A 67 25.13 23.05 -2.61
CA ALA A 67 25.86 21.79 -2.52
C ALA A 67 25.84 21.20 -1.09
N GLY A 68 25.70 19.88 -1.00
CA GLY A 68 25.68 19.23 0.30
C GLY A 68 27.05 18.76 0.73
N ASP A 69 27.90 18.47 -0.24
CA ASP A 69 29.27 18.02 -0.01
C ASP A 69 30.03 18.30 -1.28
N GLU A 70 31.31 17.97 -1.27
CA GLU A 70 32.15 18.21 -2.43
C GLU A 70 31.75 17.36 -3.65
N GLU A 71 31.42 16.09 -3.45
CA GLU A 71 31.02 15.22 -4.55
C GLU A 71 29.76 15.75 -5.28
N THR A 72 29.01 16.65 -4.65
CA THR A 72 27.80 17.19 -5.27
C THR A 72 28.09 17.79 -6.66
N TYR A 73 29.18 18.53 -6.75
CA TYR A 73 29.57 19.21 -8.00
C TYR A 73 29.90 18.26 -9.15
N THR A 74 30.28 17.04 -8.82
CA THR A 74 30.61 16.09 -9.86
C THR A 74 29.48 15.09 -10.12
N VAL A 75 28.89 14.58 -9.05
CA VAL A 75 27.78 13.63 -9.18
C VAL A 75 26.62 14.26 -9.94
N PHE A 76 26.44 15.56 -9.78
CA PHE A 76 25.36 16.24 -10.47
C PHE A 76 25.87 17.27 -11.47
N ALA A 77 27.09 17.07 -11.96
CA ALA A 77 27.69 17.97 -12.91
C ALA A 77 26.77 18.39 -14.05
N ASP A 78 25.90 17.47 -14.47
CA ASP A 78 24.98 17.75 -15.56
C ASP A 78 24.15 19.01 -15.30
N LEU A 79 23.87 19.29 -14.03
CA LEU A 79 23.10 20.46 -13.64
C LEU A 79 23.99 21.63 -13.28
N PHE A 80 24.96 21.36 -12.41
CA PHE A 80 25.87 22.38 -11.93
C PHE A 80 26.81 23.02 -12.96
N ASP A 81 27.39 22.22 -13.88
CA ASP A 81 28.29 22.78 -14.89
C ASP A 81 27.61 23.86 -15.75
N PRO A 82 26.50 23.52 -16.40
CA PRO A 82 25.85 24.54 -17.23
C PRO A 82 25.44 25.76 -16.41
N VAL A 83 25.00 25.54 -15.18
CA VAL A 83 24.60 26.64 -14.31
C VAL A 83 25.82 27.48 -13.92
N ILE A 84 26.90 26.81 -13.53
CA ILE A 84 28.13 27.51 -13.19
C ILE A 84 28.61 28.33 -14.40
N GLU A 85 28.49 27.76 -15.58
CA GLU A 85 28.93 28.42 -16.81
C GLU A 85 28.16 29.69 -17.17
N GLU A 86 26.84 29.69 -17.03
CA GLU A 86 26.11 30.90 -17.35
C GLU A 86 26.30 31.93 -16.25
N TYR A 87 26.20 31.50 -14.99
CA TYR A 87 26.38 32.44 -13.89
C TYR A 87 27.76 33.11 -13.90
N HIS A 88 28.82 32.32 -14.04
CA HIS A 88 30.17 32.87 -14.06
C HIS A 88 30.72 33.27 -15.43
N ASN A 89 29.86 33.89 -16.23
CA ASN A 89 30.23 34.39 -17.56
C ASN A 89 31.03 33.47 -18.49
N GLY A 90 30.43 32.34 -18.85
CA GLY A 90 31.09 31.42 -19.77
C GLY A 90 32.21 30.56 -19.23
N PHE A 91 32.24 30.36 -17.92
CA PHE A 91 33.27 29.53 -17.33
C PHE A 91 32.89 28.05 -17.59
N LYS A 92 33.56 27.41 -18.55
CA LYS A 92 33.26 26.01 -18.87
C LYS A 92 33.82 25.05 -17.83
N LYS A 93 33.47 23.77 -17.98
CA LYS A 93 33.97 22.72 -17.11
C LYS A 93 35.39 22.39 -17.60
N THR A 94 35.77 22.98 -18.73
CA THR A 94 37.10 22.77 -19.29
C THR A 94 38.04 23.82 -18.69
N ASP A 95 37.49 25.01 -18.42
CA ASP A 95 38.29 26.09 -17.83
C ASP A 95 38.74 25.74 -16.42
N ASN A 96 39.85 26.33 -15.98
CA ASN A 96 40.38 26.07 -14.66
C ASN A 96 40.62 27.34 -13.86
N HIS A 97 40.32 27.29 -12.58
CA HIS A 97 40.49 28.47 -11.73
C HIS A 97 41.91 28.66 -11.23
N LYS A 98 42.36 29.91 -11.14
CA LYS A 98 43.71 30.19 -10.67
C LYS A 98 43.68 30.95 -9.35
N THR A 99 44.56 30.57 -8.43
CA THR A 99 44.62 31.24 -7.13
C THR A 99 45.81 32.19 -7.07
N ASP A 100 45.62 33.29 -6.36
CA ASP A 100 46.69 34.28 -6.15
C ASP A 100 46.33 35.15 -4.96
N LEU A 101 46.86 34.70 -3.82
CA LEU A 101 46.69 35.37 -2.54
C LEU A 101 47.96 36.16 -2.25
N ASP A 102 48.64 36.64 -3.29
CA ASP A 102 49.89 37.40 -3.06
C ASP A 102 49.57 38.85 -2.71
N ALA A 103 49.76 39.18 -1.43
CA ALA A 103 49.48 40.50 -0.91
C ALA A 103 50.32 41.64 -1.49
N SER A 104 51.55 41.32 -1.88
CA SER A 104 52.48 42.32 -2.44
C SER A 104 52.03 42.88 -3.79
N LYS A 105 51.03 42.23 -4.39
CA LYS A 105 50.54 42.63 -5.70
C LYS A 105 49.28 43.46 -5.63
N ILE A 106 48.83 43.76 -4.42
CA ILE A 106 47.62 44.56 -4.25
C ILE A 106 47.92 46.04 -4.43
N LEU A 107 47.11 46.76 -5.20
CA LEU A 107 47.29 48.19 -5.42
C LEU A 107 47.42 48.87 -4.05
N ASP A 108 48.46 49.69 -3.87
CA ASP A 108 48.68 50.35 -2.59
C ASP A 108 47.96 51.67 -2.45
N ASP A 109 46.98 51.92 -3.30
CA ASP A 109 46.23 53.17 -3.19
C ASP A 109 45.36 53.11 -1.95
N VAL A 110 45.29 54.20 -1.21
CA VAL A 110 44.43 54.26 -0.04
C VAL A 110 43.22 55.07 -0.51
N LEU A 111 42.05 54.44 -0.51
CA LEU A 111 40.82 55.11 -0.94
C LEU A 111 40.45 56.26 0.00
N ASP A 112 40.01 57.39 -0.56
CA ASP A 112 39.61 58.57 0.20
C ASP A 112 38.75 58.22 1.41
N PRO A 113 39.25 58.46 2.64
CA PRO A 113 38.43 58.13 3.82
C PRO A 113 37.20 59.01 4.04
N ALA A 114 37.09 60.09 3.28
CA ALA A 114 35.95 60.99 3.38
C ALA A 114 34.73 60.35 2.72
N TYR A 115 35.00 59.43 1.79
CA TYR A 115 33.96 58.73 1.04
C TYR A 115 33.87 57.24 1.39
N VAL A 116 35.01 56.59 1.59
CA VAL A 116 35.02 55.18 1.93
C VAL A 116 34.98 55.00 3.44
N ILE A 117 33.81 54.63 3.96
CA ILE A 117 33.65 54.43 5.40
C ILE A 117 34.49 53.27 5.90
N SER A 118 34.32 52.09 5.30
CA SER A 118 35.07 50.91 5.72
C SER A 118 35.37 49.96 4.57
N SER A 119 36.46 49.21 4.71
CA SER A 119 36.90 48.25 3.72
C SER A 119 36.83 46.85 4.29
N ARG A 120 36.40 45.90 3.46
CA ARG A 120 36.22 44.52 3.90
C ARG A 120 36.59 43.50 2.83
N VAL A 121 37.12 42.38 3.31
CA VAL A 121 37.52 41.27 2.49
C VAL A 121 37.09 40.01 3.24
N ARG A 122 36.33 39.16 2.56
CA ARG A 122 35.86 37.93 3.19
C ARG A 122 35.89 36.87 2.14
N THR A 123 36.05 35.63 2.61
CA THR A 123 36.06 34.48 1.73
C THR A 123 35.50 33.33 2.55
N GLY A 124 35.18 32.23 1.86
CA GLY A 124 34.65 31.08 2.56
C GLY A 124 35.55 29.87 2.39
N ARG A 125 35.67 29.08 3.43
CA ARG A 125 36.48 27.87 3.37
C ARG A 125 35.69 26.71 3.96
N ASN A 126 35.84 25.54 3.36
CA ASN A 126 35.16 24.35 3.85
C ASN A 126 36.19 23.23 4.09
N ILE A 127 36.01 22.48 5.15
CA ILE A 127 36.94 21.42 5.46
C ILE A 127 36.58 20.15 4.70
N ARG A 128 37.55 19.61 3.96
CA ARG A 128 37.38 18.39 3.17
C ARG A 128 37.11 17.15 4.04
N GLY A 129 36.07 16.40 3.69
CA GLY A 129 35.77 15.21 4.46
C GLY A 129 34.54 15.35 5.33
N ALA A 131 30.50 17.17 5.52
CA ALA A 131 29.42 17.66 4.66
C ALA A 131 29.32 19.20 4.77
N LEU A 132 28.63 19.81 3.83
CA LEU A 132 28.45 21.25 3.86
C LEU A 132 27.18 21.52 4.67
N SER A 133 26.93 22.78 5.01
CA SER A 133 25.77 23.18 5.82
C SER A 133 24.38 22.64 5.47
N PRO A 134 24.07 22.46 4.18
CA PRO A 134 22.72 21.94 3.89
C PRO A 134 22.55 20.43 4.21
N HIS A 135 23.65 19.75 4.46
CA HIS A 135 23.65 18.31 4.72
C HIS A 135 24.32 17.89 6.05
N VAL A 136 25.20 18.74 6.57
CA VAL A 136 25.94 18.48 7.79
C VAL A 136 25.14 18.14 9.05
N CYS A 137 25.57 17.12 9.77
CA CYS A 137 24.91 16.72 11.00
C CYS A 137 25.66 17.40 12.16
N ARG A 138 25.07 17.37 13.35
CA ARG A 138 25.67 18.02 14.53
C ARG A 138 27.09 17.61 14.93
N SER A 139 27.39 16.33 14.91
CA SER A 139 28.72 15.86 15.26
C SER A 139 29.79 16.44 14.34
N GLU A 140 29.49 16.50 13.05
CA GLU A 140 30.44 17.06 12.08
C GLU A 140 30.60 18.55 12.32
N ARG A 141 29.47 19.20 12.64
CA ARG A 141 29.48 20.65 12.85
C ARG A 141 30.26 21.05 14.12
N ARG A 142 30.26 20.19 15.12
CA ARG A 142 30.96 20.46 16.37
C ARG A 142 32.44 20.19 16.17
N ALA A 143 32.73 19.16 15.41
CA ALA A 143 34.10 18.82 15.10
C ALA A 143 34.74 20.02 14.37
N ILE A 144 34.02 20.58 13.41
CA ILE A 144 34.50 21.74 12.65
C ILE A 144 34.66 22.95 13.55
N GLU A 145 33.64 23.19 14.36
CA GLU A 145 33.64 24.31 15.30
C GLU A 145 34.82 24.21 16.27
N LYS A 146 35.20 22.98 16.59
CA LYS A 146 36.31 22.71 17.50
C LYS A 146 37.68 22.91 16.82
N VAL A 148 38.36 24.65 14.23
CA VAL A 148 38.57 26.00 13.74
C VAL A 148 38.85 26.98 14.88
N SER A 149 38.06 26.89 15.94
CA SER A 149 38.23 27.77 17.08
C SER A 149 39.58 27.60 17.77
N GLU A 150 40.09 26.37 17.73
CA GLU A 150 41.39 26.08 18.33
C GLU A 150 42.51 26.59 17.43
N ALA A 151 42.28 26.60 16.13
CA ALA A 151 43.29 27.05 15.19
C ALA A 151 43.39 28.56 15.29
N LEU A 152 42.31 29.18 15.72
CA LEU A 152 42.26 30.64 15.83
C LEU A 152 42.81 31.14 17.16
N ASN A 153 42.64 30.37 18.22
CA ASN A 153 43.14 30.81 19.52
C ASN A 153 44.65 30.67 19.61
N SER A 154 45.25 30.09 18.58
CA SER A 154 46.70 29.92 18.52
C SER A 154 47.31 31.20 17.95
N LEU A 155 46.48 32.03 17.31
CA LEU A 155 46.95 33.28 16.74
C LEU A 155 47.42 34.16 17.87
N ALA A 156 48.46 34.96 17.63
CA ALA A 156 48.99 35.82 18.67
C ALA A 156 49.04 37.31 18.31
N ALA A 157 49.52 38.10 19.26
CA ALA A 157 49.67 39.54 19.10
C ALA A 157 48.37 40.26 18.71
N ASP A 158 48.37 40.90 17.55
CA ASP A 158 47.20 41.61 17.05
C ASP A 158 46.11 40.70 16.48
N LEU A 159 46.49 39.46 16.16
CA LEU A 159 45.55 38.46 15.63
C LEU A 159 44.92 37.66 16.77
N LYS A 160 45.48 37.86 17.95
CA LYS A 160 45.05 37.26 19.22
C LYS A 160 43.59 37.55 19.58
N GLY A 161 42.76 36.53 19.84
CA GLY A 161 41.39 36.80 20.21
C GLY A 161 40.68 35.63 20.86
N LYS A 162 39.35 35.68 20.94
CA LYS A 162 38.64 34.54 21.50
C LYS A 162 37.42 34.15 20.67
N TYR A 163 36.89 32.97 20.96
CA TYR A 163 35.72 32.44 20.29
C TYR A 163 34.50 32.67 21.14
N TYR A 164 33.40 33.07 20.50
CA TYR A 164 32.15 33.31 21.18
C TYR A 164 31.13 32.34 20.62
N SER A 165 30.65 31.41 21.44
CA SER A 165 29.66 30.47 20.97
C SER A 165 28.33 31.26 20.92
N LEU A 166 27.50 31.01 19.91
CA LEU A 166 26.21 31.70 19.81
C LEU A 166 25.21 31.21 20.86
N LYS A 168 26.30 30.70 24.03
CA LYS A 168 26.77 31.39 25.22
C LYS A 168 26.46 32.90 25.26
N ASP A 170 24.23 36.34 24.79
CA ASP A 170 22.85 36.78 24.92
C ASP A 170 22.44 37.63 23.72
N GLU A 171 21.12 37.75 23.56
CA GLU A 171 20.51 38.51 22.47
C GLU A 171 21.02 39.96 22.26
N LYS A 172 21.37 40.66 23.33
CA LYS A 172 21.87 42.04 23.19
C LYS A 172 23.29 42.12 22.63
N THR A 173 24.14 41.17 22.97
CA THR A 173 25.50 41.17 22.42
C THR A 173 25.38 40.80 20.95
N GLN A 174 24.47 39.88 20.64
CA GLN A 174 24.25 39.41 19.27
C GLN A 174 23.67 40.47 18.34
N GLN A 175 22.67 41.21 18.83
CA GLN A 175 22.09 42.26 18.02
C GLN A 175 23.13 43.35 17.77
N GLN A 176 23.95 43.57 18.78
CA GLN A 176 25.01 44.57 18.73
C GLN A 176 25.99 44.24 17.60
N LEU A 177 26.50 43.02 17.65
CA LEU A 177 27.44 42.53 16.66
C LEU A 177 26.95 42.58 15.21
N ILE A 178 25.63 42.45 15.05
CA ILE A 178 25.02 42.48 13.73
C ILE A 178 24.83 43.91 13.25
N ASP A 179 24.35 44.77 14.13
CA ASP A 179 24.14 46.17 13.77
C ASP A 179 25.48 46.85 13.48
N ASP A 180 26.55 46.33 14.08
CA ASP A 180 27.88 46.87 13.88
C ASP A 180 28.69 46.17 12.77
N HIS A 181 27.98 45.42 11.93
CA HIS A 181 28.59 44.74 10.78
C HIS A 181 29.67 43.69 11.04
N PHE A 182 29.66 43.07 12.22
CA PHE A 182 30.66 42.05 12.53
C PHE A 182 30.11 40.63 12.43
N LEU A 183 28.98 40.41 13.10
CA LEU A 183 28.32 39.09 13.12
C LEU A 183 27.24 38.92 12.06
N PHE A 184 27.05 37.67 11.62
CA PHE A 184 26.06 37.35 10.59
C PHE A 184 24.60 37.36 11.04
N ASP A 185 23.72 37.61 10.07
CA ASP A 185 22.27 37.63 10.28
C ASP A 185 21.88 36.27 10.83
N ARG A 186 20.85 36.22 11.67
CA ARG A 186 20.35 34.93 12.17
C ARG A 186 19.63 34.34 10.95
N PRO A 187 19.88 33.05 10.63
CA PRO A 187 19.29 32.31 9.49
C PRO A 187 17.77 32.11 9.45
N VAL A 188 17.04 33.15 9.07
CA VAL A 188 15.59 33.02 8.95
C VAL A 188 15.14 33.43 7.56
N SER A 189 16.09 33.63 6.64
CA SER A 189 15.73 33.99 5.27
C SER A 189 15.30 32.72 4.54
N ARG A 190 14.49 32.85 3.51
CA ARG A 190 14.00 31.68 2.77
C ARG A 190 15.14 30.86 2.16
N HIS A 191 16.23 31.54 1.82
CA HIS A 191 17.41 30.91 1.24
C HIS A 191 18.00 29.86 2.20
N PHE A 192 18.13 30.23 3.47
CA PHE A 192 18.67 29.34 4.50
C PHE A 192 17.71 28.25 4.95
N THR A 193 16.41 28.53 4.93
CA THR A 193 15.41 27.56 5.36
C THR A 193 14.92 26.57 4.31
N SER A 194 15.08 26.89 3.04
CA SER A 194 14.65 25.97 1.99
C SER A 194 15.83 25.06 1.60
N GLY A 195 17.04 25.45 1.98
CA GLY A 195 18.18 24.64 1.64
C GLY A 195 18.70 23.69 2.73
N GLY A 196 18.04 23.68 3.89
CA GLY A 196 18.46 22.85 4.99
C GLY A 196 19.67 23.38 5.77
N ALA A 198 19.60 25.89 8.12
CA ALA A 198 19.27 26.44 9.43
C ALA A 198 18.98 25.39 10.51
N ARG A 199 19.33 24.15 10.24
CA ARG A 199 19.08 23.07 11.21
C ARG A 199 19.96 23.18 12.44
N ASP A 200 19.37 22.83 13.59
CA ASP A 200 20.07 22.83 14.89
C ASP A 200 20.57 24.17 15.39
N PHE A 201 20.30 25.23 14.64
CA PHE A 201 20.76 26.54 15.02
C PHE A 201 20.15 26.92 16.39
N PRO A 202 21.01 27.46 17.27
CA PRO A 202 22.36 27.93 16.95
C PRO A 202 23.48 26.93 17.42
N ASP A 203 23.18 25.63 17.44
CA ASP A 203 24.19 24.68 17.89
C ASP A 203 25.33 24.61 16.84
N GLY A 204 26.55 24.79 17.30
CA GLY A 204 27.69 24.73 16.41
C GLY A 204 28.14 26.00 15.72
N ARG A 205 27.41 27.09 15.90
CA ARG A 205 27.82 28.36 15.27
C ARG A 205 28.42 29.31 16.28
N GLY A 206 29.24 30.23 15.79
CA GLY A 206 29.87 31.21 16.64
C GLY A 206 30.70 32.21 15.85
N ILE A 207 31.14 33.26 16.53
CA ILE A 207 31.94 34.27 15.88
C ILE A 207 33.25 34.41 16.66
N TRP A 208 34.36 34.39 15.93
CA TRP A 208 35.69 34.52 16.52
C TRP A 208 36.26 35.80 16.00
N HIS A 209 36.83 36.61 16.88
CA HIS A 209 37.44 37.88 16.50
C HIS A 209 38.56 38.28 17.47
N ASN A 210 39.60 38.92 16.95
CA ASN A 210 40.72 39.37 17.76
C ASN A 210 40.22 40.58 18.56
N ASP A 211 40.91 40.93 19.64
CA ASP A 211 40.49 42.05 20.48
C ASP A 211 40.30 43.32 19.68
N LYS A 212 41.00 43.42 18.55
CA LYS A 212 40.92 44.61 17.71
C LYS A 212 39.66 44.63 16.87
N LYS A 213 39.30 43.47 16.33
CA LYS A 213 38.12 43.32 15.50
C LYS A 213 38.27 43.70 14.03
N ASN A 214 39.49 43.63 13.53
CA ASN A 214 39.71 43.88 12.12
C ASN A 214 39.94 42.52 11.48
N PHE A 215 39.91 41.49 12.32
CA PHE A 215 40.05 40.11 11.87
C PHE A 215 39.07 39.16 12.56
N LEU A 216 38.18 38.56 11.78
CA LEU A 216 37.20 37.67 12.33
C LEU A 216 36.76 36.57 11.40
N VAL A 217 36.14 35.52 11.95
CA VAL A 217 35.66 34.43 11.12
C VAL A 217 34.37 33.84 11.72
N TRP A 218 33.36 33.68 10.87
CA TRP A 218 32.06 33.12 11.21
C TRP A 218 32.20 31.61 11.14
N ILE A 219 31.68 30.90 12.14
CA ILE A 219 31.79 29.46 12.11
C ILE A 219 30.44 28.77 11.90
N ASN A 220 30.37 27.96 10.83
CA ASN A 220 29.18 27.20 10.46
C ASN A 220 27.90 27.94 10.11
N GLU A 221 28.00 28.89 9.17
CA GLU A 221 26.85 29.64 8.70
C GLU A 221 26.59 29.01 7.33
N GLU A 222 26.80 29.78 6.27
CA GLU A 222 26.60 29.25 4.93
C GLU A 222 27.71 28.25 4.65
N ASP A 223 28.94 28.65 4.97
CA ASP A 223 30.12 27.81 4.80
C ASP A 223 30.75 27.49 6.16
N HIS A 224 31.52 26.41 6.23
CA HIS A 224 32.14 26.02 7.49
C HIS A 224 32.74 27.25 8.16
N THR A 225 33.50 28.03 7.40
CA THR A 225 34.08 29.25 7.91
C THR A 225 33.95 30.37 6.91
N ARG A 226 33.95 31.59 7.44
CA ARG A 226 33.88 32.82 6.68
C ARG A 226 34.96 33.66 7.30
N ILE A 227 36.08 33.82 6.60
CA ILE A 227 37.20 34.58 7.13
C ILE A 227 37.15 36.03 6.62
N ILE A 228 37.09 36.93 7.60
CA ILE A 228 36.93 38.35 7.36
C ILE A 228 38.01 39.25 7.89
N SER A 229 38.33 40.27 7.09
CA SER A 229 39.29 41.28 7.44
C SER A 229 38.58 42.58 7.13
N GLN A 231 38.30 47.06 8.42
CA GLN A 231 38.73 48.21 9.22
C GLN A 231 38.11 49.49 8.69
N GLY A 233 38.14 53.12 7.01
CA GLY A 233 39.04 53.70 6.04
C GLY A 233 39.16 52.98 4.72
N GLY A 234 40.01 53.53 3.85
CA GLY A 234 40.18 52.94 2.54
C GLY A 234 41.49 52.25 2.24
N ASN A 235 42.22 51.83 3.27
CA ASN A 235 43.49 51.14 3.02
C ASN A 235 43.25 49.64 2.75
N LYS A 237 44.73 47.44 0.65
CA LYS A 237 45.92 46.59 0.55
C LYS A 237 46.31 46.05 1.92
N GLU A 238 46.04 46.85 2.94
CA GLU A 238 46.36 46.50 4.31
C GLU A 238 45.31 45.56 4.88
N VAL A 239 44.08 45.69 4.41
CA VAL A 239 43.01 44.82 4.85
C VAL A 239 43.34 43.44 4.34
N PHE A 240 43.71 43.38 3.07
CA PHE A 240 44.05 42.14 2.38
C PHE A 240 45.27 41.44 2.96
N GLU A 241 46.23 42.23 3.41
CA GLU A 241 47.47 41.71 3.97
C GLU A 241 47.20 40.90 5.24
N ARG A 242 46.44 41.49 6.16
CA ARG A 242 46.06 40.86 7.44
C ARG A 242 45.17 39.64 7.16
N PHE A 243 44.41 39.75 6.08
CA PHE A 243 43.51 38.71 5.62
C PHE A 243 44.26 37.47 5.14
N THR A 244 45.28 37.66 4.30
CA THR A 244 46.05 36.51 3.84
C THR A 244 46.94 35.90 4.92
N ARG A 245 47.24 36.66 5.95
CA ARG A 245 48.08 36.12 7.04
C ARG A 245 47.28 35.16 7.91
N GLY A 246 46.15 35.62 8.43
CA GLY A 246 45.33 34.77 9.28
C GLY A 246 44.88 33.55 8.52
N LEU A 247 44.63 33.73 7.23
CA LEU A 247 44.20 32.65 6.35
C LEU A 247 45.25 31.55 6.24
N THR A 248 46.50 31.97 6.07
CA THR A 248 47.63 31.04 5.95
C THR A 248 47.82 30.25 7.23
N GLU A 249 47.89 30.99 8.32
CA GLU A 249 48.12 30.47 9.66
C GLU A 249 47.01 29.57 10.18
N VAL A 250 45.77 29.94 9.91
CA VAL A 250 44.61 29.17 10.34
C VAL A 250 44.61 27.82 9.64
N GLU A 251 45.08 27.83 8.39
CA GLU A 251 45.17 26.63 7.57
C GLU A 251 46.37 25.75 7.96
N LYS A 252 47.42 26.37 8.46
CA LYS A 252 48.59 25.60 8.88
C LYS A 252 48.25 24.87 10.17
N HIS A 253 47.57 25.54 11.09
CA HIS A 253 47.20 24.95 12.37
C HIS A 253 46.24 23.77 12.25
N ILE A 254 45.23 23.95 11.41
CA ILE A 254 44.27 22.89 11.19
C ILE A 254 45.00 21.65 10.67
N LYS A 255 45.90 21.87 9.71
CA LYS A 255 46.67 20.78 9.11
C LYS A 255 47.57 20.08 10.16
N ASP A 256 48.36 20.89 10.87
CA ASP A 256 49.29 20.37 11.88
C ASP A 256 48.59 19.57 13.00
N LYS A 257 47.44 20.06 13.42
CA LYS A 257 46.70 19.45 14.52
C LYS A 257 45.75 18.31 14.19
N THR A 258 45.15 18.35 13.00
CA THR A 258 44.19 17.32 12.62
C THR A 258 44.50 16.72 11.25
N GLY A 259 45.42 17.37 10.53
CA GLY A 259 45.80 16.90 9.21
C GLY A 259 44.76 17.18 8.14
N LYS A 260 43.77 18.02 8.47
CA LYS A 260 42.72 18.36 7.53
C LYS A 260 43.07 19.61 6.74
N GLU A 261 42.44 19.78 5.57
CA GLU A 261 42.69 20.93 4.70
C GLU A 261 41.37 21.45 4.15
N PHE A 262 41.45 22.52 3.37
CA PHE A 262 40.28 23.13 2.73
C PHE A 262 39.91 22.39 1.43
N LYS A 264 39.47 22.00 -2.22
CA LYS A 264 39.97 22.78 -3.34
C LYS A 264 40.37 21.79 -4.41
N ASN A 265 39.95 22.02 -5.65
CA ASN A 265 40.37 21.19 -6.75
C ASN A 265 40.84 22.14 -7.85
N ASP A 266 41.40 21.60 -8.92
CA ASP A 266 41.93 22.43 -10.00
C ASP A 266 40.93 23.21 -10.86
N HIS A 267 39.76 22.63 -11.05
CA HIS A 267 38.72 23.24 -11.85
C HIS A 267 37.93 24.34 -11.17
N LEU A 268 37.52 24.09 -9.93
CA LEU A 268 36.72 25.05 -9.20
C LEU A 268 37.38 25.98 -8.23
N GLY A 269 38.62 25.69 -7.86
CA GLY A 269 39.28 26.53 -6.88
C GLY A 269 38.67 26.10 -5.57
N PHE A 270 38.44 27.04 -4.65
CA PHE A 270 37.85 26.64 -3.38
C PHE A 270 36.36 26.25 -3.56
N VAL A 271 35.98 25.15 -2.92
CA VAL A 271 34.62 24.67 -3.03
C VAL A 271 33.74 25.25 -1.93
N LEU A 272 32.73 26.02 -2.34
CA LEU A 272 31.80 26.65 -1.42
C LEU A 272 30.42 26.05 -1.61
N THR A 273 29.55 26.23 -0.63
CA THR A 273 28.19 25.69 -0.68
C THR A 273 27.37 26.25 -1.84
N CYS A 274 27.20 27.56 -1.89
CA CYS A 274 26.47 28.16 -2.97
C CYS A 274 27.45 28.29 -4.11
N PRO A 275 27.06 27.86 -5.32
CA PRO A 275 27.96 27.94 -6.47
C PRO A 275 28.21 29.36 -6.97
N SER A 276 27.57 30.34 -6.35
CA SER A 276 27.76 31.74 -6.73
C SER A 276 29.12 32.15 -6.18
N ASN A 277 29.61 31.43 -5.18
CA ASN A 277 30.88 31.74 -4.52
C ASN A 277 32.10 30.89 -4.84
N LEU A 278 32.10 30.17 -5.96
CA LEU A 278 33.24 29.32 -6.33
C LEU A 278 34.47 30.10 -6.79
N GLY A 279 35.62 29.43 -6.80
CA GLY A 279 36.86 30.07 -7.22
C GLY A 279 37.67 30.64 -6.07
N THR A 280 37.41 31.90 -5.76
CA THR A 280 38.08 32.58 -4.67
C THR A 280 37.21 32.58 -3.43
N GLY A 281 35.90 32.75 -3.64
CA GLY A 281 34.93 32.84 -2.56
C GLY A 281 35.11 34.21 -1.93
N VAL A 282 35.63 35.16 -2.72
CA VAL A 282 35.91 36.49 -2.21
C VAL A 282 34.93 37.60 -2.54
N ARG A 283 34.63 38.41 -1.54
CA ARG A 283 33.77 39.57 -1.72
C ARG A 283 34.54 40.73 -1.08
N CYS A 284 35.18 41.52 -1.93
CA CYS A 284 35.97 42.67 -1.53
C CYS A 284 35.00 43.83 -1.61
N SER A 285 34.72 44.46 -0.47
CA SER A 285 33.76 45.55 -0.45
C SER A 285 34.15 46.74 0.41
N VAL A 286 33.46 47.85 0.14
CA VAL A 286 33.61 49.11 0.85
C VAL A 286 32.22 49.66 1.04
N HIS A 287 32.04 50.49 2.06
CA HIS A 287 30.75 51.13 2.30
C HIS A 287 31.11 52.56 1.92
N ALA A 288 30.70 52.96 0.72
CA ALA A 288 31.02 54.28 0.23
C ALA A 288 29.87 55.27 0.26
N LYS A 289 30.19 56.55 0.44
CA LYS A 289 29.19 57.63 0.46
C LYS A 289 29.11 58.22 -0.95
N LEU A 290 28.10 57.84 -1.70
CA LEU A 290 27.96 58.30 -3.06
C LEU A 290 26.53 58.78 -3.31
N PRO A 291 26.14 59.91 -2.71
CA PRO A 291 24.76 60.36 -2.94
C PRO A 291 24.50 60.95 -4.32
N HIS A 292 25.52 61.53 -4.95
CA HIS A 292 25.35 62.14 -6.28
C HIS A 292 25.31 61.06 -7.36
N ALA A 294 24.11 58.08 -6.88
CA ALA A 294 22.82 57.42 -6.70
C ALA A 294 21.72 58.05 -7.56
N LYS A 295 21.84 59.35 -7.83
CA LYS A 295 20.87 60.10 -8.62
C LYS A 295 21.10 59.92 -10.12
N ASP A 296 22.31 59.47 -10.48
CA ASP A 296 22.69 59.25 -11.87
C ASP A 296 22.08 57.92 -12.31
N LYS A 297 21.32 57.90 -13.40
CA LYS A 297 20.74 56.65 -13.88
C LYS A 297 21.76 55.70 -14.51
N ARG A 298 22.99 56.18 -14.65
CA ARG A 298 24.07 55.39 -15.21
C ARG A 298 24.84 54.62 -14.14
N PHE A 299 24.50 54.85 -12.87
CA PHE A 299 25.17 54.20 -11.74
C PHE A 299 25.39 52.69 -11.88
N GLU A 300 24.30 51.96 -12.11
CA GLU A 300 24.34 50.52 -12.29
C GLU A 300 25.18 50.06 -13.49
N GLU A 301 24.97 50.72 -14.63
CA GLU A 301 25.70 50.39 -15.86
C GLU A 301 27.20 50.60 -15.65
N ILE A 302 27.54 51.71 -15.02
CA ILE A 302 28.93 52.02 -14.74
C ILE A 302 29.56 51.02 -13.77
N CYS A 303 28.82 50.58 -12.77
CA CYS A 303 29.33 49.60 -11.82
C CYS A 303 29.61 48.29 -12.55
N THR A 304 28.59 47.79 -13.23
CA THR A 304 28.67 46.54 -14.00
C THR A 304 29.84 46.57 -14.98
N LYS A 305 30.10 47.73 -15.54
CA LYS A 305 31.20 47.93 -16.48
C LYS A 305 32.55 47.70 -15.82
N ARG A 307 33.01 45.88 -13.49
CA ARG A 307 32.86 44.61 -12.83
C ARG A 307 32.54 44.72 -11.35
N LEU A 308 31.63 45.62 -11.02
CA LEU A 308 31.24 45.82 -9.63
C LEU A 308 29.74 45.68 -9.41
N GLN A 309 29.38 45.22 -8.22
CA GLN A 309 27.99 45.06 -7.84
C GLN A 309 27.73 46.10 -6.77
N LYS A 310 26.55 46.70 -6.78
CA LYS A 310 26.25 47.68 -5.76
C LYS A 310 24.92 47.27 -5.13
N ARG A 311 24.86 47.39 -3.81
CA ARG A 311 23.67 47.10 -3.03
C ARG A 311 23.65 48.15 -1.94
N GLY A 312 22.55 48.89 -1.89
CA GLY A 312 22.42 49.95 -0.91
C GLY A 312 21.99 49.47 0.45
N THR A 313 20.96 50.15 0.98
CA THR A 313 20.39 49.84 2.29
C THR A 313 19.08 49.06 2.08
N GLY A 322 20.78 57.24 2.72
CA GLY A 322 21.67 58.39 2.72
C GLY A 322 22.64 58.31 1.54
N GLY A 323 22.28 57.50 0.55
CA GLY A 323 23.15 57.35 -0.60
C GLY A 323 24.39 56.54 -0.28
N VAL A 324 24.34 55.77 0.80
CA VAL A 324 25.44 54.91 1.22
C VAL A 324 25.34 53.54 0.56
N TYR A 325 26.38 53.16 -0.19
CA TYR A 325 26.40 51.88 -0.92
C TYR A 325 27.53 50.90 -0.60
N ASP A 326 27.22 49.61 -0.76
CA ASP A 326 28.19 48.54 -0.56
C ASP A 326 28.66 48.30 -1.99
N ILE A 327 29.94 48.53 -2.25
CA ILE A 327 30.46 48.31 -3.59
C ILE A 327 31.43 47.15 -3.51
N SER A 328 31.14 46.07 -4.23
CA SER A 328 31.97 44.88 -4.21
C SER A 328 32.26 44.38 -5.61
N ASN A 329 33.17 43.42 -5.70
CA ASN A 329 33.56 42.82 -6.97
C ASN A 329 32.51 41.85 -7.49
N LEU A 330 32.18 41.96 -8.77
CA LEU A 330 31.20 41.07 -9.39
C LEU A 330 31.70 39.64 -9.56
N ASP A 331 32.93 39.53 -10.06
CA ASP A 331 33.58 38.25 -10.34
C ASP A 331 34.17 37.50 -9.15
N ARG A 332 34.06 36.18 -9.24
CA ARG A 332 34.54 35.24 -8.23
C ARG A 332 35.39 34.13 -8.83
N LEU A 333 34.82 33.46 -9.83
CA LEU A 333 35.42 32.31 -10.51
C LEU A 333 36.06 32.67 -11.85
N GLY A 334 37.26 32.13 -12.12
CA GLY A 334 37.93 32.41 -13.38
C GLY A 334 38.99 33.50 -13.31
N SER A 335 39.04 34.21 -12.19
CA SER A 335 40.04 35.27 -11.98
C SER A 335 40.44 35.20 -10.51
N SER A 336 41.65 35.63 -10.21
CA SER A 336 42.20 35.57 -8.86
C SER A 336 41.80 36.59 -7.80
N GLU A 337 42.25 36.33 -6.58
CA GLU A 337 42.00 37.19 -5.44
C GLU A 337 42.64 38.55 -5.63
N VAL A 338 43.89 38.58 -6.11
CA VAL A 338 44.58 39.84 -6.36
C VAL A 338 43.82 40.66 -7.43
N GLU A 339 43.33 39.97 -8.46
CA GLU A 339 42.58 40.63 -9.54
C GLU A 339 41.26 41.25 -9.09
N GLN A 340 40.54 40.54 -8.23
CA GLN A 340 39.25 41.03 -7.75
C GLN A 340 39.39 42.20 -6.82
N VAL A 341 40.25 42.08 -5.82
CA VAL A 341 40.48 43.18 -4.88
C VAL A 341 40.96 44.42 -5.64
N ASN A 342 41.92 44.24 -6.54
CA ASN A 342 42.45 45.36 -7.36
C ASN A 342 41.35 45.96 -8.26
N CYS A 343 40.41 45.13 -8.65
CA CYS A 343 39.31 45.57 -9.49
C CYS A 343 38.40 46.53 -8.72
N VAL A 344 38.30 46.29 -7.43
CA VAL A 344 37.48 47.10 -6.53
C VAL A 344 38.17 48.41 -6.12
N ILE A 345 39.48 48.32 -5.91
CA ILE A 345 40.29 49.48 -5.53
C ILE A 345 40.26 50.47 -6.68
N LYS A 346 40.51 49.94 -7.87
CA LYS A 346 40.52 50.70 -9.11
C LYS A 346 39.15 51.30 -9.46
N GLY A 347 38.09 50.54 -9.24
CA GLY A 347 36.75 51.02 -9.57
C GLY A 347 36.14 52.01 -8.59
N VAL A 348 36.37 51.77 -7.31
CA VAL A 348 35.87 52.66 -6.28
C VAL A 348 36.57 54.01 -6.39
N LYS A 349 37.75 53.98 -6.99
CA LYS A 349 38.55 55.19 -7.19
C LYS A 349 37.89 56.08 -8.23
N VAL A 350 37.42 55.46 -9.30
CA VAL A 350 36.75 56.21 -10.35
C VAL A 350 35.45 56.74 -9.76
N LEU A 351 34.76 55.89 -8.99
CA LEU A 351 33.52 56.28 -8.35
C LEU A 351 33.70 57.47 -7.42
N ILE A 352 34.81 57.52 -6.73
CA ILE A 352 35.07 58.62 -5.83
C ILE A 352 35.33 59.88 -6.64
N GLU A 353 36.07 59.75 -7.74
CA GLU A 353 36.38 60.89 -8.57
C GLU A 353 35.15 61.49 -9.24
N GLU A 355 32.14 61.24 -8.10
CA GLU A 355 31.38 61.84 -7.00
C GLU A 355 31.89 63.23 -6.64
N LYS A 356 33.18 63.43 -6.76
CA LYS A 356 33.72 64.74 -6.42
C LYS A 356 33.36 65.77 -7.48
N LYS A 357 33.11 65.30 -8.70
CA LYS A 357 32.72 66.15 -9.82
C LYS A 357 31.30 66.64 -9.62
N LEU A 358 30.41 65.68 -9.56
CA LEU A 358 29.00 65.93 -9.38
C LEU A 358 28.74 66.88 -8.22
N GLU A 359 29.58 66.82 -7.19
CA GLU A 359 29.45 67.72 -6.04
C GLU A 359 29.67 69.15 -6.49
N LYS A 360 30.57 69.32 -7.45
CA LYS A 360 30.88 70.64 -8.00
C LYS A 360 30.00 70.99 -9.19
N GLY A 361 29.14 70.07 -9.57
CA GLY A 361 28.28 70.29 -10.72
C GLY A 361 29.15 70.31 -11.97
N GLU A 362 30.10 69.39 -12.03
CA GLU A 362 31.02 69.27 -13.16
C GLU A 362 30.70 67.98 -13.90
N SER A 363 31.29 67.82 -15.07
CA SER A 363 31.06 66.66 -15.92
C SER A 363 31.83 65.40 -15.50
N ILE A 364 31.21 64.24 -15.72
CA ILE A 364 31.89 62.99 -15.44
C ILE A 364 31.81 62.11 -16.68
N ASP A 365 31.30 62.69 -17.77
CA ASP A 365 31.14 61.97 -19.03
C ASP A 365 32.45 61.34 -19.54
N ASP A 366 33.54 62.06 -19.40
CA ASP A 366 34.85 61.59 -19.82
C ASP A 366 35.44 60.59 -18.85
N LEU A 367 34.82 60.45 -17.69
CA LEU A 367 35.28 59.48 -16.69
C LEU A 367 34.66 58.11 -16.93
N VAL A 368 33.52 58.09 -17.62
CA VAL A 368 32.81 56.83 -17.89
C VAL A 368 33.63 55.84 -18.73
N PRO A 369 33.84 54.64 -18.19
CA PRO A 369 34.61 53.57 -18.86
C PRO A 369 34.13 53.29 -20.29
N LYS A 370 35.05 53.25 -21.26
CA LYS A 370 34.71 53.02 -22.67
C LYS A 370 35.64 52.06 -23.43
N ALA B 2 19.52 9.81 4.64
CA ALA B 2 20.28 10.22 5.87
C ALA B 2 21.69 10.64 5.49
N ASN B 3 22.37 11.35 6.38
CA ASN B 3 23.76 11.78 6.16
C ASN B 3 24.58 10.55 6.53
N LEU B 4 25.30 9.97 5.57
CA LEU B 4 26.11 8.76 5.82
C LEU B 4 27.43 8.93 6.60
N ASN B 5 27.86 10.17 6.81
CA ASN B 5 29.09 10.43 7.58
C ASN B 5 28.75 10.35 9.07
N GLN B 6 27.51 10.67 9.40
CA GLN B 6 27.03 10.69 10.77
C GLN B 6 27.40 9.49 11.65
N LYS B 7 27.21 8.29 11.12
CA LYS B 7 27.48 7.05 11.83
C LYS B 7 28.95 6.73 12.13
N LYS B 8 29.89 7.51 11.57
CA LYS B 8 31.31 7.30 11.82
C LYS B 8 31.68 8.05 13.09
N TYR B 9 30.71 8.83 13.56
CA TYR B 9 30.90 9.63 14.75
C TYR B 9 30.20 9.00 15.93
N PRO B 10 30.71 9.30 17.13
CA PRO B 10 30.12 8.78 18.36
C PRO B 10 28.76 9.47 18.52
N ALA B 11 27.76 8.74 19.00
CA ALA B 11 26.41 9.30 19.19
C ALA B 11 26.49 10.53 20.07
N LYS B 12 27.30 10.40 21.11
CA LYS B 12 27.58 11.44 22.10
C LYS B 12 27.78 12.81 21.43
N ASP B 13 28.51 12.84 20.32
CA ASP B 13 28.80 14.09 19.60
C ASP B 13 27.60 14.62 18.82
N ASP B 14 26.62 13.76 18.58
CA ASP B 14 25.42 14.14 17.84
C ASP B 14 24.25 14.45 18.77
N PHE B 15 24.36 14.08 20.06
CA PHE B 15 23.30 14.31 21.04
C PHE B 15 23.00 15.79 21.24
N PRO B 16 21.73 16.20 21.02
CA PRO B 16 21.29 17.59 21.16
C PRO B 16 21.52 18.15 22.55
N ASN B 17 21.74 19.46 22.63
CA ASN B 17 21.91 20.11 23.92
C ASN B 17 20.50 20.60 24.19
N PHE B 18 19.88 20.09 25.25
CA PHE B 18 18.52 20.48 25.56
C PHE B 18 18.40 21.61 26.59
N GLU B 19 19.47 22.38 26.74
CA GLU B 19 19.51 23.48 27.70
C GLU B 19 18.56 24.62 27.33
N GLY B 20 17.55 24.83 28.18
CA GLY B 20 16.57 25.87 27.93
C GLY B 20 15.30 25.29 27.33
N HIS B 21 15.42 24.08 26.80
CA HIS B 21 14.29 23.40 26.19
C HIS B 21 13.19 23.08 27.19
N LYS B 22 11.95 23.16 26.73
CA LYS B 22 10.78 22.88 27.55
C LYS B 22 9.81 22.00 26.76
N SER B 23 10.35 20.94 26.17
CA SER B 23 9.57 20.00 25.38
C SER B 23 9.61 18.61 26.00
N LEU B 24 8.71 17.73 25.56
CA LEU B 24 8.67 16.38 26.07
C LEU B 24 9.77 15.60 25.38
N LEU B 25 10.26 16.15 24.28
CA LEU B 25 11.35 15.55 23.53
C LEU B 25 12.58 15.59 24.42
N SER B 26 12.88 16.78 24.92
CA SER B 26 14.03 17.01 25.80
C SER B 26 13.95 16.25 27.12
N LYS B 27 12.74 16.02 27.61
CA LYS B 27 12.52 15.31 28.87
C LYS B 27 12.69 13.80 28.80
N TYR B 28 12.34 13.19 27.67
CA TYR B 28 12.41 11.73 27.52
C TYR B 28 13.55 11.16 26.69
N LEU B 29 14.10 11.93 25.77
CA LEU B 29 15.21 11.41 24.97
C LEU B 29 16.51 11.60 25.75
N THR B 30 17.02 10.51 26.31
CA THR B 30 18.25 10.56 27.08
C THR B 30 19.42 10.36 26.11
N ALA B 31 20.64 10.44 26.62
CA ALA B 31 21.81 10.24 25.81
C ALA B 31 21.89 8.79 25.35
N ASP B 32 21.50 7.86 26.22
CA ASP B 32 21.54 6.45 25.85
C ASP B 32 20.43 6.09 24.87
N TYR B 34 19.30 8.01 22.59
CA TYR B 34 19.72 8.61 21.33
C TYR B 34 20.84 7.79 20.68
N ALA B 35 21.76 7.32 21.50
CA ALA B 35 22.86 6.53 21.00
C ALA B 35 22.31 5.25 20.40
N LYS B 36 21.12 4.87 20.86
CA LYS B 36 20.47 3.64 20.42
C LYS B 36 19.71 3.70 19.11
N LEU B 37 19.10 4.83 18.81
CA LEU B 37 18.30 4.96 17.60
C LEU B 37 18.86 5.93 16.58
N ARG B 38 20.03 6.50 16.83
CA ARG B 38 20.54 7.48 15.90
C ARG B 38 20.75 7.00 14.47
N ASP B 39 21.25 5.80 14.31
CA ASP B 39 21.49 5.25 12.98
C ASP B 39 20.42 4.25 12.52
N VAL B 40 19.28 4.25 13.23
CA VAL B 40 18.18 3.36 12.91
C VAL B 40 17.08 4.13 12.19
N ALA B 41 16.80 3.76 10.95
CA ALA B 41 15.78 4.47 10.17
C ALA B 41 14.58 3.60 9.83
N THR B 42 13.51 4.24 9.39
CA THR B 42 12.29 3.54 9.02
C THR B 42 12.50 2.91 7.66
N PRO B 43 11.60 1.99 7.25
CA PRO B 43 11.77 1.35 5.94
C PRO B 43 11.78 2.34 4.78
N SER B 44 11.11 3.48 4.97
CA SER B 44 11.07 4.49 3.91
C SER B 44 12.29 5.41 3.98
N GLY B 45 13.10 5.26 5.02
CA GLY B 45 14.29 6.09 5.15
C GLY B 45 14.15 7.35 6.00
N TYR B 46 13.22 7.36 6.95
CA TYR B 46 13.04 8.53 7.82
C TYR B 46 13.97 8.39 9.02
N THR B 47 14.73 9.43 9.35
CA THR B 47 15.64 9.31 10.48
C THR B 47 15.14 9.91 11.78
N LEU B 48 15.90 9.65 12.83
CA LEU B 48 15.61 10.13 14.17
C LEU B 48 15.81 11.64 14.21
N ASP B 49 16.87 12.11 13.55
CA ASP B 49 17.17 13.54 13.49
C ASP B 49 16.01 14.31 12.84
N ARG B 50 15.56 13.83 11.68
CA ARG B 50 14.45 14.45 10.97
C ARG B 50 13.22 14.44 11.88
N ALA B 51 13.10 13.38 12.68
CA ALA B 51 11.97 13.23 13.61
C ALA B 51 11.98 14.24 14.77
N ILE B 52 13.16 14.57 15.27
CA ILE B 52 13.29 15.51 16.38
C ILE B 52 13.73 16.90 15.95
N GLN B 53 13.89 17.10 14.65
CA GLN B 53 14.32 18.40 14.13
C GLN B 53 13.41 19.51 14.61
N ASN B 54 12.13 19.23 14.65
CA ASN B 54 11.13 20.21 15.09
C ASN B 54 11.46 20.89 16.44
N GLY B 55 11.84 20.07 17.42
CA GLY B 55 12.15 20.60 18.73
C GLY B 55 13.58 21.05 18.97
N VAL B 56 14.55 20.37 18.35
CA VAL B 56 15.92 20.79 18.54
C VAL B 56 15.97 22.24 18.03
N ASP B 57 15.19 22.52 16.99
CA ASP B 57 15.14 23.86 16.40
C ASP B 57 14.32 24.88 17.19
N ASN B 58 13.39 24.42 18.02
CA ASN B 58 12.53 25.32 18.80
C ASN B 58 12.33 24.83 20.24
N PRO B 59 13.22 25.23 21.18
CA PRO B 59 13.09 24.79 22.57
C PRO B 59 11.81 25.04 23.32
N ASP B 60 10.93 25.89 22.79
CA ASP B 60 9.68 26.14 23.49
C ASP B 60 8.48 25.33 22.97
N PHE B 61 8.68 24.56 21.90
CA PHE B 61 7.59 23.74 21.38
C PHE B 61 7.38 22.66 22.42
N HIS B 62 6.13 22.42 22.77
CA HIS B 62 5.80 21.44 23.79
C HIS B 62 6.20 20.00 23.50
N LEU B 63 5.94 19.54 22.28
CA LEU B 63 6.28 18.17 21.91
C LEU B 63 7.62 18.14 21.20
N GLY B 64 7.74 18.87 20.10
CA GLY B 64 8.98 18.90 19.34
C GLY B 64 9.27 17.62 18.58
N LEU B 65 8.21 16.88 18.27
CA LEU B 65 8.31 15.60 17.55
C LEU B 65 7.31 15.55 16.38
N LEU B 66 7.79 15.12 15.22
CA LEU B 66 6.93 15.02 14.04
C LEU B 66 7.25 13.75 13.25
N ALA B 67 6.27 12.86 13.07
CA ALA B 67 6.49 11.61 12.34
C ALA B 67 6.49 11.82 10.82
N GLY B 68 7.28 11.01 10.12
CA GLY B 68 7.36 11.11 8.66
C GLY B 68 6.61 9.99 7.97
N ASP B 69 6.16 9.02 8.76
CA ASP B 69 5.40 7.86 8.31
C ASP B 69 4.91 7.12 9.54
N GLU B 70 4.08 6.12 9.32
CA GLU B 70 3.52 5.32 10.38
C GLU B 70 4.57 4.53 11.16
N GLU B 71 5.53 3.96 10.46
CA GLU B 71 6.58 3.17 11.10
C GLU B 71 7.42 3.99 12.07
N THR B 72 7.33 5.31 11.98
CA THR B 72 8.09 6.20 12.88
C THR B 72 7.68 5.98 14.35
N TYR B 73 6.40 5.67 14.56
CA TYR B 73 5.86 5.42 15.90
C TYR B 73 6.31 4.08 16.48
N THR B 74 6.67 3.13 15.63
CA THR B 74 7.14 1.83 16.09
C THR B 74 8.68 1.77 16.13
N VAL B 75 9.34 2.33 15.12
CA VAL B 75 10.81 2.34 15.06
C VAL B 75 11.41 3.18 16.18
N PHE B 76 10.73 4.25 16.53
CA PHE B 76 11.19 5.15 17.58
C PHE B 76 10.21 5.16 18.76
N ALA B 77 9.72 3.98 19.13
CA ALA B 77 8.78 3.83 20.23
C ALA B 77 9.35 4.24 21.58
N ASP B 78 10.63 3.99 21.78
CA ASP B 78 11.29 4.34 23.04
C ASP B 78 11.14 5.84 23.37
N LEU B 79 11.05 6.66 22.33
CA LEU B 79 10.88 8.09 22.50
C LEU B 79 9.42 8.54 22.40
N PHE B 80 8.71 7.99 21.43
CA PHE B 80 7.30 8.33 21.21
C PHE B 80 6.31 7.87 22.30
N ASP B 81 6.45 6.66 22.81
CA ASP B 81 5.52 6.17 23.83
C ASP B 81 5.42 7.03 25.11
N PRO B 82 6.56 7.33 25.76
CA PRO B 82 6.52 8.13 26.98
C PRO B 82 6.04 9.56 26.70
N VAL B 83 6.19 10.03 25.46
CA VAL B 83 5.74 11.37 25.04
C VAL B 83 4.24 11.34 24.80
N ILE B 84 3.79 10.26 24.19
CA ILE B 84 2.37 10.07 23.93
C ILE B 84 1.66 9.89 25.27
N GLU B 85 2.30 9.16 26.18
CA GLU B 85 1.70 8.91 27.50
C GLU B 85 1.47 10.18 28.32
N GLU B 86 2.48 11.03 28.42
CA GLU B 86 2.32 12.27 29.19
C GLU B 86 1.35 13.26 28.55
N TYR B 87 1.48 13.48 27.24
CA TYR B 87 0.59 14.40 26.56
C TYR B 87 -0.86 13.92 26.57
N HIS B 88 -1.06 12.64 26.29
CA HIS B 88 -2.41 12.10 26.24
C HIS B 88 -2.98 11.59 27.56
N ASN B 89 -2.54 12.23 28.63
CA ASN B 89 -2.98 11.96 29.98
C ASN B 89 -3.05 10.50 30.41
N GLY B 90 -1.92 9.83 30.29
CA GLY B 90 -1.84 8.45 30.69
C GLY B 90 -2.12 7.37 29.67
N PHE B 91 -2.04 7.67 28.38
CA PHE B 91 -2.29 6.62 27.41
C PHE B 91 -1.04 5.76 27.19
N LYS B 92 -1.08 4.50 27.65
CA LYS B 92 0.06 3.59 27.55
C LYS B 92 0.28 2.85 26.22
N LYS B 93 1.51 2.33 26.05
CA LYS B 93 1.92 1.58 24.86
C LYS B 93 1.15 0.26 24.81
N THR B 94 0.60 -0.17 25.94
CA THR B 94 -0.20 -1.39 25.96
C THR B 94 -1.68 -1.09 25.79
N ASP B 95 -2.05 0.18 25.91
CA ASP B 95 -3.44 0.59 25.72
C ASP B 95 -3.73 0.64 24.23
N ASN B 96 -4.98 0.38 23.84
CA ASN B 96 -5.34 0.43 22.43
C ASN B 96 -6.51 1.39 22.22
N HIS B 97 -6.48 2.12 21.12
CA HIS B 97 -7.51 3.09 20.84
C HIS B 97 -8.71 2.47 20.12
N LYS B 98 -9.89 3.05 20.37
CA LYS B 98 -11.13 2.61 19.75
C LYS B 98 -11.74 3.71 18.92
N THR B 99 -12.24 3.35 17.76
CA THR B 99 -12.86 4.29 16.86
C THR B 99 -14.34 4.01 16.88
N ASP B 100 -15.14 5.08 16.87
CA ASP B 100 -16.59 4.94 16.82
C ASP B 100 -17.11 6.20 16.16
N LEU B 101 -17.30 6.10 14.85
CA LEU B 101 -17.74 7.19 14.01
C LEU B 101 -19.21 7.09 13.64
N ASP B 102 -20.00 6.50 14.53
CA ASP B 102 -21.43 6.30 14.33
C ASP B 102 -22.24 7.55 14.69
N ALA B 103 -22.65 8.27 13.66
CA ALA B 103 -23.42 9.51 13.83
C ALA B 103 -24.74 9.37 14.60
N SER B 104 -25.33 8.19 14.57
CA SER B 104 -26.59 7.90 15.23
C SER B 104 -26.45 7.81 16.74
N LYS B 105 -25.21 7.71 17.21
CA LYS B 105 -24.93 7.60 18.64
C LYS B 105 -24.78 8.96 19.30
N ILE B 106 -24.75 9.99 18.45
CA ILE B 106 -24.59 11.37 18.90
C ILE B 106 -25.88 11.95 19.47
N LEU B 107 -25.79 12.59 20.62
CA LEU B 107 -26.92 13.20 21.29
C LEU B 107 -27.64 14.20 20.38
N ASP B 108 -28.97 14.17 20.38
CA ASP B 108 -29.73 15.07 19.53
C ASP B 108 -30.16 16.34 20.29
N ASP B 109 -29.45 16.66 21.38
CA ASP B 109 -29.76 17.87 22.15
C ASP B 109 -29.29 19.10 21.39
N VAL B 110 -30.21 20.03 21.14
CA VAL B 110 -29.88 21.26 20.42
C VAL B 110 -29.56 22.29 21.49
N LEU B 111 -28.29 22.65 21.56
CA LEU B 111 -27.81 23.61 22.53
C LEU B 111 -28.46 24.99 22.29
N ASP B 112 -28.87 25.62 23.38
CA ASP B 112 -29.49 26.95 23.37
C ASP B 112 -28.86 27.94 22.35
N PRO B 113 -29.65 28.38 21.35
CA PRO B 113 -29.17 29.31 20.32
C PRO B 113 -28.77 30.64 20.91
N ALA B 114 -29.28 30.93 22.11
CA ALA B 114 -28.99 32.17 22.81
C ALA B 114 -27.56 32.19 23.36
N TYR B 115 -27.03 31.00 23.67
CA TYR B 115 -25.67 30.89 24.22
C TYR B 115 -24.62 30.32 23.25
N VAL B 116 -25.04 29.50 22.31
CA VAL B 116 -24.13 28.90 21.34
C VAL B 116 -24.20 29.64 20.02
N ILE B 117 -23.05 30.06 19.49
CA ILE B 117 -23.02 30.77 18.20
C ILE B 117 -22.74 29.81 17.04
N SER B 118 -21.64 29.05 17.14
CA SER B 118 -21.23 28.11 16.10
C SER B 118 -20.77 26.75 16.62
N SER B 119 -20.95 25.72 15.80
CA SER B 119 -20.56 24.35 16.13
C SER B 119 -19.52 23.90 15.12
N ARG B 120 -18.54 23.12 15.56
CA ARG B 120 -17.47 22.73 14.66
C ARG B 120 -16.86 21.36 14.96
N VAL B 121 -16.48 20.65 13.90
CA VAL B 121 -15.85 19.35 14.05
C VAL B 121 -14.72 19.28 13.03
N ARG B 122 -13.51 19.09 13.53
CA ARG B 122 -12.35 19.02 12.67
C ARG B 122 -11.51 17.80 13.01
N THR B 123 -11.01 17.15 11.96
CA THR B 123 -10.17 16.00 12.13
C THR B 123 -9.15 16.00 11.01
N GLY B 124 -8.18 15.10 11.11
CA GLY B 124 -7.16 14.99 10.08
C GLY B 124 -7.04 13.54 9.68
N ARG B 125 -6.75 13.29 8.41
CA ARG B 125 -6.58 11.92 7.90
C ARG B 125 -5.38 11.86 6.99
N ASN B 126 -4.67 10.74 7.05
CA ASN B 126 -3.50 10.51 6.21
C ASN B 126 -3.79 9.23 5.42
N ILE B 127 -3.06 9.03 4.32
CA ILE B 127 -3.25 7.85 3.49
C ILE B 127 -2.24 6.79 3.89
N ARG B 128 -2.73 5.58 4.08
CA ARG B 128 -1.91 4.44 4.50
C ARG B 128 -0.85 4.06 3.45
N GLY B 129 0.33 3.70 3.95
CA GLY B 129 1.41 3.27 3.07
C GLY B 129 2.18 4.36 2.35
N ALA B 131 4.30 8.17 2.85
CA ALA B 131 4.97 9.17 3.68
C ALA B 131 4.16 10.39 4.03
N LEU B 132 4.29 10.78 5.30
CA LEU B 132 3.65 11.95 5.83
C LEU B 132 4.38 13.18 5.29
N SER B 133 3.89 14.36 5.60
CA SER B 133 4.46 15.61 5.11
C SER B 133 5.92 15.92 5.41
N PRO B 134 6.41 15.53 6.61
CA PRO B 134 7.81 15.83 6.91
C PRO B 134 8.74 15.14 5.95
N HIS B 135 8.26 14.02 5.40
CA HIS B 135 9.02 13.14 4.54
C HIS B 135 8.51 12.90 3.10
N VAL B 136 7.28 13.31 2.82
CA VAL B 136 6.69 13.05 1.52
C VAL B 136 7.41 13.69 0.32
N CYS B 137 7.55 12.93 -0.76
CA CYS B 137 8.19 13.46 -1.95
C CYS B 137 7.12 14.08 -2.83
N ARG B 138 7.54 14.73 -3.91
CA ARG B 138 6.62 15.41 -4.83
C ARG B 138 5.62 14.49 -5.53
N SER B 139 6.07 13.32 -5.97
CA SER B 139 5.20 12.38 -6.65
C SER B 139 4.13 11.77 -5.75
N GLU B 140 4.47 11.52 -4.49
CA GLU B 140 3.51 10.95 -3.53
C GLU B 140 2.45 12.00 -3.22
N ARG B 141 2.92 13.21 -2.97
CA ARG B 141 2.04 14.33 -2.64
C ARG B 141 1.05 14.63 -3.75
N ARG B 142 1.52 14.64 -4.99
CA ARG B 142 0.62 14.88 -6.12
C ARG B 142 -0.46 13.81 -6.22
N ALA B 143 -0.03 12.56 -6.01
CA ALA B 143 -0.90 11.40 -6.05
C ALA B 143 -1.99 11.44 -5.00
N ILE B 144 -1.65 12.01 -3.85
CA ILE B 144 -2.58 12.17 -2.73
C ILE B 144 -3.62 13.21 -3.11
N GLU B 145 -3.12 14.37 -3.53
CA GLU B 145 -3.93 15.48 -4.01
C GLU B 145 -4.86 14.93 -5.11
N LYS B 146 -4.29 14.07 -5.94
CA LYS B 146 -4.97 13.43 -7.05
C LYS B 146 -6.17 12.55 -6.66
N VAL B 148 -7.53 12.37 -3.69
CA VAL B 148 -8.40 13.04 -2.75
C VAL B 148 -9.32 14.07 -3.41
N SER B 149 -8.80 14.87 -4.33
CA SER B 149 -9.64 15.85 -4.97
C SER B 149 -10.68 15.17 -5.85
N GLU B 150 -10.31 14.05 -6.47
CA GLU B 150 -11.25 13.29 -7.31
C GLU B 150 -12.40 12.73 -6.46
N ALA B 151 -12.10 12.26 -5.26
CA ALA B 151 -13.12 11.73 -4.36
C ALA B 151 -14.02 12.84 -3.84
N LEU B 152 -13.47 14.03 -3.62
CA LEU B 152 -14.25 15.16 -3.14
C LEU B 152 -15.13 15.66 -4.27
N ASN B 153 -14.58 15.61 -5.48
CA ASN B 153 -15.32 16.06 -6.65
C ASN B 153 -16.44 15.09 -7.04
N SER B 154 -16.41 13.88 -6.49
CA SER B 154 -17.46 12.92 -6.80
C SER B 154 -18.62 13.12 -5.84
N LEU B 155 -18.39 13.93 -4.81
CA LEU B 155 -19.43 14.22 -3.81
C LEU B 155 -20.64 14.93 -4.42
N ALA B 156 -21.84 14.61 -3.92
CA ALA B 156 -23.07 15.19 -4.47
C ALA B 156 -24.13 15.65 -3.48
N ALA B 157 -25.19 16.25 -4.01
CA ALA B 157 -26.30 16.79 -3.23
C ALA B 157 -25.79 17.92 -2.35
N ASP B 158 -25.93 17.77 -1.05
CA ASP B 158 -25.46 18.80 -0.12
C ASP B 158 -23.95 18.74 0.15
N LEU B 159 -23.26 17.76 -0.42
CA LEU B 159 -21.82 17.66 -0.23
C LEU B 159 -21.10 18.11 -1.51
N LYS B 160 -21.89 18.43 -2.52
CA LYS B 160 -21.42 18.89 -3.83
C LYS B 160 -20.59 20.17 -3.67
N GLY B 161 -19.44 20.23 -4.35
CA GLY B 161 -18.61 21.41 -4.21
C GLY B 161 -17.55 21.66 -5.26
N LYS B 162 -16.54 22.44 -4.89
CA LYS B 162 -15.49 22.79 -5.83
C LYS B 162 -14.08 22.73 -5.26
N TYR B 163 -13.16 22.22 -6.08
CA TYR B 163 -11.76 22.11 -5.70
C TYR B 163 -10.92 23.30 -6.19
N TYR B 164 -9.91 23.65 -5.40
CA TYR B 164 -9.02 24.77 -5.73
C TYR B 164 -7.57 24.40 -5.50
N SER B 165 -6.75 24.50 -6.55
CA SER B 165 -5.34 24.18 -6.43
C SER B 165 -4.67 25.47 -5.89
N LEU B 166 -3.82 25.36 -4.86
CA LEU B 166 -3.11 26.52 -4.32
C LEU B 166 -2.10 27.00 -5.36
N LYS B 168 -0.74 28.49 -8.76
CA LYS B 168 -1.21 29.39 -9.81
C LYS B 168 -2.67 29.82 -9.52
N ASP B 170 -5.28 32.82 -8.54
CA ASP B 170 -5.27 34.26 -8.72
C ASP B 170 -5.81 34.99 -7.50
N GLU B 171 -5.39 36.24 -7.36
CA GLU B 171 -5.77 37.11 -6.25
C GLU B 171 -7.26 37.21 -5.99
N LYS B 172 -8.07 37.04 -7.03
CA LYS B 172 -9.53 37.12 -6.92
C LYS B 172 -10.06 35.93 -6.14
N THR B 173 -9.49 34.77 -6.46
CA THR B 173 -9.87 33.53 -5.82
C THR B 173 -9.21 33.43 -4.46
N GLN B 174 -8.03 34.01 -4.35
CA GLN B 174 -7.32 33.98 -3.08
C GLN B 174 -8.08 34.85 -2.07
N GLN B 175 -8.57 36.00 -2.53
CA GLN B 175 -9.29 36.94 -1.69
C GLN B 175 -10.57 36.33 -1.18
N GLN B 176 -11.25 35.64 -2.07
CA GLN B 176 -12.52 34.97 -1.79
C GLN B 176 -12.40 33.97 -0.65
N LEU B 177 -11.48 33.03 -0.81
CA LEU B 177 -11.22 31.99 0.19
C LEU B 177 -10.78 32.55 1.54
N ILE B 178 -10.01 33.62 1.53
CA ILE B 178 -9.56 34.26 2.77
C ILE B 178 -10.74 34.96 3.45
N ASP B 179 -11.63 35.52 2.64
CA ASP B 179 -12.80 36.18 3.19
C ASP B 179 -13.69 35.12 3.88
N ASP B 180 -13.69 33.91 3.34
CA ASP B 180 -14.47 32.81 3.91
C ASP B 180 -13.68 32.08 5.02
N HIS B 181 -12.38 32.36 5.13
CA HIS B 181 -11.52 31.72 6.12
C HIS B 181 -11.20 30.28 5.70
N PHE B 182 -11.24 30.02 4.39
CA PHE B 182 -10.98 28.67 3.85
C PHE B 182 -9.51 28.48 3.45
N LEU B 183 -8.89 29.57 3.04
CA LEU B 183 -7.53 29.59 2.54
C LEU B 183 -6.40 29.42 3.56
N PHE B 184 -5.39 28.62 3.21
CA PHE B 184 -4.23 28.43 4.05
C PHE B 184 -3.14 28.66 3.03
N ASP B 185 -2.07 29.33 3.43
CA ASP B 185 -1.01 29.62 2.48
C ASP B 185 0.41 29.36 2.99
N ARG B 186 1.32 30.06 2.34
CA ARG B 186 2.75 30.01 2.59
C ARG B 186 3.10 29.60 4.03
N PRO B 187 3.63 28.38 4.20
CA PRO B 187 4.05 27.81 5.49
C PRO B 187 5.34 28.44 6.00
N VAL B 188 5.24 29.69 6.43
CA VAL B 188 6.39 30.43 6.93
C VAL B 188 6.74 30.10 8.38
N SER B 189 5.78 29.55 9.12
CA SER B 189 6.01 29.22 10.52
C SER B 189 7.13 28.18 10.67
N ARG B 190 7.96 28.34 11.70
CA ARG B 190 9.09 27.44 11.95
C ARG B 190 8.70 25.98 12.23
N HIS B 191 7.46 25.78 12.70
CA HIS B 191 6.97 24.44 12.97
C HIS B 191 6.97 23.69 11.64
N PHE B 192 6.67 24.42 10.57
CA PHE B 192 6.67 23.83 9.24
C PHE B 192 8.09 23.83 8.62
N THR B 193 8.79 24.96 8.66
CA THR B 193 10.13 25.02 8.07
C THR B 193 11.17 24.00 8.55
N SER B 194 11.37 23.89 9.86
CA SER B 194 12.33 22.92 10.36
C SER B 194 11.64 21.56 10.46
N GLY B 195 10.34 21.54 10.19
CA GLY B 195 9.60 20.30 10.24
C GLY B 195 9.73 19.61 8.89
N GLY B 196 10.22 20.34 7.89
CA GLY B 196 10.36 19.77 6.57
C GLY B 196 9.03 19.66 5.83
N ALA B 198 7.28 22.44 4.77
CA ALA B 198 7.10 23.57 3.86
C ALA B 198 7.69 23.32 2.48
N ARG B 199 8.23 22.14 2.25
CA ARG B 199 8.85 21.79 0.97
C ARG B 199 7.94 21.82 -0.26
N ASP B 200 8.49 22.33 -1.36
CA ASP B 200 7.79 22.39 -2.65
C ASP B 200 6.50 23.23 -2.71
N PHE B 201 6.20 23.97 -1.66
CA PHE B 201 5.00 24.79 -1.64
C PHE B 201 4.90 25.71 -2.86
N PRO B 202 3.72 25.77 -3.49
CA PRO B 202 2.51 25.04 -3.12
C PRO B 202 2.17 23.80 -3.95
N ASP B 203 3.19 23.11 -4.47
CA ASP B 203 2.96 21.92 -5.28
C ASP B 203 2.27 20.85 -4.43
N GLY B 204 1.14 20.35 -4.90
CA GLY B 204 0.41 19.33 -4.18
C GLY B 204 -0.61 19.82 -3.16
N ARG B 205 -0.56 21.11 -2.81
CA ARG B 205 -1.50 21.66 -1.85
C ARG B 205 -2.81 22.11 -2.48
N GLY B 206 -3.88 22.05 -1.71
CA GLY B 206 -5.16 22.48 -2.22
C GLY B 206 -6.27 22.52 -1.18
N ILE B 207 -7.34 23.23 -1.51
CA ILE B 207 -8.47 23.32 -0.60
C ILE B 207 -9.74 23.01 -1.37
N TRP B 208 -10.73 22.52 -0.64
CA TRP B 208 -11.99 22.13 -1.22
C TRP B 208 -13.10 22.50 -0.26
N HIS B 209 -14.22 22.99 -0.79
CA HIS B 209 -15.36 23.32 0.05
C HIS B 209 -16.62 23.08 -0.77
N ASN B 210 -17.69 22.64 -0.08
CA ASN B 210 -18.95 22.36 -0.76
C ASN B 210 -19.72 23.67 -1.01
N ASP B 211 -20.69 23.60 -1.91
CA ASP B 211 -21.48 24.78 -2.25
C ASP B 211 -22.20 25.45 -1.08
N LYS B 212 -22.58 24.68 -0.08
CA LYS B 212 -23.26 25.24 1.08
C LYS B 212 -22.26 25.77 2.11
N LYS B 213 -20.99 25.63 1.81
CA LYS B 213 -19.96 26.11 2.71
C LYS B 213 -20.03 25.64 4.17
N ASN B 214 -20.31 24.36 4.39
CA ASN B 214 -20.31 23.82 5.75
C ASN B 214 -19.40 22.61 5.82
N PHE B 215 -18.75 22.29 4.71
CA PHE B 215 -17.83 21.17 4.67
C PHE B 215 -16.54 21.67 4.00
N LEU B 216 -15.45 21.66 4.76
CA LEU B 216 -14.16 22.15 4.28
C LEU B 216 -13.02 21.13 4.38
N VAL B 217 -12.21 21.07 3.34
CA VAL B 217 -11.08 20.14 3.33
C VAL B 217 -9.80 20.80 2.85
N TRP B 218 -8.75 20.70 3.66
CA TRP B 218 -7.45 21.24 3.28
C TRP B 218 -6.66 20.05 2.78
N ILE B 219 -5.85 20.26 1.75
CA ILE B 219 -5.09 19.17 1.19
C ILE B 219 -3.56 19.32 1.22
N ASN B 220 -2.90 18.37 1.88
CA ASN B 220 -1.45 18.34 2.01
C ASN B 220 -0.79 19.50 2.79
N GLU B 221 -1.33 19.78 3.97
CA GLU B 221 -0.81 20.81 4.85
C GLU B 221 -0.04 19.97 5.88
N GLU B 222 -0.46 20.02 7.13
CA GLU B 222 0.24 19.23 8.14
C GLU B 222 -0.04 17.75 7.85
N ASP B 223 -1.31 17.40 7.61
CA ASP B 223 -1.68 16.03 7.29
C ASP B 223 -2.15 15.97 5.84
N HIS B 224 -2.32 14.76 5.31
CA HIS B 224 -2.73 14.60 3.92
C HIS B 224 -4.06 15.29 3.69
N THR B 225 -4.96 15.18 4.66
CA THR B 225 -6.25 15.84 4.58
C THR B 225 -6.63 16.41 5.93
N ARG B 226 -7.26 17.58 5.87
CA ARG B 226 -7.77 18.26 7.06
C ARG B 226 -9.26 18.47 6.73
N ILE B 227 -10.12 17.77 7.46
CA ILE B 227 -11.56 17.85 7.23
C ILE B 227 -12.25 18.64 8.33
N ILE B 228 -13.08 19.59 7.95
CA ILE B 228 -13.79 20.42 8.92
C ILE B 228 -15.25 20.56 8.50
N SER B 229 -16.14 20.49 9.48
CA SER B 229 -17.58 20.65 9.29
C SER B 229 -17.94 21.79 10.25
N GLN B 231 -20.94 25.24 11.15
CA GLN B 231 -22.15 26.00 10.89
C GLN B 231 -22.55 26.82 12.12
N GLY B 233 -25.04 28.28 15.09
CA GLY B 233 -26.01 27.70 15.98
C GLY B 233 -25.45 26.55 16.81
N GLY B 234 -26.31 25.79 17.46
CA GLY B 234 -25.83 24.71 18.28
C GLY B 234 -26.30 23.31 17.96
N ASN B 235 -26.45 22.99 16.66
CA ASN B 235 -26.88 21.65 16.30
C ASN B 235 -25.69 20.81 15.87
N LYS B 237 -25.01 17.70 16.39
CA LYS B 237 -25.45 16.43 15.82
C LYS B 237 -25.50 16.44 14.30
N GLU B 238 -26.03 17.53 13.74
CA GLU B 238 -26.16 17.72 12.31
C GLU B 238 -24.77 17.96 11.73
N VAL B 239 -23.96 18.69 12.50
CA VAL B 239 -22.60 18.99 12.08
C VAL B 239 -21.81 17.69 11.93
N PHE B 240 -21.95 16.80 12.90
CA PHE B 240 -21.26 15.51 12.92
C PHE B 240 -21.75 14.48 11.90
N GLU B 241 -23.02 14.57 11.57
CA GLU B 241 -23.63 13.67 10.61
C GLU B 241 -23.18 13.96 9.17
N ARG B 242 -22.92 15.23 8.87
CA ARG B 242 -22.45 15.63 7.54
C ARG B 242 -20.95 15.30 7.51
N PHE B 243 -20.30 15.54 8.65
CA PHE B 243 -18.87 15.26 8.84
C PHE B 243 -18.64 13.79 8.56
N THR B 244 -19.38 12.92 9.23
CA THR B 244 -19.23 11.48 9.01
C THR B 244 -19.59 10.99 7.61
N ARG B 245 -20.65 11.55 7.03
CA ARG B 245 -21.05 11.16 5.68
C ARG B 245 -19.99 11.49 4.64
N GLY B 246 -19.43 12.69 4.75
CA GLY B 246 -18.38 13.09 3.84
C GLY B 246 -17.16 12.21 3.91
N LEU B 247 -16.76 11.89 5.14
CA LEU B 247 -15.61 11.02 5.38
C LEU B 247 -15.83 9.63 4.77
N THR B 248 -17.02 9.08 5.01
CA THR B 248 -17.36 7.75 4.50
C THR B 248 -17.34 7.72 2.98
N GLU B 249 -18.01 8.67 2.34
CA GLU B 249 -18.06 8.71 0.88
C GLU B 249 -16.69 8.92 0.24
N VAL B 250 -15.83 9.71 0.88
CA VAL B 250 -14.49 9.99 0.37
C VAL B 250 -13.55 8.80 0.48
N GLU B 251 -13.57 8.12 1.63
CA GLU B 251 -12.70 6.96 1.84
C GLU B 251 -13.09 5.84 0.91
N LYS B 252 -14.39 5.76 0.67
CA LYS B 252 -14.97 4.75 -0.19
C LYS B 252 -14.60 5.00 -1.64
N HIS B 253 -14.55 6.26 -2.05
CA HIS B 253 -14.16 6.59 -3.41
C HIS B 253 -12.68 6.26 -3.61
N ILE B 254 -11.88 6.66 -2.64
CA ILE B 254 -10.43 6.40 -2.65
C ILE B 254 -10.16 4.90 -2.59
N LYS B 255 -10.83 4.21 -1.67
CA LYS B 255 -10.64 2.77 -1.52
C LYS B 255 -10.94 1.96 -2.77
N ASP B 256 -11.92 2.40 -3.53
CA ASP B 256 -12.34 1.70 -4.73
C ASP B 256 -11.63 2.13 -6.00
N LYS B 257 -11.23 3.38 -6.06
CA LYS B 257 -10.54 3.87 -7.26
C LYS B 257 -9.02 3.74 -7.21
N THR B 258 -8.44 3.65 -6.02
CA THR B 258 -6.99 3.51 -5.87
C THR B 258 -6.61 2.27 -5.07
N GLY B 259 -7.53 1.77 -4.27
CA GLY B 259 -7.27 0.59 -3.48
C GLY B 259 -6.82 0.89 -2.06
N LYS B 260 -6.40 2.13 -1.84
CA LYS B 260 -5.92 2.58 -0.55
C LYS B 260 -7.02 3.17 0.36
N GLU B 261 -6.70 3.25 1.65
CA GLU B 261 -7.59 3.81 2.67
C GLU B 261 -6.78 4.70 3.62
N PHE B 262 -7.32 4.99 4.79
CA PHE B 262 -6.65 5.85 5.78
C PHE B 262 -5.58 5.21 6.66
N LYS B 264 -3.96 3.93 9.61
CA LYS B 264 -4.70 3.58 10.80
C LYS B 264 -4.25 2.26 11.43
N ASN B 265 -4.16 2.19 12.76
CA ASN B 265 -3.81 0.96 13.47
C ASN B 265 -4.55 0.89 14.80
N ASP B 266 -4.58 -0.31 15.39
CA ASP B 266 -5.28 -0.56 16.66
C ASP B 266 -4.83 0.17 17.93
N HIS B 267 -3.54 0.36 18.09
CA HIS B 267 -2.99 1.05 19.25
C HIS B 267 -3.15 2.58 19.23
N LEU B 268 -2.98 3.18 18.06
CA LEU B 268 -3.05 4.63 17.89
C LEU B 268 -4.31 5.22 17.27
N GLY B 269 -5.09 4.40 16.60
CA GLY B 269 -6.25 4.93 15.93
C GLY B 269 -5.73 5.55 14.65
N PHE B 270 -6.23 6.72 14.27
CA PHE B 270 -5.75 7.36 13.05
C PHE B 270 -4.35 7.93 13.29
N VAL B 271 -3.43 7.65 12.36
CA VAL B 271 -2.06 8.14 12.52
C VAL B 271 -1.94 9.53 11.91
N LEU B 272 -1.52 10.48 12.73
CA LEU B 272 -1.35 11.87 12.31
C LEU B 272 0.10 12.25 12.41
N THR B 273 0.49 13.31 11.70
CA THR B 273 1.88 13.76 11.73
C THR B 273 2.34 14.14 13.15
N CYS B 274 1.65 15.08 13.80
CA CYS B 274 1.99 15.49 15.16
C CYS B 274 1.21 14.63 16.15
N PRO B 275 1.94 13.88 17.00
CA PRO B 275 1.30 12.99 17.97
C PRO B 275 0.25 13.58 18.92
N SER B 276 0.06 14.90 18.90
CA SER B 276 -0.95 15.54 19.74
C SER B 276 -2.36 15.31 19.19
N ASN B 277 -2.45 14.85 17.94
CA ASN B 277 -3.73 14.60 17.28
C ASN B 277 -4.01 13.13 16.96
N LEU B 278 -3.41 12.21 17.71
CA LEU B 278 -3.61 10.77 17.51
C LEU B 278 -4.97 10.26 17.99
N GLY B 279 -5.34 9.06 17.56
CA GLY B 279 -6.61 8.47 17.97
C GLY B 279 -7.76 8.94 17.11
N THR B 280 -8.49 9.93 17.59
CA THR B 280 -9.60 10.48 16.83
C THR B 280 -9.15 11.66 15.99
N GLY B 281 -8.16 12.39 16.49
CA GLY B 281 -7.66 13.55 15.78
C GLY B 281 -8.79 14.57 15.72
N VAL B 282 -9.83 14.32 16.50
CA VAL B 282 -11.03 15.16 16.56
C VAL B 282 -11.01 16.36 17.49
N ARG B 283 -11.46 17.50 16.96
CA ARG B 283 -11.59 18.72 17.75
C ARG B 283 -13.02 19.20 17.54
N CYS B 284 -13.84 18.87 18.52
CA CYS B 284 -15.25 19.25 18.50
C CYS B 284 -15.35 20.49 19.38
N SER B 285 -15.75 21.60 18.76
CA SER B 285 -15.84 22.86 19.47
C SER B 285 -17.11 23.65 19.21
N VAL B 286 -17.42 24.52 20.15
CA VAL B 286 -18.58 25.38 20.04
C VAL B 286 -18.23 26.73 20.63
N HIS B 287 -18.68 27.80 20.00
CA HIS B 287 -18.43 29.13 20.54
C HIS B 287 -19.62 29.41 21.46
N ALA B 288 -19.36 29.47 22.77
CA ALA B 288 -20.42 29.70 23.75
C ALA B 288 -20.25 31.04 24.47
N LYS B 289 -21.36 31.68 24.82
CA LYS B 289 -21.32 32.95 25.51
C LYS B 289 -21.56 32.75 27.01
N LEU B 290 -20.46 32.64 27.74
CA LEU B 290 -20.49 32.41 29.19
C LEU B 290 -19.70 33.50 29.90
N PRO B 291 -20.28 34.70 30.01
CA PRO B 291 -19.55 35.77 30.69
C PRO B 291 -19.46 35.66 32.20
N HIS B 292 -20.51 35.14 32.85
CA HIS B 292 -20.53 34.99 34.30
C HIS B 292 -19.66 33.82 34.78
N ALA B 294 -16.75 33.10 33.22
CA ALA B 294 -15.40 33.62 33.11
C ALA B 294 -14.88 34.23 34.43
N LYS B 295 -15.76 34.88 35.19
CA LYS B 295 -15.39 35.50 36.47
C LYS B 295 -15.30 34.46 37.58
N ASP B 296 -15.94 33.32 37.36
CA ASP B 296 -15.90 32.26 38.37
C ASP B 296 -14.58 31.53 38.21
N LYS B 297 -13.89 31.37 39.34
CA LYS B 297 -12.56 30.73 39.44
C LYS B 297 -12.52 29.24 39.07
N ARG B 298 -13.62 28.55 39.30
CA ARG B 298 -13.71 27.11 39.06
C ARG B 298 -14.05 26.74 37.63
N PHE B 299 -14.11 27.73 36.77
CA PHE B 299 -14.45 27.54 35.36
C PHE B 299 -13.46 26.60 34.73
N GLU B 300 -12.20 26.80 35.04
CA GLU B 300 -11.13 25.99 34.51
C GLU B 300 -11.31 24.54 34.98
N GLU B 301 -11.42 24.33 36.29
CA GLU B 301 -11.57 22.96 36.81
C GLU B 301 -12.90 22.32 36.47
N ILE B 302 -13.95 23.12 36.34
CA ILE B 302 -15.24 22.54 35.97
C ILE B 302 -15.08 21.87 34.61
N CYS B 303 -14.41 22.56 33.69
CA CYS B 303 -14.17 22.03 32.34
C CYS B 303 -13.26 20.82 32.32
N THR B 304 -12.17 20.87 33.08
CA THR B 304 -11.23 19.74 33.11
C THR B 304 -11.87 18.42 33.55
N LYS B 305 -12.88 18.51 34.42
CA LYS B 305 -13.57 17.32 34.92
C LYS B 305 -14.70 16.84 34.02
N ARG B 307 -14.02 16.82 31.13
CA ARG B 307 -13.06 16.50 30.08
C ARG B 307 -13.10 17.50 28.92
N LEU B 308 -13.07 18.80 29.26
CA LEU B 308 -13.12 19.87 28.26
C LEU B 308 -12.07 20.96 28.50
N GLN B 309 -11.79 21.74 27.45
CA GLN B 309 -10.90 22.90 27.55
C GLN B 309 -11.63 24.09 26.98
N LYS B 310 -11.35 25.25 27.57
CA LYS B 310 -11.99 26.49 27.13
C LYS B 310 -10.89 27.36 26.57
N ARG B 311 -11.26 28.24 25.65
CA ARG B 311 -10.35 29.17 25.00
C ARG B 311 -11.13 30.46 24.77
N GLY B 312 -10.58 31.60 25.18
CA GLY B 312 -11.30 32.85 24.99
C GLY B 312 -11.29 33.21 23.51
N THR B 313 -12.29 33.95 23.05
CA THR B 313 -12.32 34.30 21.63
C THR B 313 -13.17 35.54 21.33
N SER B 314 -12.81 36.23 20.25
CA SER B 314 -13.50 37.44 19.84
C SER B 314 -13.68 37.56 18.32
N GLY B 322 -17.91 39.96 23.85
CA GLY B 322 -17.32 39.84 25.18
C GLY B 322 -17.82 38.65 25.99
N GLY B 323 -16.91 37.82 26.49
CA GLY B 323 -17.30 36.66 27.28
C GLY B 323 -17.51 35.38 26.50
N VAL B 324 -17.12 35.39 25.22
CA VAL B 324 -17.28 34.23 24.36
C VAL B 324 -16.12 33.25 24.51
N TYR B 325 -16.45 31.98 24.72
CA TYR B 325 -15.44 30.95 24.89
C TYR B 325 -15.64 29.80 23.92
N ASP B 326 -14.51 29.24 23.48
CA ASP B 326 -14.49 28.11 22.57
C ASP B 326 -14.32 26.92 23.50
N ILE B 327 -15.33 26.05 23.54
CA ILE B 327 -15.30 24.87 24.40
C ILE B 327 -15.12 23.63 23.53
N SER B 328 -14.02 22.90 23.75
CA SER B 328 -13.74 21.71 22.96
C SER B 328 -13.45 20.49 23.85
N ASN B 329 -13.39 19.32 23.21
CA ASN B 329 -13.10 18.07 23.89
C ASN B 329 -11.60 18.04 24.24
N LEU B 330 -11.29 17.66 25.48
CA LEU B 330 -9.90 17.57 25.99
C LEU B 330 -9.19 16.36 25.42
N ASP B 331 -9.92 15.26 25.30
CA ASP B 331 -9.37 14.03 24.80
C ASP B 331 -9.34 13.88 23.28
N ARG B 332 -8.29 13.20 22.85
CA ARG B 332 -8.01 12.88 21.47
C ARG B 332 -7.79 11.36 21.36
N LEU B 333 -6.84 10.87 22.16
CA LEU B 333 -6.43 9.46 22.19
C LEU B 333 -6.91 8.73 23.46
N GLY B 334 -7.59 7.60 23.28
CA GLY B 334 -8.05 6.85 24.43
C GLY B 334 -9.56 6.85 24.66
N SER B 335 -10.28 7.68 23.92
CA SER B 335 -11.74 7.78 23.98
C SER B 335 -12.15 7.97 22.52
N SER B 336 -13.42 7.72 22.19
CA SER B 336 -13.88 7.82 20.82
C SER B 336 -14.44 9.17 20.35
N GLU B 337 -14.70 9.24 19.05
CA GLU B 337 -15.27 10.41 18.41
C GLU B 337 -16.67 10.66 19.00
N VAL B 338 -17.42 9.59 19.19
CA VAL B 338 -18.75 9.68 19.75
C VAL B 338 -18.76 10.24 21.16
N GLU B 339 -17.86 9.71 21.98
CA GLU B 339 -17.74 10.12 23.37
C GLU B 339 -17.28 11.57 23.52
N GLN B 340 -16.29 11.94 22.70
CA GLN B 340 -15.70 13.27 22.67
C GLN B 340 -16.71 14.31 22.21
N VAL B 341 -17.58 13.92 21.28
CA VAL B 341 -18.56 14.84 20.78
C VAL B 341 -19.74 14.99 21.73
N ASN B 342 -20.17 13.88 22.34
CA ASN B 342 -21.27 13.95 23.30
C ASN B 342 -20.71 14.53 24.59
N CYS B 343 -19.39 14.58 24.67
CA CYS B 343 -18.75 15.14 25.85
C CYS B 343 -18.94 16.65 25.82
N VAL B 344 -18.77 17.21 24.64
CA VAL B 344 -18.91 18.64 24.43
C VAL B 344 -20.38 19.07 24.56
N ILE B 345 -21.27 18.26 24.00
CA ILE B 345 -22.72 18.52 24.04
C ILE B 345 -23.23 18.57 25.49
N LYS B 346 -23.00 17.50 26.25
CA LYS B 346 -23.44 17.46 27.65
C LYS B 346 -22.74 18.53 28.49
N GLY B 347 -21.45 18.73 28.23
CA GLY B 347 -20.68 19.70 28.97
C GLY B 347 -21.16 21.12 28.77
N VAL B 348 -21.43 21.48 27.53
CA VAL B 348 -21.92 22.80 27.20
C VAL B 348 -23.32 23.06 27.77
N LYS B 349 -24.15 22.02 27.84
CA LYS B 349 -25.49 22.17 28.39
C LYS B 349 -25.41 22.42 29.89
N VAL B 350 -24.40 21.83 30.52
CA VAL B 350 -24.21 22.03 31.95
C VAL B 350 -23.67 23.43 32.14
N LEU B 351 -22.83 23.87 31.21
CA LEU B 351 -22.25 25.21 31.28
C LEU B 351 -23.30 26.29 31.12
N ILE B 352 -24.29 26.03 30.26
CA ILE B 352 -25.36 26.99 30.04
C ILE B 352 -26.23 27.08 31.29
N GLU B 353 -26.45 25.94 31.96
CA GLU B 353 -27.27 25.92 33.16
C GLU B 353 -26.66 26.65 34.36
N GLU B 355 -24.51 29.00 33.95
CA GLU B 355 -24.47 30.37 33.44
C GLU B 355 -25.74 31.12 33.81
N LYS B 356 -26.86 30.42 33.74
CA LYS B 356 -28.16 31.02 34.08
C LYS B 356 -28.34 31.21 35.57
N LYS B 357 -27.73 30.36 36.36
CA LYS B 357 -27.81 30.50 37.81
C LYS B 357 -27.05 31.77 38.23
N LEU B 358 -25.88 32.00 37.62
CA LEU B 358 -25.06 33.16 37.94
C LEU B 358 -25.74 34.43 37.43
N GLU B 359 -26.49 34.32 36.33
CA GLU B 359 -27.19 35.47 35.80
C GLU B 359 -28.23 35.92 36.81
N LYS B 360 -28.85 34.94 37.46
CA LYS B 360 -29.88 35.21 38.44
C LYS B 360 -29.22 35.55 39.77
N GLY B 361 -27.96 35.19 39.91
CA GLY B 361 -27.26 35.49 41.13
C GLY B 361 -27.26 34.34 42.11
N GLU B 362 -27.75 33.20 41.66
CA GLU B 362 -27.80 32.01 42.51
C GLU B 362 -26.44 31.33 42.56
N SER B 363 -26.33 30.39 43.48
CA SER B 363 -25.11 29.63 43.66
C SER B 363 -25.13 28.42 42.72
N ILE B 364 -23.94 27.95 42.33
CA ILE B 364 -23.76 26.78 41.45
C ILE B 364 -22.74 25.87 42.15
N ASP B 365 -22.78 25.83 43.47
CA ASP B 365 -21.85 25.02 44.25
C ASP B 365 -22.49 23.65 44.30
N ASP B 366 -23.76 23.68 43.89
CA ASP B 366 -24.67 22.52 43.82
C ASP B 366 -24.46 21.76 42.49
N LEU B 367 -23.64 22.29 41.59
CA LEU B 367 -23.41 21.67 40.28
C LEU B 367 -21.97 21.28 39.97
N VAL B 368 -21.03 21.98 40.59
CA VAL B 368 -19.62 21.74 40.36
C VAL B 368 -19.13 20.48 41.07
N PRO B 369 -18.06 19.85 40.54
CA PRO B 369 -17.44 18.63 41.08
C PRO B 369 -16.87 18.79 42.48
N LYS B 370 -16.90 17.70 43.24
CA LYS B 370 -16.41 17.73 44.62
C LYS B 370 -14.90 17.80 44.74
N ALA C 2 -16.61 -9.60 -3.27
CA ALA C 2 -16.82 -10.14 -1.89
C ALA C 2 -18.30 -10.11 -1.60
N ASN C 3 -18.78 -10.93 -0.67
CA ASN C 3 -20.21 -10.95 -0.34
C ASN C 3 -20.61 -9.82 0.63
N LEU C 4 -21.20 -8.76 0.09
CA LEU C 4 -21.59 -7.61 0.89
C LEU C 4 -22.70 -7.85 1.92
N ASN C 5 -23.41 -8.97 1.83
CA ASN C 5 -24.45 -9.23 2.80
C ASN C 5 -23.86 -9.80 4.06
N GLN C 6 -22.65 -10.33 3.94
CA GLN C 6 -21.97 -10.93 5.07
C GLN C 6 -21.73 -9.99 6.24
N LYS C 7 -21.44 -8.72 5.93
CA LYS C 7 -21.17 -7.80 7.01
C LYS C 7 -22.31 -7.58 8.00
N LYS C 8 -23.54 -7.96 7.64
CA LYS C 8 -24.64 -7.78 8.59
C LYS C 8 -25.06 -9.03 9.35
N TYR C 9 -24.25 -10.08 9.23
CA TYR C 9 -24.51 -11.27 10.00
C TYR C 9 -23.51 -11.17 11.15
N PRO C 10 -23.88 -11.74 12.31
CA PRO C 10 -22.98 -11.71 13.46
C PRO C 10 -21.73 -12.50 13.03
N ALA C 11 -20.54 -11.98 13.34
CA ALA C 11 -19.29 -12.65 12.99
C ALA C 11 -19.21 -14.10 13.51
N LYS C 12 -19.85 -14.35 14.65
CA LYS C 12 -19.89 -15.69 15.24
C LYS C 12 -20.55 -16.73 14.32
N ASP C 13 -21.48 -16.29 13.45
CA ASP C 13 -22.16 -17.23 12.54
C ASP C 13 -21.31 -17.53 11.31
N ASP C 14 -20.32 -16.66 11.05
CA ASP C 14 -19.42 -16.84 9.91
C ASP C 14 -18.14 -17.58 10.32
N PHE C 15 -17.69 -17.37 11.55
CA PHE C 15 -16.50 -18.00 12.12
C PHE C 15 -16.60 -19.49 11.81
N PRO C 16 -15.63 -20.04 11.06
CA PRO C 16 -15.65 -21.46 10.70
C PRO C 16 -15.55 -22.51 11.81
N ASN C 17 -16.05 -23.70 11.50
CA ASN C 17 -16.06 -24.82 12.44
C ASN C 17 -14.74 -25.56 12.36
N PHE C 18 -13.89 -25.35 13.36
CA PHE C 18 -12.56 -25.97 13.40
C PHE C 18 -12.41 -27.26 14.20
N GLU C 19 -13.45 -28.06 14.29
CA GLU C 19 -13.36 -29.32 15.03
C GLU C 19 -12.50 -30.35 14.31
N GLY C 20 -11.64 -31.02 15.06
CA GLY C 20 -10.82 -32.03 14.43
C GLY C 20 -9.69 -31.43 13.64
N HIS C 21 -9.79 -30.14 13.33
CA HIS C 21 -8.75 -29.44 12.58
C HIS C 21 -7.50 -29.36 13.44
N LYS C 22 -6.33 -29.50 12.82
CA LYS C 22 -5.05 -29.42 13.52
C LYS C 22 -4.10 -28.50 12.80
N SER C 23 -4.64 -27.69 11.90
CA SER C 23 -3.83 -26.77 11.12
C SER C 23 -3.37 -25.60 11.95
N LEU C 24 -2.40 -24.88 11.43
CA LEU C 24 -1.87 -23.70 12.09
C LEU C 24 -2.98 -22.65 12.07
N LEU C 25 -3.77 -22.69 11.00
CA LEU C 25 -4.88 -21.77 10.85
C LEU C 25 -5.88 -21.96 12.00
N SER C 26 -6.31 -23.21 12.20
CA SER C 26 -7.27 -23.52 13.25
C SER C 26 -6.71 -23.16 14.63
N LYS C 27 -5.39 -23.25 14.74
CA LYS C 27 -4.71 -22.92 15.98
C LYS C 27 -4.68 -21.45 16.35
N TYR C 28 -4.57 -20.57 15.36
CA TYR C 28 -4.47 -19.14 15.65
C TYR C 28 -5.63 -18.22 15.32
N LEU C 29 -6.49 -18.64 14.40
CA LEU C 29 -7.61 -17.79 14.04
C LEU C 29 -8.72 -18.00 15.08
N THR C 30 -8.78 -17.07 16.04
CA THR C 30 -9.77 -17.12 17.12
C THR C 30 -11.05 -16.38 16.74
N ALA C 31 -12.10 -16.55 17.54
CA ALA C 31 -13.39 -15.92 17.27
C ALA C 31 -13.31 -14.39 17.21
N ASP C 32 -12.59 -13.83 18.16
CA ASP C 32 -12.43 -12.39 18.24
C ASP C 32 -11.57 -11.89 17.08
N TYR C 34 -11.32 -13.24 14.12
CA TYR C 34 -12.21 -13.34 12.96
C TYR C 34 -13.23 -12.22 12.91
N ALA C 35 -13.89 -11.96 14.03
CA ALA C 35 -14.88 -10.91 14.11
C ALA C 35 -14.23 -9.59 13.76
N LYS C 36 -12.93 -9.50 14.03
CA LYS C 36 -12.13 -8.31 13.79
C LYS C 36 -11.69 -8.10 12.34
N LEU C 37 -11.31 -9.19 11.67
CA LEU C 37 -10.82 -9.09 10.30
C LEU C 37 -11.79 -9.62 9.23
N ARG C 38 -13.00 -10.00 9.60
CA ARG C 38 -13.88 -10.56 8.59
C ARG C 38 -14.38 -9.60 7.52
N ASP C 39 -14.55 -8.33 7.84
CA ASP C 39 -15.06 -7.38 6.86
C ASP C 39 -13.98 -6.44 6.34
N VAL C 40 -12.75 -6.68 6.78
CA VAL C 40 -11.60 -5.88 6.38
C VAL C 40 -11.05 -6.46 5.08
N ALA C 41 -10.97 -5.65 4.04
CA ALA C 41 -10.46 -6.11 2.75
C ALA C 41 -9.11 -5.47 2.42
N THR C 42 -8.32 -6.15 1.59
CA THR C 42 -7.02 -5.64 1.18
C THR C 42 -7.21 -4.66 0.04
N PRO C 43 -6.16 -3.91 -0.31
CA PRO C 43 -6.15 -2.92 -1.39
C PRO C 43 -6.79 -3.40 -2.68
N SER C 44 -6.60 -4.69 -3.00
CA SER C 44 -7.15 -5.25 -4.24
C SER C 44 -8.51 -5.94 -4.10
N GLY C 45 -9.07 -5.97 -2.89
CA GLY C 45 -10.37 -6.60 -2.71
C GLY C 45 -10.39 -8.04 -2.21
N TYR C 46 -9.22 -8.58 -1.86
CA TYR C 46 -9.12 -9.95 -1.36
C TYR C 46 -9.61 -9.96 0.11
N THR C 47 -10.41 -10.96 0.48
CA THR C 47 -10.95 -11.05 1.83
C THR C 47 -10.30 -12.11 2.71
N LEU C 48 -10.69 -12.14 3.97
CA LEU C 48 -10.18 -13.11 4.94
C LEU C 48 -10.69 -14.50 4.59
N ASP C 49 -11.94 -14.60 4.16
CA ASP C 49 -12.53 -15.90 3.80
C ASP C 49 -11.77 -16.54 2.65
N ARG C 50 -11.37 -15.73 1.68
CA ARG C 50 -10.64 -16.21 0.53
C ARG C 50 -9.27 -16.70 0.98
N ALA C 51 -8.66 -15.97 1.89
CA ALA C 51 -7.35 -16.32 2.43
C ALA C 51 -7.38 -17.62 3.21
N ILE C 52 -8.50 -17.94 3.84
CA ILE C 52 -8.65 -19.14 4.65
C ILE C 52 -9.44 -20.31 4.07
N GLN C 53 -10.05 -20.12 2.90
CA GLN C 53 -10.84 -21.18 2.26
C GLN C 53 -10.10 -22.52 2.17
N ASN C 54 -8.83 -22.45 1.79
CA ASN C 54 -7.97 -23.64 1.65
C ASN C 54 -7.93 -24.51 2.90
N GLY C 55 -7.72 -23.86 4.04
CA GLY C 55 -7.67 -24.58 5.30
C GLY C 55 -9.05 -24.99 5.76
N VAL C 56 -10.06 -24.17 5.48
CA VAL C 56 -11.42 -24.49 5.89
C VAL C 56 -11.95 -25.68 5.11
N ASP C 57 -11.53 -25.77 3.86
CA ASP C 57 -11.94 -26.85 2.96
C ASP C 57 -11.09 -28.10 3.17
N ASN C 58 -9.86 -27.91 3.64
CA ASN C 58 -8.97 -29.05 3.82
C ASN C 58 -8.32 -29.19 5.19
N PRO C 59 -9.07 -29.67 6.20
CA PRO C 59 -8.55 -29.86 7.56
C PRO C 59 -7.21 -30.61 7.69
N ASP C 60 -6.91 -31.49 6.74
CA ASP C 60 -5.66 -32.25 6.79
C ASP C 60 -4.43 -31.43 6.42
N PHE C 61 -4.64 -30.24 5.85
CA PHE C 61 -3.50 -29.40 5.48
C PHE C 61 -2.89 -28.80 6.73
N HIS C 62 -1.57 -28.76 6.77
CA HIS C 62 -0.87 -28.25 7.92
C HIS C 62 -1.02 -26.75 8.10
N LEU C 63 -1.04 -26.02 7.00
CA LEU C 63 -1.16 -24.57 7.04
C LEU C 63 -2.57 -24.08 6.71
N GLY C 64 -2.97 -24.22 5.45
CA GLY C 64 -4.29 -23.82 5.05
C GLY C 64 -4.50 -22.32 4.99
N LEU C 65 -3.50 -21.63 4.48
CA LEU C 65 -3.54 -20.18 4.38
C LEU C 65 -2.84 -19.75 3.08
N LEU C 66 -3.46 -18.81 2.37
CA LEU C 66 -2.91 -18.32 1.10
C LEU C 66 -3.07 -16.81 0.89
N ALA C 67 -2.03 -16.15 0.40
CA ALA C 67 -2.09 -14.71 0.16
C ALA C 67 -2.68 -14.34 -1.19
N GLY C 68 -3.54 -13.34 -1.18
CA GLY C 68 -4.17 -12.86 -2.42
C GLY C 68 -3.33 -11.76 -3.08
N ASP C 69 -2.49 -11.11 -2.28
CA ASP C 69 -1.61 -10.06 -2.77
C ASP C 69 -0.58 -9.75 -1.70
N GLU C 70 0.37 -8.86 -2.01
CA GLU C 70 1.43 -8.54 -1.06
C GLU C 70 0.97 -8.01 0.29
N GLU C 71 -0.10 -7.22 0.31
CA GLU C 71 -0.57 -6.64 1.56
C GLU C 71 -1.43 -7.61 2.36
N THR C 72 -1.63 -8.82 1.84
CA THR C 72 -2.45 -9.79 2.54
C THR C 72 -1.74 -10.12 3.85
N TYR C 73 -0.42 -10.01 3.82
CA TYR C 73 0.43 -10.31 4.95
C TYR C 73 0.42 -9.26 6.06
N THR C 74 0.16 -8.01 5.70
CA THR C 74 0.12 -6.95 6.70
C THR C 74 -1.30 -6.72 7.21
N VAL C 75 -2.27 -6.75 6.30
CA VAL C 75 -3.67 -6.53 6.67
C VAL C 75 -4.18 -7.61 7.63
N PHE C 76 -3.93 -8.86 7.29
CA PHE C 76 -4.34 -9.97 8.12
C PHE C 76 -3.15 -10.44 8.95
N ALA C 77 -2.35 -9.48 9.42
CA ALA C 77 -1.17 -9.80 10.21
C ALA C 77 -1.44 -10.49 11.53
N ASP C 78 -2.59 -10.24 12.15
CA ASP C 78 -2.89 -10.90 13.42
C ASP C 78 -2.88 -12.43 13.30
N LEU C 79 -3.24 -12.91 12.12
CA LEU C 79 -3.28 -14.34 11.83
C LEU C 79 -1.99 -14.83 11.18
N PHE C 80 -1.45 -14.05 10.27
CA PHE C 80 -0.23 -14.45 9.57
C PHE C 80 1.05 -14.48 10.42
N ASP C 81 1.30 -13.45 11.22
CA ASP C 81 2.50 -13.43 12.04
C ASP C 81 2.70 -14.71 12.88
N PRO C 82 1.66 -15.11 13.64
CA PRO C 82 1.80 -16.31 14.45
C PRO C 82 1.88 -17.63 13.67
N VAL C 83 1.27 -17.70 12.49
CA VAL C 83 1.32 -18.92 11.70
C VAL C 83 2.72 -19.02 11.08
N ILE C 84 3.23 -17.87 10.66
CA ILE C 84 4.55 -17.78 10.07
C ILE C 84 5.58 -18.09 11.16
N GLU C 85 5.26 -17.72 12.39
CA GLU C 85 6.18 -17.92 13.50
C GLU C 85 6.37 -19.37 13.94
N GLU C 86 5.31 -20.15 13.94
CA GLU C 86 5.43 -21.55 14.35
C GLU C 86 6.01 -22.39 13.21
N TYR C 87 5.54 -22.15 12.00
CA TYR C 87 6.01 -22.89 10.83
C TYR C 87 7.49 -22.67 10.57
N HIS C 88 7.96 -21.45 10.74
CA HIS C 88 9.35 -21.13 10.45
C HIS C 88 10.34 -21.10 11.63
N ASN C 89 10.05 -21.93 12.63
CA ASN C 89 10.87 -22.10 13.82
C ASN C 89 11.26 -20.82 14.59
N GLY C 90 10.27 -20.12 15.13
CA GLY C 90 10.54 -18.92 15.89
C GLY C 90 10.83 -17.65 15.12
N PHE C 91 10.43 -17.59 13.85
CA PHE C 91 10.66 -16.38 13.08
C PHE C 91 9.51 -15.42 13.34
N LYS C 92 9.77 -14.42 14.17
CA LYS C 92 8.74 -13.46 14.55
C LYS C 92 8.57 -12.26 13.63
N LYS C 93 7.47 -11.55 13.85
CA LYS C 93 7.13 -10.34 13.11
C LYS C 93 8.15 -9.28 13.41
N THR C 94 9.03 -9.59 14.35
CA THR C 94 10.11 -8.73 14.79
C THR C 94 11.41 -9.05 14.03
N ASP C 95 11.58 -10.34 13.72
CA ASP C 95 12.76 -10.81 13.02
C ASP C 95 12.77 -10.37 11.55
N ASN C 96 13.96 -10.28 10.96
CA ASN C 96 14.05 -9.89 9.56
C ASN C 96 14.82 -10.93 8.77
N HIS C 97 14.58 -10.96 7.45
CA HIS C 97 15.21 -11.93 6.57
C HIS C 97 16.34 -11.34 5.71
N LYS C 98 17.45 -12.06 5.58
CA LYS C 98 18.56 -11.57 4.76
C LYS C 98 18.73 -12.38 3.48
N THR C 99 18.68 -11.69 2.35
CA THR C 99 18.86 -12.31 1.05
C THR C 99 20.35 -12.32 0.71
N ASP C 100 20.75 -13.32 -0.06
CA ASP C 100 22.13 -13.45 -0.49
C ASP C 100 22.18 -14.51 -1.58
N LEU C 101 22.20 -14.00 -2.81
CA LEU C 101 22.26 -14.83 -4.01
C LEU C 101 23.64 -14.73 -4.63
N ASP C 102 24.66 -14.63 -3.78
CA ASP C 102 26.06 -14.52 -4.22
C ASP C 102 26.63 -15.92 -4.47
N ALA C 103 26.61 -16.32 -5.73
CA ALA C 103 27.09 -17.63 -6.12
C ALA C 103 28.55 -17.96 -5.81
N SER C 104 29.36 -16.93 -5.59
CA SER C 104 30.78 -17.18 -5.30
C SER C 104 30.92 -17.86 -3.94
N LYS C 105 29.88 -17.75 -3.12
CA LYS C 105 29.86 -18.32 -1.78
C LYS C 105 29.47 -19.78 -1.68
N ILE C 106 28.99 -20.35 -2.77
CA ILE C 106 28.58 -21.74 -2.74
C ILE C 106 29.79 -22.69 -2.69
N LEU C 107 29.69 -23.73 -1.85
CA LEU C 107 30.74 -24.71 -1.72
C LEU C 107 31.00 -25.31 -3.10
N ASP C 108 32.26 -25.39 -3.52
CA ASP C 108 32.53 -25.93 -4.85
C ASP C 108 32.72 -27.45 -4.87
N ASP C 109 32.25 -28.12 -3.82
CA ASP C 109 32.35 -29.59 -3.75
C ASP C 109 31.52 -30.27 -4.87
N VAL C 110 32.11 -31.23 -5.59
CA VAL C 110 31.32 -31.95 -6.60
C VAL C 110 30.86 -33.21 -5.85
N LEU C 111 29.56 -33.36 -5.66
CA LEU C 111 29.03 -34.52 -4.94
C LEU C 111 29.21 -35.77 -5.77
N ASP C 112 29.56 -36.87 -5.11
CA ASP C 112 29.80 -38.14 -5.78
C ASP C 112 28.66 -38.50 -6.76
N PRO C 113 28.99 -38.50 -8.06
CA PRO C 113 28.00 -38.80 -9.08
C PRO C 113 27.50 -40.26 -9.05
N ALA C 114 28.20 -41.12 -8.33
CA ALA C 114 27.79 -42.52 -8.23
C ALA C 114 26.56 -42.58 -7.33
N TYR C 115 26.40 -41.54 -6.53
CA TYR C 115 25.29 -41.41 -5.57
C TYR C 115 24.27 -40.31 -5.91
N VAL C 116 24.76 -39.13 -6.25
CA VAL C 116 23.90 -38.01 -6.59
C VAL C 116 23.50 -38.06 -8.07
N ILE C 117 22.25 -38.42 -8.34
CA ILE C 117 21.81 -38.51 -9.73
C ILE C 117 21.65 -37.12 -10.37
N SER C 118 21.11 -36.16 -9.61
CA SER C 118 20.88 -34.80 -10.13
C SER C 118 20.79 -33.69 -9.06
N SER C 119 21.12 -32.47 -9.47
CA SER C 119 21.08 -31.31 -8.59
C SER C 119 20.04 -30.33 -9.13
N ARG C 120 19.31 -29.70 -8.22
CA ARG C 120 18.23 -28.80 -8.62
C ARG C 120 18.11 -27.60 -7.66
N VAL C 121 17.66 -26.46 -8.19
CA VAL C 121 17.48 -25.26 -7.37
C VAL C 121 16.18 -24.60 -7.83
N ARG C 122 15.18 -24.58 -6.95
CA ARG C 122 13.86 -23.99 -7.24
C ARG C 122 13.55 -22.77 -6.37
N THR C 123 12.95 -21.77 -6.98
CA THR C 123 12.54 -20.58 -6.26
C THR C 123 11.31 -19.98 -6.92
N GLY C 124 10.69 -19.06 -6.20
CA GLY C 124 9.51 -18.42 -6.72
C GLY C 124 9.61 -16.92 -6.60
N ARG C 125 9.05 -16.22 -7.59
CA ARG C 125 9.03 -14.78 -7.59
C ARG C 125 7.66 -14.27 -8.02
N ASN C 126 7.29 -13.11 -7.49
CA ASN C 126 6.04 -12.53 -7.88
C ASN C 126 6.35 -11.15 -8.34
N ILE C 127 5.41 -10.53 -9.04
CA ILE C 127 5.61 -9.21 -9.58
C ILE C 127 4.80 -8.23 -8.74
N ARG C 128 5.48 -7.24 -8.16
CA ARG C 128 4.83 -6.23 -7.34
C ARG C 128 3.82 -5.45 -8.20
N GLY C 129 2.62 -5.28 -7.66
CA GLY C 129 1.59 -4.55 -8.39
C GLY C 129 0.51 -5.43 -8.98
N ALA C 131 -1.96 -9.02 -8.52
CA ALA C 131 -2.57 -9.89 -7.53
C ALA C 131 -1.89 -11.27 -7.65
N LEU C 132 -1.84 -11.99 -6.55
CA LEU C 132 -1.25 -13.32 -6.54
C LEU C 132 -2.30 -14.28 -7.09
N SER C 133 -1.87 -15.51 -7.38
CA SER C 133 -2.74 -16.51 -7.98
C SER C 133 -4.17 -16.72 -7.46
N PRO C 134 -4.38 -16.71 -6.13
CA PRO C 134 -5.74 -16.92 -5.64
C PRO C 134 -6.71 -15.79 -5.97
N HIS C 135 -6.17 -14.65 -6.38
CA HIS C 135 -6.94 -13.46 -6.66
C HIS C 135 -6.76 -12.84 -8.03
N VAL C 136 -5.63 -13.11 -8.68
CA VAL C 136 -5.31 -12.55 -9.99
C VAL C 136 -6.39 -12.74 -11.06
N CYS C 137 -6.70 -11.67 -11.80
CA CYS C 137 -7.71 -11.79 -12.85
C CYS C 137 -7.01 -12.12 -14.18
N ARG C 138 -7.79 -12.27 -15.25
CA ARG C 138 -7.23 -12.63 -16.55
C ARG C 138 -6.29 -11.63 -17.22
N SER C 139 -6.61 -10.35 -17.19
CA SER C 139 -5.74 -9.36 -17.83
C SER C 139 -4.45 -9.24 -17.04
N GLU C 140 -4.56 -9.34 -15.72
CA GLU C 140 -3.37 -9.29 -14.85
C GLU C 140 -2.49 -10.49 -15.18
N ARG C 141 -3.10 -11.67 -15.30
CA ARG C 141 -2.32 -12.88 -15.60
C ARG C 141 -1.64 -12.78 -16.98
N ARG C 142 -2.38 -12.24 -17.94
CA ARG C 142 -1.89 -12.05 -19.30
C ARG C 142 -0.73 -11.06 -19.39
N ALA C 143 -0.83 -9.98 -18.63
CA ALA C 143 0.22 -8.97 -18.60
C ALA C 143 1.46 -9.54 -17.92
N ILE C 144 1.25 -10.45 -16.98
CA ILE C 144 2.35 -11.09 -16.27
C ILE C 144 3.07 -12.04 -17.22
N GLU C 145 2.28 -12.86 -17.90
CA GLU C 145 2.77 -13.86 -18.86
C GLU C 145 3.59 -13.19 -19.93
N LYS C 146 3.10 -12.01 -20.28
CA LYS C 146 3.68 -11.16 -21.31
C LYS C 146 5.07 -10.59 -20.99
N VAL C 148 7.02 -11.50 -18.52
CA VAL C 148 7.90 -12.58 -18.11
C VAL C 148 8.43 -13.32 -19.31
N SER C 149 7.57 -13.61 -20.27
CA SER C 149 8.01 -14.32 -21.46
C SER C 149 8.96 -13.46 -22.31
N GLU C 150 8.67 -12.17 -22.44
CA GLU C 150 9.52 -11.28 -23.23
C GLU C 150 10.90 -11.14 -22.61
N ALA C 151 10.99 -11.36 -21.30
CA ALA C 151 12.26 -11.27 -20.60
C ALA C 151 13.01 -12.57 -20.74
N LEU C 152 12.26 -13.66 -20.77
CA LEU C 152 12.84 -14.98 -20.92
C LEU C 152 13.37 -15.17 -22.34
N ASN C 153 12.69 -14.57 -23.31
CA ASN C 153 13.13 -14.69 -24.70
C ASN C 153 14.27 -13.73 -24.99
N SER C 154 14.54 -12.78 -24.11
CA SER C 154 15.64 -11.86 -24.32
C SER C 154 16.92 -12.53 -23.83
N LEU C 155 16.76 -13.57 -23.02
CA LEU C 155 17.92 -14.30 -22.53
C LEU C 155 18.68 -14.85 -23.75
N ALA C 156 20.00 -14.90 -23.67
CA ALA C 156 20.80 -15.38 -24.78
C ALA C 156 21.91 -16.32 -24.33
N ALA C 157 22.77 -16.71 -25.27
CA ALA C 157 23.88 -17.60 -25.00
C ALA C 157 23.40 -18.96 -24.58
N ASP C 158 23.97 -19.48 -23.49
CA ASP C 158 23.59 -20.80 -22.97
C ASP C 158 22.20 -20.79 -22.33
N LEU C 159 21.70 -19.60 -22.05
CA LEU C 159 20.38 -19.37 -21.44
C LEU C 159 19.31 -19.05 -22.47
N LYS C 160 19.61 -19.28 -23.73
CA LYS C 160 18.68 -18.99 -24.82
C LYS C 160 17.59 -20.05 -24.80
N GLY C 161 16.34 -19.62 -24.64
CA GLY C 161 15.26 -20.56 -24.59
C GLY C 161 14.15 -20.35 -25.59
N LYS C 162 13.03 -20.98 -25.30
CA LYS C 162 11.84 -20.92 -26.13
C LYS C 162 10.62 -20.94 -25.20
N TYR C 163 9.67 -20.07 -25.51
CA TYR C 163 8.46 -19.97 -24.73
C TYR C 163 7.35 -20.77 -25.36
N TYR C 164 6.54 -21.41 -24.50
CA TYR C 164 5.40 -22.22 -24.91
C TYR C 164 4.20 -21.87 -24.03
N SER C 165 3.11 -21.42 -24.64
CA SER C 165 1.90 -21.11 -23.89
C SER C 165 1.09 -22.39 -23.76
N LEU C 166 0.48 -22.61 -22.60
CA LEU C 166 -0.32 -23.82 -22.40
C LEU C 166 -1.63 -23.90 -23.19
N LYS C 168 -3.68 -23.99 -26.68
CA LYS C 168 -3.33 -24.35 -28.05
C LYS C 168 -1.88 -24.87 -28.07
N ASP C 170 -0.71 -28.21 -28.82
CA ASP C 170 -0.52 -29.13 -29.93
C ASP C 170 0.12 -30.47 -29.57
N GLU C 171 -0.02 -31.41 -30.50
CA GLU C 171 0.44 -32.80 -30.43
C GLU C 171 1.91 -33.18 -30.13
N LYS C 172 2.88 -32.60 -30.84
CA LYS C 172 4.30 -32.92 -30.59
C LYS C 172 4.98 -31.93 -29.65
N THR C 173 4.30 -30.83 -29.36
CA THR C 173 4.83 -29.84 -28.44
C THR C 173 4.61 -30.33 -27.03
N GLN C 174 3.43 -30.89 -26.80
CA GLN C 174 3.06 -31.41 -25.49
C GLN C 174 3.88 -32.62 -25.10
N GLN C 175 3.82 -33.67 -25.92
CA GLN C 175 4.52 -34.91 -25.65
C GLN C 175 6.04 -34.78 -25.47
N GLN C 176 6.66 -33.83 -26.16
CA GLN C 176 8.11 -33.64 -26.02
C GLN C 176 8.40 -33.05 -24.65
N LEU C 177 7.47 -32.22 -24.18
CA LEU C 177 7.59 -31.55 -22.87
C LEU C 177 7.32 -32.52 -21.74
N ILE C 178 6.63 -33.60 -22.08
CA ILE C 178 6.30 -34.65 -21.14
C ILE C 178 7.49 -35.58 -20.99
N ASP C 179 8.13 -35.88 -22.11
CA ASP C 179 9.26 -36.79 -22.10
C ASP C 179 10.48 -36.24 -21.36
N ASP C 180 10.71 -34.93 -21.47
CA ASP C 180 11.84 -34.28 -20.77
C ASP C 180 11.42 -33.80 -19.38
N HIS C 181 10.22 -34.17 -18.92
CA HIS C 181 9.76 -33.75 -17.59
C HIS C 181 9.51 -32.24 -17.41
N PHE C 182 9.14 -31.52 -18.45
CA PHE C 182 8.92 -30.08 -18.31
C PHE C 182 7.53 -29.54 -18.03
N LEU C 183 6.49 -30.32 -18.32
CA LEU C 183 5.13 -29.86 -18.08
C LEU C 183 4.73 -29.91 -16.62
N PHE C 184 4.11 -28.82 -16.15
CA PHE C 184 3.64 -28.68 -14.78
C PHE C 184 2.29 -29.39 -14.72
N ASP C 185 1.92 -29.92 -13.55
CA ASP C 185 0.63 -30.57 -13.47
C ASP C 185 -0.45 -29.51 -13.52
N ARG C 186 -1.56 -29.83 -14.17
CA ARG C 186 -2.67 -28.88 -14.25
C ARG C 186 -3.36 -28.91 -12.88
N PRO C 187 -3.99 -27.79 -12.47
CA PRO C 187 -4.70 -27.63 -11.20
C PRO C 187 -6.01 -28.38 -11.05
N VAL C 188 -5.91 -29.58 -10.49
CA VAL C 188 -7.08 -30.42 -10.25
C VAL C 188 -7.18 -30.75 -8.75
N SER C 189 -6.09 -30.51 -8.01
CA SER C 189 -6.03 -30.80 -6.59
C SER C 189 -6.84 -29.85 -5.69
N ARG C 190 -7.12 -30.33 -4.48
CA ARG C 190 -7.89 -29.57 -3.49
C ARG C 190 -7.15 -28.31 -3.05
N HIS C 191 -5.82 -28.32 -3.17
CA HIS C 191 -5.02 -27.18 -2.78
C HIS C 191 -5.28 -26.02 -3.73
N PHE C 192 -5.21 -26.28 -5.03
CA PHE C 192 -5.43 -25.22 -6.01
C PHE C 192 -6.89 -24.77 -6.17
N THR C 193 -7.85 -25.70 -6.03
CA THR C 193 -9.26 -25.33 -6.16
C THR C 193 -9.76 -24.43 -5.03
N SER C 194 -9.70 -24.90 -3.80
CA SER C 194 -10.19 -24.11 -2.69
C SER C 194 -9.34 -22.85 -2.49
N GLY C 195 -8.23 -22.79 -3.19
CA GLY C 195 -7.36 -21.63 -3.09
C GLY C 195 -7.64 -20.56 -4.14
N GLY C 196 -8.57 -20.82 -5.07
CA GLY C 196 -8.86 -19.87 -6.13
C GLY C 196 -7.73 -19.76 -7.16
N ALA C 198 -7.11 -22.13 -9.56
CA ALA C 198 -7.39 -22.93 -10.76
C ALA C 198 -8.20 -22.26 -11.85
N ARG C 199 -8.69 -21.06 -11.59
CA ARG C 199 -9.51 -20.32 -12.54
C ARG C 199 -8.86 -20.00 -13.87
N ASP C 200 -9.65 -20.10 -14.95
CA ASP C 200 -9.21 -19.75 -16.29
C ASP C 200 -8.11 -20.60 -16.93
N PHE C 201 -7.73 -21.68 -16.26
CA PHE C 201 -6.69 -22.53 -16.80
C PHE C 201 -7.09 -23.11 -18.17
N PRO C 202 -6.13 -23.13 -19.11
CA PRO C 202 -4.73 -22.69 -18.93
C PRO C 202 -4.43 -21.28 -19.48
N ASP C 203 -5.37 -20.35 -19.34
CA ASP C 203 -5.17 -18.99 -19.83
C ASP C 203 -4.10 -18.26 -19.03
N GLY C 204 -3.04 -17.85 -19.71
CA GLY C 204 -1.95 -17.14 -19.06
C GLY C 204 -0.84 -18.01 -18.48
N ARG C 205 -1.03 -19.33 -18.55
CA ARG C 205 -0.04 -20.25 -18.05
C ARG C 205 0.92 -20.62 -19.18
N GLY C 206 2.15 -20.93 -18.81
CA GLY C 206 3.12 -21.27 -19.82
C GLY C 206 4.34 -21.91 -19.25
N ILE C 207 5.16 -22.46 -20.13
CA ILE C 207 6.36 -23.13 -19.71
C ILE C 207 7.46 -22.63 -20.62
N TRP C 208 8.65 -22.43 -20.04
CA TRP C 208 9.83 -21.97 -20.77
C TRP C 208 11.06 -22.74 -20.35
N HIS C 209 11.89 -23.11 -21.31
CA HIS C 209 13.11 -23.82 -20.99
C HIS C 209 14.15 -23.48 -22.03
N ASN C 210 15.41 -23.43 -21.61
CA ASN C 210 16.50 -23.12 -22.51
C ASN C 210 16.82 -24.34 -23.36
N ASP C 211 17.47 -24.12 -24.49
CA ASP C 211 17.81 -25.19 -25.41
C ASP C 211 18.63 -26.36 -24.83
N LYS C 212 19.49 -26.08 -23.84
CA LYS C 212 20.31 -27.12 -23.22
C LYS C 212 19.53 -27.82 -22.12
N LYS C 213 18.35 -27.29 -21.81
CA LYS C 213 17.47 -27.88 -20.83
C LYS C 213 18.07 -28.06 -19.43
N ASN C 214 18.50 -26.94 -18.86
CA ASN C 214 19.10 -26.90 -17.53
C ASN C 214 18.55 -25.66 -16.82
N PHE C 215 17.58 -25.03 -17.46
CA PHE C 215 16.90 -23.86 -16.93
C PHE C 215 15.45 -23.92 -17.39
N LEU C 216 14.55 -24.09 -16.43
CA LEU C 216 13.12 -24.24 -16.71
C LEU C 216 12.29 -23.21 -15.94
N VAL C 217 11.25 -22.69 -16.59
CA VAL C 217 10.40 -21.70 -15.96
C VAL C 217 8.91 -22.00 -16.10
N TRP C 218 8.16 -21.90 -15.01
CA TRP C 218 6.72 -22.12 -15.05
C TRP C 218 6.11 -20.79 -14.76
N ILE C 219 5.25 -20.32 -15.66
CA ILE C 219 4.61 -19.03 -15.50
C ILE C 219 3.18 -19.15 -15.08
N ASN C 220 2.81 -18.30 -14.11
CA ASN C 220 1.48 -18.23 -13.55
C ASN C 220 0.82 -19.47 -13.00
N GLU C 221 1.53 -20.19 -12.14
CA GLU C 221 0.98 -21.38 -11.50
C GLU C 221 0.70 -20.92 -10.07
N GLU C 222 1.35 -21.53 -9.09
CA GLU C 222 1.12 -21.12 -7.72
C GLU C 222 1.58 -19.67 -7.53
N ASP C 223 2.71 -19.35 -8.15
CA ASP C 223 3.32 -18.03 -8.12
C ASP C 223 3.48 -17.51 -9.56
N HIS C 224 3.73 -16.22 -9.72
CA HIS C 224 3.90 -15.66 -11.05
C HIS C 224 4.98 -16.38 -11.87
N THR C 225 6.07 -16.77 -11.21
CA THR C 225 7.12 -17.52 -11.87
C THR C 225 7.67 -18.59 -10.95
N ARG C 226 8.13 -19.68 -11.55
CA ARG C 226 8.74 -20.80 -10.85
C ARG C 226 10.05 -20.97 -11.60
N ILE C 227 11.18 -20.66 -10.95
CA ILE C 227 12.47 -20.75 -11.59
C ILE C 227 13.26 -22.01 -11.17
N ILE C 228 13.58 -22.86 -12.13
CA ILE C 228 14.31 -24.09 -11.84
C ILE C 228 15.62 -24.21 -12.61
N SER C 229 16.66 -24.69 -11.93
CA SER C 229 17.98 -24.90 -12.53
C SER C 229 18.33 -26.35 -12.22
N GLN C 231 20.58 -30.14 -13.51
CA GLN C 231 21.51 -30.88 -14.33
C GLN C 231 21.86 -32.19 -13.64
N GLY C 233 24.30 -35.14 -12.14
CA GLY C 233 25.53 -35.09 -11.37
C GLY C 233 25.37 -34.27 -10.11
N GLY C 234 26.47 -34.10 -9.37
CA GLY C 234 26.40 -33.35 -8.13
C GLY C 234 27.16 -32.04 -8.01
N ASN C 235 27.23 -31.26 -9.09
CA ASN C 235 27.92 -29.97 -9.05
C ASN C 235 26.88 -28.88 -8.87
N LYS C 237 27.19 -26.11 -7.37
CA LYS C 237 27.75 -24.80 -7.58
C LYS C 237 27.46 -24.19 -8.94
N GLU C 238 27.54 -24.98 -10.00
CA GLU C 238 27.28 -24.43 -11.32
C GLU C 238 25.78 -24.37 -11.56
N VAL C 239 25.02 -25.02 -10.70
CA VAL C 239 23.56 -24.99 -10.81
C VAL C 239 23.06 -23.69 -10.20
N PHE C 240 23.59 -23.33 -9.04
CA PHE C 240 23.18 -22.11 -8.35
C PHE C 240 23.65 -20.97 -9.21
N GLU C 241 24.84 -21.14 -9.75
CA GLU C 241 25.45 -20.14 -10.59
C GLU C 241 24.63 -19.78 -11.84
N ARG C 242 24.13 -20.79 -12.55
CA ARG C 242 23.32 -20.55 -13.74
C ARG C 242 21.96 -20.00 -13.32
N PHE C 243 21.55 -20.38 -12.12
CA PHE C 243 20.27 -19.97 -11.54
C PHE C 243 20.26 -18.48 -11.20
N THR C 244 21.36 -17.99 -10.63
CA THR C 244 21.47 -16.61 -10.28
C THR C 244 21.57 -15.71 -11.49
N ARG C 245 22.28 -16.17 -12.52
CA ARG C 245 22.41 -15.38 -13.72
C ARG C 245 21.06 -15.24 -14.43
N GLY C 246 20.31 -16.33 -14.51
CA GLY C 246 19.01 -16.27 -15.14
C GLY C 246 18.11 -15.30 -14.41
N LEU C 247 18.13 -15.38 -13.09
CA LEU C 247 17.35 -14.52 -12.21
C LEU C 247 17.70 -13.04 -12.32
N THR C 248 19.00 -12.76 -12.37
CA THR C 248 19.53 -11.40 -12.49
C THR C 248 19.13 -10.73 -13.80
N GLU C 249 19.20 -11.49 -14.88
CA GLU C 249 18.88 -10.99 -16.21
C GLU C 249 17.37 -10.78 -16.42
N VAL C 250 16.57 -11.69 -15.87
CA VAL C 250 15.13 -11.59 -15.97
C VAL C 250 14.62 -10.45 -15.11
N GLU C 251 15.32 -10.17 -14.02
CA GLU C 251 14.96 -9.09 -13.11
C GLU C 251 15.39 -7.75 -13.74
N LYS C 252 16.57 -7.72 -14.33
CA LYS C 252 17.09 -6.50 -14.98
C LYS C 252 16.19 -6.12 -16.15
N HIS C 253 15.75 -7.13 -16.89
CA HIS C 253 14.89 -6.91 -18.06
C HIS C 253 13.51 -6.35 -17.74
N ILE C 254 12.79 -7.02 -16.85
CA ILE C 254 11.44 -6.60 -16.47
C ILE C 254 11.43 -5.17 -15.96
N LYS C 255 12.46 -4.82 -15.20
CA LYS C 255 12.53 -3.51 -14.60
C LYS C 255 12.86 -2.37 -15.55
N ASP C 256 13.58 -2.67 -16.64
CA ASP C 256 13.93 -1.64 -17.61
C ASP C 256 12.85 -1.54 -18.68
N LYS C 257 12.06 -2.59 -18.81
CA LYS C 257 11.00 -2.68 -19.80
C LYS C 257 9.63 -2.24 -19.26
N THR C 258 9.44 -2.38 -17.94
CA THR C 258 8.16 -2.08 -17.31
C THR C 258 8.24 -1.21 -16.07
N GLY C 259 9.38 -1.29 -15.39
CA GLY C 259 9.58 -0.51 -14.18
C GLY C 259 9.16 -1.27 -12.94
N LYS C 260 8.51 -2.41 -13.14
CA LYS C 260 8.05 -3.24 -12.03
C LYS C 260 9.22 -3.99 -11.40
N GLU C 261 9.05 -4.36 -10.14
CA GLU C 261 10.07 -5.08 -9.38
C GLU C 261 9.47 -6.33 -8.75
N PHE C 262 10.31 -7.28 -8.36
CA PHE C 262 9.80 -8.52 -7.72
C PHE C 262 9.14 -8.14 -6.40
N LYS C 264 9.21 -8.03 -2.68
CA LYS C 264 10.20 -8.18 -1.63
C LYS C 264 10.20 -7.05 -0.63
N ASN C 265 10.31 -7.41 0.64
CA ASN C 265 10.39 -6.46 1.73
C ASN C 265 11.45 -7.03 2.64
N ASP C 266 11.89 -6.28 3.65
CA ASP C 266 12.95 -6.75 4.53
C ASP C 266 12.56 -7.73 5.62
N HIS C 267 11.28 -7.78 5.96
CA HIS C 267 10.82 -8.69 6.99
C HIS C 267 10.61 -10.11 6.48
N LEU C 268 9.96 -10.24 5.33
CA LEU C 268 9.66 -11.56 4.78
C LEU C 268 10.51 -12.00 3.57
N GLY C 269 11.51 -11.21 3.19
CA GLY C 269 12.31 -11.55 2.03
C GLY C 269 11.39 -11.48 0.83
N PHE C 270 11.41 -12.50 -0.01
CA PHE C 270 10.53 -12.52 -1.18
C PHE C 270 9.14 -12.94 -0.75
N VAL C 271 8.14 -12.25 -1.27
CA VAL C 271 6.76 -12.57 -0.94
C VAL C 271 6.16 -13.57 -1.92
N LEU C 272 5.89 -14.77 -1.45
CA LEU C 272 5.29 -15.82 -2.27
C LEU C 272 3.83 -15.98 -1.86
N THR C 273 3.10 -16.83 -2.57
CA THR C 273 1.67 -17.06 -2.27
C THR C 273 1.45 -17.87 -0.98
N CYS C 274 2.16 -18.97 -0.83
CA CYS C 274 2.05 -19.82 0.35
C CYS C 274 3.05 -19.35 1.41
N PRO C 275 2.60 -19.09 2.64
CA PRO C 275 3.54 -18.64 3.66
C PRO C 275 4.71 -19.60 3.85
N SER C 276 4.52 -20.86 3.50
CA SER C 276 5.58 -21.85 3.65
C SER C 276 6.79 -21.52 2.80
N ASN C 277 6.60 -20.69 1.78
CA ASN C 277 7.70 -20.38 0.89
C ASN C 277 8.31 -18.99 1.05
N LEU C 278 8.14 -18.35 2.20
CA LEU C 278 8.66 -17.00 2.43
C LEU C 278 10.18 -16.97 2.68
N GLY C 279 10.77 -15.79 2.57
CA GLY C 279 12.20 -15.65 2.78
C GLY C 279 12.93 -15.81 1.45
N THR C 280 13.44 -17.01 1.21
CA THR C 280 14.15 -17.34 -0.02
C THR C 280 13.26 -18.02 -1.03
N GLY C 281 12.30 -18.78 -0.54
CA GLY C 281 11.42 -19.50 -1.44
C GLY C 281 12.28 -20.52 -2.20
N VAL C 282 13.51 -20.73 -1.74
CA VAL C 282 14.37 -21.69 -2.41
C VAL C 282 14.14 -23.12 -1.98
N ARG C 283 14.34 -24.03 -2.92
CA ARG C 283 14.23 -25.44 -2.67
C ARG C 283 15.36 -26.06 -3.47
N CYS C 284 16.45 -26.28 -2.74
CA CYS C 284 17.67 -26.85 -3.26
C CYS C 284 17.63 -28.34 -2.93
N SER C 285 17.80 -29.18 -3.95
CA SER C 285 17.74 -30.61 -3.70
C SER C 285 18.58 -31.49 -4.60
N VAL C 286 18.71 -32.72 -4.16
CA VAL C 286 19.44 -33.71 -4.91
C VAL C 286 18.62 -34.98 -4.91
N HIS C 287 18.87 -35.79 -5.92
CA HIS C 287 18.23 -37.08 -6.02
C HIS C 287 19.47 -37.94 -5.83
N ALA C 288 19.52 -38.67 -4.72
CA ALA C 288 20.64 -39.52 -4.40
C ALA C 288 20.23 -40.93 -4.04
N LYS C 289 21.11 -41.88 -4.34
CA LYS C 289 20.90 -43.30 -4.05
C LYS C 289 21.41 -43.63 -2.67
N LEU C 290 20.50 -43.78 -1.73
CA LEU C 290 20.89 -44.09 -0.37
C LEU C 290 20.11 -45.30 0.09
N PRO C 291 20.44 -46.48 -0.45
CA PRO C 291 19.65 -47.62 0.01
C PRO C 291 19.98 -48.09 1.42
N HIS C 292 21.19 -47.84 1.90
CA HIS C 292 21.51 -48.25 3.26
C HIS C 292 20.89 -47.31 4.29
N ALA C 294 18.23 -45.73 3.94
CA ALA C 294 16.80 -45.94 3.89
C ALA C 294 16.37 -47.03 4.85
N LYS C 295 17.27 -47.98 5.11
CA LYS C 295 16.97 -49.09 6.02
C LYS C 295 17.21 -48.64 7.47
N ASP C 296 17.98 -47.58 7.66
CA ASP C 296 18.28 -47.06 9.01
C ASP C 296 17.16 -46.18 9.59
N LYS C 297 16.63 -46.58 10.74
CA LYS C 297 15.55 -45.83 11.40
C LYS C 297 15.88 -44.38 11.78
N ARG C 298 17.17 -44.04 11.83
CA ARG C 298 17.66 -42.69 12.17
C ARG C 298 17.78 -41.75 10.97
N PHE C 299 17.24 -42.14 9.83
CA PHE C 299 17.35 -41.32 8.63
C PHE C 299 16.70 -39.94 8.71
N GLU C 300 15.38 -39.90 8.87
CA GLU C 300 14.68 -38.62 8.95
C GLU C 300 15.32 -37.76 10.04
N GLU C 301 15.61 -38.41 11.16
CA GLU C 301 16.24 -37.83 12.33
C GLU C 301 17.57 -37.16 11.97
N ILE C 302 18.38 -37.84 11.17
CA ILE C 302 19.67 -37.31 10.77
C ILE C 302 19.52 -36.12 9.83
N CYS C 303 18.53 -36.20 8.94
CA CYS C 303 18.28 -35.15 7.96
C CYS C 303 17.83 -33.87 8.64
N THR C 304 16.85 -34.02 9.52
CA THR C 304 16.29 -32.90 10.26
C THR C 304 17.36 -32.29 11.15
N LYS C 305 18.22 -33.14 11.68
CA LYS C 305 19.29 -32.67 12.53
C LYS C 305 20.22 -31.79 11.74
N ARG C 307 19.11 -30.11 9.21
CA ARG C 307 18.18 -29.19 8.58
C ARG C 307 17.75 -29.58 7.18
N LEU C 308 17.70 -30.88 6.91
CA LEU C 308 17.30 -31.36 5.60
C LEU C 308 16.04 -32.21 5.72
N GLN C 309 15.38 -32.42 4.57
CA GLN C 309 14.18 -33.24 4.47
C GLN C 309 14.36 -34.26 3.35
N LYS C 310 14.07 -35.52 3.65
CA LYS C 310 14.20 -36.58 2.64
C LYS C 310 12.86 -37.21 2.27
N ARG C 311 12.68 -37.43 0.96
CA ARG C 311 11.46 -38.04 0.39
C ARG C 311 11.87 -39.15 -0.55
N GLY C 312 11.19 -40.28 -0.45
CA GLY C 312 11.46 -41.39 -1.35
C GLY C 312 10.46 -41.32 -2.49
N THR C 313 10.17 -42.45 -3.13
CA THR C 313 9.17 -42.46 -4.20
C THR C 313 7.87 -42.91 -3.57
N SER C 320 12.33 -46.81 -1.08
CA SER C 320 11.97 -46.10 -2.31
C SER C 320 12.44 -46.86 -3.54
N VAL C 321 12.02 -46.42 -4.72
CA VAL C 321 12.41 -47.06 -5.97
C VAL C 321 13.81 -46.71 -6.47
N GLY C 322 14.65 -47.73 -6.65
CA GLY C 322 16.00 -47.50 -7.12
C GLY C 322 16.89 -47.00 -5.98
N GLY C 323 16.24 -46.72 -4.85
CA GLY C 323 16.92 -46.23 -3.67
C GLY C 323 17.16 -44.74 -3.82
N VAL C 324 16.34 -44.10 -4.65
CA VAL C 324 16.46 -42.68 -4.91
C VAL C 324 15.69 -41.84 -3.90
N TYR C 325 16.44 -40.98 -3.21
CA TYR C 325 15.87 -40.11 -2.22
C TYR C 325 16.05 -38.65 -2.56
N ASP C 326 14.97 -37.89 -2.36
CA ASP C 326 14.98 -36.46 -2.62
C ASP C 326 15.42 -35.78 -1.33
N ILE C 327 16.63 -35.22 -1.34
CA ILE C 327 17.14 -34.52 -0.17
C ILE C 327 17.04 -33.03 -0.48
N SER C 328 16.33 -32.29 0.37
CA SER C 328 16.14 -30.85 0.17
C SER C 328 16.32 -30.08 1.47
N ASN C 329 16.58 -28.78 1.35
CA ASN C 329 16.77 -27.91 2.51
C ASN C 329 15.44 -27.69 3.23
N LEU C 330 15.47 -27.72 4.56
CA LEU C 330 14.28 -27.57 5.39
C LEU C 330 13.86 -26.13 5.59
N ASP C 331 14.85 -25.27 5.80
CA ASP C 331 14.60 -23.86 6.06
C ASP C 331 14.51 -22.97 4.83
N ARG C 332 13.79 -21.85 4.98
CA ARG C 332 13.64 -20.89 3.89
C ARG C 332 13.51 -19.43 4.34
N LEU C 333 13.01 -19.23 5.56
CA LEU C 333 12.85 -17.88 6.10
C LEU C 333 13.76 -17.76 7.29
N GLY C 334 14.60 -16.73 7.31
CA GLY C 334 15.51 -16.57 8.43
C GLY C 334 16.97 -16.85 8.06
N SER C 335 17.18 -17.65 7.03
CA SER C 335 18.54 -17.95 6.57
C SER C 335 18.65 -17.50 5.11
N SER C 336 19.86 -17.36 4.58
CA SER C 336 20.03 -16.91 3.19
C SER C 336 20.02 -18.03 2.15
N GLU C 337 19.98 -17.65 0.88
CA GLU C 337 19.98 -18.61 -0.22
C GLU C 337 21.30 -19.36 -0.19
N VAL C 338 22.38 -18.66 0.14
CA VAL C 338 23.72 -19.25 0.19
C VAL C 338 23.84 -20.32 1.26
N GLU C 339 23.27 -20.05 2.44
CA GLU C 339 23.32 -21.00 3.56
C GLU C 339 22.44 -22.24 3.34
N GLN C 340 21.34 -22.10 2.59
CA GLN C 340 20.45 -23.23 2.34
C GLN C 340 21.06 -24.21 1.36
N VAL C 341 21.64 -23.67 0.29
CA VAL C 341 22.28 -24.48 -0.72
C VAL C 341 23.48 -25.20 -0.08
N ASN C 342 24.29 -24.44 0.64
CA ASN C 342 25.47 -24.99 1.29
C ASN C 342 25.11 -26.01 2.37
N CYS C 343 23.95 -25.82 2.99
CA CYS C 343 23.46 -26.71 4.04
C CYS C 343 23.22 -28.09 3.41
N VAL C 344 22.65 -28.05 2.21
CA VAL C 344 22.33 -29.24 1.45
C VAL C 344 23.58 -29.93 0.92
N ILE C 345 24.58 -29.14 0.56
CA ILE C 345 25.83 -29.67 0.02
C ILE C 345 26.58 -30.49 1.04
N LYS C 346 26.87 -29.87 2.17
CA LYS C 346 27.63 -30.51 3.21
C LYS C 346 26.80 -31.56 3.97
N GLY C 347 25.49 -31.36 3.99
CA GLY C 347 24.63 -32.30 4.67
C GLY C 347 24.47 -33.56 3.86
N VAL C 348 24.35 -33.39 2.55
CA VAL C 348 24.20 -34.50 1.63
C VAL C 348 25.51 -35.30 1.55
N LYS C 349 26.60 -34.64 1.94
CA LYS C 349 27.92 -35.23 1.92
C LYS C 349 28.16 -36.19 3.07
N VAL C 350 27.55 -35.88 4.21
CA VAL C 350 27.69 -36.75 5.37
C VAL C 350 26.91 -38.01 5.09
N LEU C 351 25.81 -37.85 4.36
CA LEU C 351 24.94 -38.97 4.00
C LEU C 351 25.69 -39.96 3.14
N ILE C 352 26.39 -39.44 2.13
CA ILE C 352 27.15 -40.30 1.24
C ILE C 352 28.25 -40.95 2.05
N GLU C 353 28.84 -40.20 2.97
CA GLU C 353 29.88 -40.75 3.82
C GLU C 353 29.35 -41.93 4.61
N GLU C 355 26.62 -43.64 4.03
CA GLU C 355 26.23 -44.71 3.10
C GLU C 355 27.42 -45.58 2.76
N LYS C 356 28.59 -44.98 2.55
CA LYS C 356 29.80 -45.73 2.23
C LYS C 356 30.25 -46.64 3.37
N LYS C 357 29.99 -46.19 4.59
CA LYS C 357 30.33 -46.94 5.79
C LYS C 357 29.41 -48.16 5.91
N LEU C 358 28.12 -47.91 5.69
CA LEU C 358 27.10 -48.95 5.76
C LEU C 358 27.30 -50.02 4.67
N GLU C 359 27.79 -49.59 3.50
CA GLU C 359 28.09 -50.51 2.40
C GLU C 359 29.21 -51.42 2.93
N LYS C 360 30.16 -50.83 3.65
CA LYS C 360 31.29 -51.58 4.20
C LYS C 360 30.98 -52.42 5.43
N GLY C 361 29.73 -52.32 5.89
CA GLY C 361 29.34 -53.08 7.05
C GLY C 361 30.01 -52.42 8.24
N GLU C 362 30.12 -51.10 8.17
CA GLU C 362 30.75 -50.35 9.25
C GLU C 362 29.78 -49.47 10.04
N SER C 363 30.28 -48.94 11.15
CA SER C 363 29.50 -48.10 12.03
C SER C 363 29.42 -46.64 11.54
N ILE C 364 28.25 -46.03 11.72
CA ILE C 364 28.02 -44.65 11.34
C ILE C 364 27.71 -43.89 12.62
N ASP C 365 27.70 -44.63 13.71
CA ASP C 365 27.35 -44.09 15.03
C ASP C 365 28.11 -42.88 15.49
N ASP C 366 29.36 -42.74 15.07
CA ASP C 366 30.16 -41.59 15.49
C ASP C 366 30.03 -40.43 14.51
N LEU C 367 29.40 -40.66 13.38
CA LEU C 367 29.22 -39.61 12.40
C LEU C 367 27.93 -38.86 12.70
N VAL C 368 26.98 -39.55 13.32
CA VAL C 368 25.69 -38.97 13.67
C VAL C 368 25.77 -37.69 14.46
N PRO C 369 25.16 -36.64 13.91
CA PRO C 369 25.09 -35.29 14.45
C PRO C 369 24.51 -35.16 15.82
N LYS C 370 24.99 -34.12 16.48
CA LYS C 370 24.44 -33.84 17.78
C LYS C 370 23.16 -33.15 17.45
N ALA D 2 -14.60 -8.49 -5.20
CA ALA D 2 -14.05 -8.41 -6.59
C ALA D 2 -12.59 -7.93 -6.59
N ASN D 3 -11.89 -8.19 -7.68
CA ASN D 3 -10.49 -7.75 -7.84
C ASN D 3 -10.56 -6.29 -8.29
N LEU D 4 -10.36 -5.35 -7.37
CA LEU D 4 -10.44 -3.92 -7.68
C LEU D 4 -9.50 -3.40 -8.76
N ASN D 5 -8.47 -4.18 -9.10
CA ASN D 5 -7.53 -3.73 -10.13
C ASN D 5 -7.94 -4.13 -11.54
N GLN D 6 -8.99 -4.95 -11.63
CA GLN D 6 -9.49 -5.42 -12.91
C GLN D 6 -9.98 -4.29 -13.81
N LYS D 7 -10.81 -3.40 -13.25
CA LYS D 7 -11.37 -2.26 -13.98
C LYS D 7 -10.35 -1.30 -14.63
N LYS D 8 -9.12 -1.28 -14.13
CA LYS D 8 -8.12 -0.42 -14.72
C LYS D 8 -7.51 -0.95 -16.01
N TYR D 9 -7.82 -2.20 -16.35
CA TYR D 9 -7.29 -2.82 -17.56
C TYR D 9 -8.34 -2.78 -18.66
N PRO D 10 -7.90 -2.70 -19.93
CA PRO D 10 -8.92 -2.68 -20.97
C PRO D 10 -9.72 -4.00 -20.93
N ALA D 11 -11.04 -3.89 -21.06
CA ALA D 11 -11.90 -5.07 -21.00
C ALA D 11 -11.46 -6.24 -21.89
N LYS D 12 -10.97 -5.95 -23.08
CA LYS D 12 -10.53 -7.00 -24.00
C LYS D 12 -9.43 -7.90 -23.42
N ASP D 13 -8.53 -7.34 -22.61
CA ASP D 13 -7.47 -8.17 -22.04
C ASP D 13 -8.03 -9.10 -20.96
N ASP D 14 -9.26 -8.85 -20.54
CA ASP D 14 -9.93 -9.66 -19.53
C ASP D 14 -10.91 -10.63 -20.21
N PHE D 15 -11.24 -10.34 -21.46
CA PHE D 15 -12.18 -11.14 -22.26
C PHE D 15 -11.71 -12.57 -22.49
N PRO D 16 -12.55 -13.54 -22.10
CA PRO D 16 -12.26 -14.96 -22.26
C PRO D 16 -11.97 -15.40 -23.68
N ASN D 17 -10.99 -16.26 -23.87
CA ASN D 17 -10.66 -16.80 -25.18
C ASN D 17 -11.66 -17.95 -25.27
N PHE D 18 -12.67 -17.82 -26.12
CA PHE D 18 -13.71 -18.85 -26.25
C PHE D 18 -13.42 -19.86 -27.33
N GLU D 19 -12.16 -19.90 -27.71
CA GLU D 19 -11.66 -20.80 -28.73
C GLU D 19 -11.92 -22.25 -28.32
N GLY D 20 -12.78 -22.94 -29.07
CA GLY D 20 -13.08 -24.33 -28.78
C GLY D 20 -14.25 -24.59 -27.85
N HIS D 21 -14.82 -23.53 -27.30
CA HIS D 21 -15.94 -23.64 -26.37
C HIS D 21 -17.27 -23.97 -27.08
N LYS D 22 -18.14 -24.71 -26.41
CA LYS D 22 -19.45 -25.11 -26.99
C LYS D 22 -20.63 -24.66 -26.14
N SER D 23 -20.52 -23.51 -25.50
CA SER D 23 -21.61 -23.08 -24.66
C SER D 23 -22.41 -21.95 -25.22
N LEU D 24 -23.55 -21.72 -24.59
CA LEU D 24 -24.42 -20.64 -24.97
C LEU D 24 -23.76 -19.39 -24.39
N LEU D 25 -22.76 -19.61 -23.56
CA LEU D 25 -22.00 -18.52 -22.96
C LEU D 25 -21.07 -17.95 -24.01
N SER D 26 -20.33 -18.81 -24.68
CA SER D 26 -19.41 -18.39 -25.72
C SER D 26 -20.15 -17.83 -26.94
N LYS D 27 -21.39 -18.27 -27.12
CA LYS D 27 -22.18 -17.80 -28.24
C LYS D 27 -22.72 -16.39 -28.05
N TYR D 28 -23.13 -16.05 -26.83
CA TYR D 28 -23.73 -14.74 -26.55
C TYR D 28 -22.91 -13.65 -25.86
N LEU D 29 -21.94 -14.01 -25.03
CA LEU D 29 -21.13 -12.98 -24.39
C LEU D 29 -20.13 -12.44 -25.42
N THR D 30 -20.41 -11.27 -25.98
CA THR D 30 -19.51 -10.67 -26.97
C THR D 30 -18.49 -9.77 -26.28
N ALA D 31 -17.52 -9.30 -27.04
CA ALA D 31 -16.47 -8.46 -26.48
C ALA D 31 -17.05 -7.18 -25.91
N ASP D 32 -18.03 -6.63 -26.62
CA ASP D 32 -18.68 -5.39 -26.18
C ASP D 32 -19.55 -5.60 -24.95
N TYR D 34 -19.14 -7.84 -22.75
CA TYR D 34 -18.20 -8.08 -21.66
C TYR D 34 -17.60 -6.77 -21.14
N ALA D 35 -17.25 -5.87 -22.06
CA ALA D 35 -16.65 -4.60 -21.67
C ALA D 35 -17.61 -3.77 -20.81
N LYS D 36 -18.88 -3.82 -21.17
CA LYS D 36 -19.94 -3.09 -20.47
C LYS D 36 -20.32 -3.66 -19.11
N LEU D 37 -20.23 -4.98 -18.97
CA LEU D 37 -20.62 -5.60 -17.73
C LEU D 37 -19.53 -6.08 -16.81
N ARG D 38 -18.29 -6.14 -17.29
CA ARG D 38 -17.18 -6.61 -16.47
C ARG D 38 -17.07 -6.00 -15.10
N ASP D 39 -17.31 -4.69 -15.00
CA ASP D 39 -17.17 -3.98 -13.74
C ASP D 39 -18.47 -3.63 -13.04
N VAL D 40 -19.54 -4.23 -13.51
CA VAL D 40 -20.88 -4.05 -12.97
C VAL D 40 -21.18 -5.25 -12.08
N ALA D 41 -21.48 -4.99 -10.81
CA ALA D 41 -21.78 -6.07 -9.86
C ALA D 41 -23.18 -5.97 -9.25
N THR D 42 -23.70 -7.12 -8.80
CA THR D 42 -25.02 -7.17 -8.17
C THR D 42 -24.98 -6.44 -6.84
N PRO D 43 -26.14 -6.20 -6.23
CA PRO D 43 -26.19 -5.49 -4.94
C PRO D 43 -25.46 -6.21 -3.81
N SER D 44 -25.32 -7.52 -3.93
CA SER D 44 -24.62 -8.29 -2.91
C SER D 44 -23.14 -8.48 -3.26
N GLY D 45 -22.73 -8.01 -4.43
CA GLY D 45 -21.33 -8.14 -4.82
C GLY D 45 -20.89 -9.28 -5.73
N TYR D 46 -21.84 -9.91 -6.40
CA TYR D 46 -21.52 -11.02 -7.31
C TYR D 46 -21.12 -10.38 -8.64
N THR D 47 -20.02 -10.85 -9.20
CA THR D 47 -19.50 -10.30 -10.44
C THR D 47 -19.78 -11.09 -11.72
N LEU D 48 -19.59 -10.44 -12.86
CA LEU D 48 -19.77 -11.05 -14.17
C LEU D 48 -18.84 -12.25 -14.32
N ASP D 49 -17.60 -12.09 -13.86
CA ASP D 49 -16.59 -13.14 -13.92
C ASP D 49 -16.97 -14.38 -13.10
N ARG D 50 -17.45 -14.15 -11.89
CA ARG D 50 -17.85 -15.23 -11.01
C ARG D 50 -19.01 -15.99 -11.63
N ALA D 51 -19.86 -15.27 -12.34
CA ALA D 51 -21.02 -15.86 -12.98
C ALA D 51 -20.65 -16.74 -14.16
N ILE D 52 -19.62 -16.34 -14.90
CA ILE D 52 -19.17 -17.06 -16.08
C ILE D 52 -17.99 -18.02 -15.91
N GLN D 53 -17.38 -18.02 -14.72
CA GLN D 53 -16.24 -18.91 -14.42
C GLN D 53 -16.52 -20.37 -14.79
N ASN D 54 -17.75 -20.81 -14.56
CA ASN D 54 -18.16 -22.19 -14.84
C ASN D 54 -17.85 -22.66 -16.25
N GLY D 55 -18.21 -21.84 -17.24
CA GLY D 55 -17.97 -22.19 -18.63
C GLY D 55 -16.57 -21.87 -19.10
N VAL D 56 -16.01 -20.82 -18.53
CA VAL D 56 -14.65 -20.39 -18.86
C VAL D 56 -13.70 -21.54 -18.56
N ASP D 57 -13.88 -22.14 -17.38
CA ASP D 57 -13.06 -23.25 -16.91
C ASP D 57 -13.39 -24.57 -17.63
N ASN D 58 -14.62 -24.69 -18.12
CA ASN D 58 -15.06 -25.90 -18.79
C ASN D 58 -15.76 -25.67 -20.15
N PRO D 59 -14.98 -25.47 -21.23
CA PRO D 59 -15.54 -25.23 -22.58
C PRO D 59 -16.52 -26.21 -23.20
N ASP D 60 -16.83 -27.32 -22.51
CA ASP D 60 -17.78 -28.30 -23.06
C ASP D 60 -19.17 -28.24 -22.44
N PHE D 61 -19.29 -27.48 -21.34
CA PHE D 61 -20.59 -27.33 -20.68
C PHE D 61 -21.46 -26.55 -21.63
N HIS D 62 -22.73 -26.94 -21.70
CA HIS D 62 -23.70 -26.31 -22.58
C HIS D 62 -24.14 -24.90 -22.16
N LEU D 63 -24.24 -24.66 -20.86
CA LEU D 63 -24.64 -23.35 -20.36
C LEU D 63 -23.43 -22.50 -19.97
N GLY D 64 -22.73 -22.91 -18.94
CA GLY D 64 -21.57 -22.17 -18.47
C GLY D 64 -21.90 -20.96 -17.62
N LEU D 65 -23.15 -20.88 -17.15
CA LEU D 65 -23.60 -19.77 -16.33
C LEU D 65 -24.20 -20.23 -15.01
N LEU D 66 -23.91 -19.47 -13.96
CA LEU D 66 -24.43 -19.74 -12.62
C LEU D 66 -24.71 -18.44 -11.88
N ALA D 67 -25.93 -18.30 -11.34
CA ALA D 67 -26.32 -17.10 -10.61
C ALA D 67 -25.84 -17.18 -9.17
N GLY D 68 -25.40 -16.04 -8.64
CA GLY D 68 -24.95 -15.98 -7.26
C GLY D 68 -26.08 -15.49 -6.37
N ASP D 69 -27.05 -14.82 -6.99
CA ASP D 69 -28.24 -14.32 -6.31
C ASP D 69 -29.30 -14.15 -7.36
N GLU D 70 -30.46 -13.61 -6.96
CA GLU D 70 -31.58 -13.44 -7.87
C GLU D 70 -31.41 -12.25 -8.81
N GLU D 71 -30.72 -11.22 -8.32
CA GLU D 71 -30.49 -10.01 -9.09
C GLU D 71 -29.53 -10.25 -10.25
N THR D 72 -28.86 -11.40 -10.26
CA THR D 72 -27.90 -11.71 -11.32
C THR D 72 -28.60 -11.79 -12.68
N TYR D 73 -29.85 -12.26 -12.65
CA TYR D 73 -30.66 -12.41 -13.85
C TYR D 73 -31.08 -11.09 -14.46
N THR D 74 -31.10 -10.06 -13.63
CA THR D 74 -31.49 -8.72 -14.05
C THR D 74 -30.26 -7.85 -14.31
N VAL D 75 -29.30 -7.89 -13.40
CA VAL D 75 -28.10 -7.10 -13.55
C VAL D 75 -27.34 -7.51 -14.81
N PHE D 76 -27.31 -8.80 -15.08
CA PHE D 76 -26.63 -9.32 -16.27
C PHE D 76 -27.64 -9.93 -17.24
N ALA D 77 -28.70 -9.17 -17.57
CA ALA D 77 -29.74 -9.65 -18.47
C ALA D 77 -29.27 -9.76 -19.91
N ASP D 78 -28.30 -8.93 -20.28
CA ASP D 78 -27.78 -8.96 -21.66
C ASP D 78 -27.22 -10.36 -21.98
N LEU D 79 -26.73 -11.06 -20.98
CA LEU D 79 -26.17 -12.39 -21.19
C LEU D 79 -27.13 -13.51 -20.85
N PHE D 80 -27.81 -13.38 -19.72
CA PHE D 80 -28.75 -14.40 -19.27
C PHE D 80 -30.03 -14.53 -20.09
N ASP D 81 -30.60 -13.41 -20.54
CA ASP D 81 -31.84 -13.49 -21.32
C ASP D 81 -31.70 -14.37 -22.58
N PRO D 82 -30.72 -14.07 -23.45
CA PRO D 82 -30.50 -14.84 -24.67
C PRO D 82 -30.08 -16.30 -24.43
N VAL D 83 -29.40 -16.58 -23.33
CA VAL D 83 -29.00 -17.95 -23.00
C VAL D 83 -30.23 -18.72 -22.53
N ILE D 84 -31.11 -18.02 -21.82
CA ILE D 84 -32.32 -18.62 -21.32
C ILE D 84 -33.29 -18.83 -22.49
N GLU D 85 -33.21 -17.94 -23.48
CA GLU D 85 -34.10 -18.02 -24.64
C GLU D 85 -33.79 -19.20 -25.54
N GLU D 86 -32.52 -19.45 -25.79
CA GLU D 86 -32.16 -20.58 -26.66
C GLU D 86 -32.40 -21.89 -25.92
N TYR D 87 -31.96 -21.95 -24.67
CA TYR D 87 -32.12 -23.18 -23.89
C TYR D 87 -33.56 -23.62 -23.70
N HIS D 88 -34.42 -22.67 -23.37
CA HIS D 88 -35.81 -22.99 -23.12
C HIS D 88 -36.80 -22.99 -24.24
N ASN D 89 -36.43 -23.55 -25.38
CA ASN D 89 -37.36 -23.67 -26.49
C ASN D 89 -38.01 -22.34 -26.87
N GLY D 90 -37.23 -21.27 -26.93
CA GLY D 90 -37.81 -19.99 -27.31
C GLY D 90 -38.46 -19.10 -26.25
N PHE D 91 -38.23 -19.36 -24.97
CA PHE D 91 -38.81 -18.52 -23.92
C PHE D 91 -38.14 -17.14 -23.98
N LYS D 92 -38.91 -16.15 -24.43
CA LYS D 92 -38.42 -14.79 -24.60
C LYS D 92 -38.44 -13.94 -23.34
N LYS D 93 -37.89 -12.75 -23.48
CA LYS D 93 -37.79 -11.76 -22.42
C LYS D 93 -39.18 -11.30 -21.97
N THR D 94 -40.11 -11.24 -22.92
CA THR D 94 -41.48 -10.80 -22.67
C THR D 94 -42.36 -11.93 -22.18
N ASP D 95 -41.98 -13.17 -22.49
CA ASP D 95 -42.76 -14.30 -22.07
C ASP D 95 -42.74 -14.38 -20.55
N ASN D 96 -43.73 -15.03 -19.98
CA ASN D 96 -43.77 -15.18 -18.54
C ASN D 96 -44.17 -16.60 -18.17
N HIS D 97 -43.74 -17.03 -17.00
CA HIS D 97 -43.98 -18.36 -16.53
C HIS D 97 -45.11 -18.39 -15.52
N LYS D 98 -45.92 -19.43 -15.55
CA LYS D 98 -47.03 -19.57 -14.62
C LYS D 98 -46.73 -20.80 -13.78
N THR D 99 -47.05 -20.72 -12.50
CA THR D 99 -46.82 -21.85 -11.61
C THR D 99 -48.18 -22.45 -11.31
N ASP D 100 -48.27 -23.77 -11.44
CA ASP D 100 -49.50 -24.50 -11.13
C ASP D 100 -49.13 -25.80 -10.41
N LEU D 101 -49.30 -25.79 -9.08
CA LEU D 101 -48.97 -26.91 -8.22
C LEU D 101 -50.14 -27.77 -7.77
N ASP D 102 -51.30 -27.59 -8.40
CA ASP D 102 -52.54 -28.30 -8.08
C ASP D 102 -52.50 -29.82 -8.33
N ALA D 103 -52.30 -30.60 -7.28
CA ALA D 103 -52.25 -32.05 -7.45
C ALA D 103 -53.56 -32.60 -7.98
N SER D 104 -54.67 -31.91 -7.69
CA SER D 104 -55.99 -32.36 -8.14
C SER D 104 -56.15 -32.28 -9.65
N LYS D 105 -55.21 -31.64 -10.31
CA LYS D 105 -55.27 -31.51 -11.76
C LYS D 105 -54.38 -32.53 -12.43
N ILE D 106 -53.84 -33.45 -11.65
CA ILE D 106 -52.96 -34.46 -12.22
C ILE D 106 -53.66 -35.72 -12.66
N LEU D 107 -53.26 -36.22 -13.84
CA LEU D 107 -53.85 -37.43 -14.39
C LEU D 107 -53.66 -38.54 -13.37
N ASP D 108 -54.76 -39.19 -13.01
CA ASP D 108 -54.74 -40.25 -12.00
C ASP D 108 -54.20 -41.60 -12.47
N ASP D 109 -53.88 -41.72 -13.76
CA ASP D 109 -53.39 -42.98 -14.32
C ASP D 109 -52.24 -43.60 -13.53
N VAL D 110 -52.39 -44.85 -13.12
CA VAL D 110 -51.34 -45.59 -12.41
C VAL D 110 -50.63 -46.30 -13.57
N LEU D 111 -49.37 -45.94 -13.82
CA LEU D 111 -48.62 -46.54 -14.92
C LEU D 111 -48.36 -48.03 -14.69
N ASP D 112 -48.51 -48.84 -15.73
CA ASP D 112 -48.30 -50.29 -15.69
C ASP D 112 -47.05 -50.56 -14.84
N PRO D 113 -47.22 -51.17 -13.65
CA PRO D 113 -46.07 -51.45 -12.80
C PRO D 113 -45.20 -52.60 -13.35
N ALA D 114 -45.68 -53.21 -14.43
CA ALA D 114 -44.94 -54.30 -15.08
C ALA D 114 -43.86 -53.72 -15.96
N TYR D 115 -43.91 -52.40 -16.14
CA TYR D 115 -42.95 -51.64 -16.95
C TYR D 115 -42.33 -50.50 -16.14
N VAL D 116 -43.15 -49.85 -15.33
CA VAL D 116 -42.65 -48.75 -14.51
C VAL D 116 -42.17 -49.24 -13.16
N ILE D 117 -40.85 -49.23 -13.01
CA ILE D 117 -40.19 -49.64 -11.78
C ILE D 117 -40.41 -48.55 -10.73
N SER D 118 -40.35 -47.28 -11.12
CA SER D 118 -40.55 -46.22 -10.16
C SER D 118 -40.78 -44.85 -10.78
N SER D 119 -41.62 -44.05 -10.12
CA SER D 119 -41.95 -42.70 -10.57
C SER D 119 -41.35 -41.76 -9.55
N ARG D 120 -41.05 -40.55 -9.96
CA ARG D 120 -40.53 -39.60 -8.98
C ARG D 120 -40.54 -38.18 -9.49
N VAL D 121 -40.63 -37.26 -8.55
CA VAL D 121 -40.70 -35.85 -8.85
C VAL D 121 -39.66 -35.10 -8.05
N ARG D 122 -38.86 -34.30 -8.76
CA ARG D 122 -37.79 -33.57 -8.13
C ARG D 122 -37.81 -32.08 -8.49
N THR D 123 -37.54 -31.26 -7.47
CA THR D 123 -37.51 -29.80 -7.66
C THR D 123 -36.42 -29.16 -6.83
N GLY D 124 -36.20 -27.87 -7.07
CA GLY D 124 -35.22 -27.13 -6.32
C GLY D 124 -35.82 -25.82 -5.84
N ARG D 125 -35.46 -25.41 -4.63
CA ARG D 125 -35.96 -24.17 -4.05
C ARG D 125 -34.85 -23.41 -3.34
N ASN D 126 -34.91 -22.08 -3.42
CA ASN D 126 -33.93 -21.23 -2.77
C ASN D 126 -34.70 -20.30 -1.87
N ILE D 127 -34.02 -19.69 -0.91
CA ILE D 127 -34.68 -18.76 0.00
C ILE D 127 -34.44 -17.32 -0.45
N ARG D 128 -35.51 -16.56 -0.63
CA ARG D 128 -35.36 -15.18 -1.06
C ARG D 128 -34.52 -14.32 -0.12
N GLY D 129 -33.75 -13.41 -0.73
CA GLY D 129 -32.91 -12.51 0.04
C GLY D 129 -31.59 -13.15 0.43
N ALA D 131 -28.14 -15.37 -0.65
CA ALA D 131 -27.30 -15.64 -1.81
C ALA D 131 -27.41 -17.11 -2.23
N LEU D 132 -27.18 -17.36 -3.52
CA LEU D 132 -27.23 -18.73 -4.04
C LEU D 132 -25.86 -19.37 -3.78
N SER D 133 -25.75 -20.70 -3.90
CA SER D 133 -24.49 -21.41 -3.62
C SER D 133 -23.17 -20.87 -4.19
N PRO D 134 -23.19 -20.27 -5.40
CA PRO D 134 -21.90 -19.78 -5.88
C PRO D 134 -21.37 -18.54 -5.11
N HIS D 135 -22.26 -17.82 -4.43
CA HIS D 135 -21.94 -16.59 -3.71
C HIS D 135 -22.21 -16.60 -2.21
N VAL D 136 -22.93 -17.62 -1.74
CA VAL D 136 -23.32 -17.75 -0.34
C VAL D 136 -22.18 -17.87 0.69
N CYS D 137 -22.29 -17.10 1.77
CA CYS D 137 -21.28 -17.12 2.85
C CYS D 137 -21.71 -18.15 3.90
N ARG D 138 -20.86 -18.41 4.89
CA ARG D 138 -21.15 -19.39 5.93
C ARG D 138 -22.30 -19.07 6.87
N SER D 139 -22.45 -17.79 7.19
CA SER D 139 -23.53 -17.35 8.07
C SER D 139 -24.89 -17.45 7.38
N GLU D 140 -24.91 -17.19 6.09
CA GLU D 140 -26.16 -17.28 5.33
C GLU D 140 -26.51 -18.75 5.12
N ARG D 141 -25.48 -19.59 4.95
CA ARG D 141 -25.72 -20.99 4.69
C ARG D 141 -26.21 -21.74 5.92
N ARG D 142 -25.76 -21.33 7.09
CA ARG D 142 -26.17 -21.96 8.34
C ARG D 142 -27.59 -21.50 8.68
N ALA D 143 -27.92 -20.28 8.29
CA ALA D 143 -29.23 -19.74 8.54
C ALA D 143 -30.22 -20.53 7.69
N ILE D 144 -29.81 -20.88 6.48
CA ILE D 144 -30.65 -21.68 5.58
C ILE D 144 -30.84 -23.10 6.15
N GLU D 145 -29.74 -23.74 6.51
CA GLU D 145 -29.77 -25.11 7.04
C GLU D 145 -30.63 -25.20 8.29
N LYS D 146 -30.68 -24.10 9.00
CA LYS D 146 -31.40 -23.95 10.25
C LYS D 146 -32.93 -23.85 10.11
N VAL D 148 -34.56 -24.45 7.60
CA VAL D 148 -35.06 -25.55 6.77
C VAL D 148 -35.12 -26.91 7.45
N SER D 149 -34.16 -27.21 8.32
CA SER D 149 -34.19 -28.48 9.02
C SER D 149 -35.28 -28.42 10.08
N GLU D 150 -35.45 -27.25 10.68
CA GLU D 150 -36.48 -27.06 11.71
C GLU D 150 -37.85 -27.24 11.08
N ALA D 151 -38.02 -26.75 9.86
CA ALA D 151 -39.30 -26.85 9.16
C ALA D 151 -39.62 -28.30 8.80
N LEU D 152 -38.65 -29.01 8.25
CA LEU D 152 -38.84 -30.40 7.87
C LEU D 152 -38.95 -31.30 9.08
N ASN D 153 -38.46 -30.85 10.24
CA ASN D 153 -38.57 -31.66 11.44
C ASN D 153 -39.90 -31.45 12.14
N SER D 154 -40.62 -30.42 11.71
CA SER D 154 -41.93 -30.08 12.26
C SER D 154 -43.03 -30.84 11.50
N LEU D 155 -42.61 -31.52 10.43
CA LEU D 155 -43.53 -32.29 9.59
C LEU D 155 -44.02 -33.54 10.31
N ALA D 156 -45.31 -33.84 10.17
CA ALA D 156 -45.88 -35.01 10.87
C ALA D 156 -46.59 -36.03 9.98
N ALA D 157 -47.56 -36.76 10.55
CA ALA D 157 -48.30 -37.78 9.82
C ALA D 157 -47.33 -38.63 9.03
N ASP D 158 -47.54 -38.71 7.72
CA ASP D 158 -46.67 -39.53 6.86
C ASP D 158 -45.37 -38.87 6.42
N LEU D 159 -45.24 -37.57 6.67
CA LEU D 159 -44.04 -36.82 6.32
C LEU D 159 -43.08 -36.75 7.52
N LYS D 160 -43.33 -37.60 8.51
CA LYS D 160 -42.54 -37.69 9.73
C LYS D 160 -41.14 -38.22 9.42
N GLY D 161 -40.11 -37.51 9.89
CA GLY D 161 -38.75 -37.97 9.63
C GLY D 161 -37.60 -37.43 10.46
N LYS D 162 -36.38 -37.62 9.94
CA LYS D 162 -35.15 -37.18 10.60
C LYS D 162 -34.24 -36.36 9.71
N TYR D 163 -33.45 -35.50 10.34
CA TYR D 163 -32.48 -34.64 9.65
C TYR D 163 -31.07 -35.14 9.94
N TYR D 164 -30.26 -35.23 8.90
CA TYR D 164 -28.90 -35.71 9.02
C TYR D 164 -27.93 -34.68 8.46
N SER D 165 -27.27 -33.92 9.35
CA SER D 165 -26.31 -32.92 8.93
C SER D 165 -24.98 -33.62 8.64
N LEU D 166 -24.40 -33.32 7.49
CA LEU D 166 -23.14 -33.93 7.02
C LEU D 166 -21.90 -33.81 7.90
N LYS D 168 -22.12 -33.96 11.32
CA LYS D 168 -22.37 -34.83 12.46
C LYS D 168 -22.72 -36.24 12.04
N ASP D 170 -21.81 -40.15 11.28
CA ASP D 170 -20.88 -41.24 11.52
C ASP D 170 -20.90 -42.19 10.31
N GLU D 171 -19.93 -43.08 10.22
CA GLU D 171 -19.83 -43.99 9.10
C GLU D 171 -20.92 -45.07 9.00
N LYS D 172 -21.65 -45.28 10.10
CA LYS D 172 -22.72 -46.28 10.11
C LYS D 172 -23.92 -45.69 9.42
N THR D 173 -24.23 -44.47 9.82
CA THR D 173 -25.35 -43.73 9.28
C THR D 173 -25.01 -43.23 7.89
N GLN D 174 -23.73 -43.16 7.57
CA GLN D 174 -23.32 -42.72 6.24
C GLN D 174 -23.64 -43.83 5.26
N GLN D 175 -23.32 -45.06 5.69
CA GLN D 175 -23.55 -46.24 4.86
C GLN D 175 -25.03 -46.43 4.59
N GLN D 176 -25.85 -46.23 5.61
CA GLN D 176 -27.29 -46.39 5.44
C GLN D 176 -27.81 -45.49 4.33
N LEU D 177 -27.49 -44.20 4.41
CA LEU D 177 -27.93 -43.21 3.42
C LEU D 177 -27.36 -43.53 2.03
N ILE D 178 -26.25 -44.25 2.01
CA ILE D 178 -25.62 -44.63 0.75
C ILE D 178 -26.41 -45.81 0.23
N ASP D 179 -26.73 -46.74 1.13
CA ASP D 179 -27.50 -47.92 0.77
C ASP D 179 -28.88 -47.52 0.27
N ASP D 180 -29.40 -46.39 0.74
CA ASP D 180 -30.72 -45.93 0.31
C ASP D 180 -30.68 -44.97 -0.90
N HIS D 181 -29.48 -44.66 -1.39
CA HIS D 181 -29.36 -43.73 -2.52
C HIS D 181 -29.85 -42.33 -2.09
N PHE D 182 -29.55 -41.93 -0.85
CA PHE D 182 -29.98 -40.62 -0.34
C PHE D 182 -28.87 -39.56 -0.32
N LEU D 183 -27.68 -39.98 0.08
CA LEU D 183 -26.47 -39.14 0.21
C LEU D 183 -26.02 -38.43 -1.08
N PHE D 184 -25.78 -37.11 -1.03
CA PHE D 184 -25.26 -36.41 -2.22
C PHE D 184 -23.72 -36.37 -2.12
N ASP D 185 -23.04 -36.21 -3.26
CA ASP D 185 -21.56 -36.21 -3.30
C ASP D 185 -20.77 -35.02 -2.80
N ARG D 186 -19.50 -35.30 -2.53
CA ARG D 186 -18.56 -34.27 -2.13
C ARG D 186 -18.51 -33.47 -3.41
N PRO D 187 -18.61 -32.14 -3.33
CA PRO D 187 -18.56 -31.40 -4.59
C PRO D 187 -17.12 -31.37 -5.10
N VAL D 188 -16.73 -32.40 -5.86
CA VAL D 188 -15.39 -32.47 -6.40
C VAL D 188 -15.39 -32.33 -7.93
N SER D 189 -16.59 -32.36 -8.52
CA SER D 189 -16.75 -32.19 -9.96
C SER D 189 -16.23 -30.79 -10.25
N ARG D 190 -15.80 -30.55 -11.49
CA ARG D 190 -15.29 -29.22 -11.86
C ARG D 190 -16.46 -28.22 -11.86
N HIS D 191 -17.64 -28.71 -12.20
CA HIS D 191 -18.84 -27.89 -12.22
C HIS D 191 -19.06 -27.16 -10.89
N PHE D 192 -18.83 -27.87 -9.79
CA PHE D 192 -19.00 -27.28 -8.45
C PHE D 192 -17.85 -26.38 -8.00
N THR D 193 -16.61 -26.78 -8.29
CA THR D 193 -15.44 -25.99 -7.91
C THR D 193 -15.30 -24.67 -8.68
N SER D 194 -15.37 -24.74 -10.00
CA SER D 194 -15.25 -23.52 -10.81
C SER D 194 -16.52 -22.67 -10.66
N GLY D 195 -17.54 -23.25 -10.03
CA GLY D 195 -18.78 -22.51 -9.82
C GLY D 195 -18.79 -21.84 -8.46
N GLY D 196 -17.79 -22.13 -7.64
CA GLY D 196 -17.72 -21.57 -6.30
C GLY D 196 -18.70 -22.18 -5.32
N ALA D 198 -18.35 -25.30 -3.92
CA ALA D 198 -17.73 -26.32 -3.09
C ALA D 198 -17.16 -25.77 -1.80
N ARG D 199 -17.25 -24.45 -1.64
CA ARG D 199 -16.74 -23.76 -0.46
C ARG D 199 -17.33 -24.24 0.87
N ASP D 200 -16.46 -24.39 1.87
CA ASP D 200 -16.85 -24.80 3.22
C ASP D 200 -17.44 -26.19 3.48
N PHE D 201 -17.43 -27.06 2.47
CA PHE D 201 -17.98 -28.40 2.66
C PHE D 201 -17.29 -29.15 3.81
N PRO D 202 -18.08 -29.88 4.63
CA PRO D 202 -19.53 -30.06 4.54
C PRO D 202 -20.32 -29.12 5.48
N ASP D 203 -19.77 -27.94 5.77
CA ASP D 203 -20.42 -26.98 6.68
C ASP D 203 -21.73 -26.45 6.10
N GLY D 204 -22.81 -26.64 6.85
CA GLY D 204 -24.11 -26.16 6.42
C GLY D 204 -24.86 -27.12 5.53
N ARG D 205 -24.25 -28.24 5.19
CA ARG D 205 -24.92 -29.22 4.34
C ARG D 205 -25.58 -30.32 5.16
N GLY D 206 -26.74 -30.79 4.71
CA GLY D 206 -27.42 -31.86 5.41
C GLY D 206 -28.39 -32.61 4.52
N ILE D 207 -28.85 -33.77 4.99
CA ILE D 207 -29.81 -34.57 4.26
C ILE D 207 -30.98 -34.81 5.21
N TRP D 208 -32.19 -34.87 4.65
CA TRP D 208 -33.42 -35.12 5.41
C TRP D 208 -34.28 -36.05 4.58
N HIS D 209 -34.86 -37.06 5.22
CA HIS D 209 -35.74 -37.98 4.54
C HIS D 209 -36.73 -38.41 5.60
N ASN D 210 -37.97 -38.64 5.22
CA ASN D 210 -38.97 -39.06 6.20
C ASN D 210 -38.81 -40.57 6.49
N ASP D 211 -39.44 -41.03 7.56
CA ASP D 211 -39.33 -42.43 7.97
C ASP D 211 -39.82 -43.45 6.94
N LYS D 212 -40.63 -43.00 5.99
CA LYS D 212 -41.13 -43.91 4.95
C LYS D 212 -40.13 -43.89 3.81
N LYS D 213 -39.30 -42.86 3.77
CA LYS D 213 -38.29 -42.76 2.73
C LYS D 213 -38.87 -42.66 1.34
N ASN D 214 -39.88 -41.79 1.17
CA ASN D 214 -40.47 -41.58 -0.13
C ASN D 214 -40.50 -40.08 -0.31
N PHE D 215 -39.87 -39.39 0.64
CA PHE D 215 -39.74 -37.93 0.64
C PHE D 215 -38.32 -37.52 1.08
N LEU D 216 -37.56 -36.98 0.14
CA LEU D 216 -36.17 -36.61 0.37
C LEU D 216 -35.82 -35.13 0.10
N VAL D 217 -35.02 -34.54 1.01
CA VAL D 217 -34.58 -33.16 0.82
C VAL D 217 -33.08 -32.98 1.10
N TRP D 218 -32.36 -32.52 0.09
CA TRP D 218 -30.94 -32.25 0.22
C TRP D 218 -30.83 -30.77 0.55
N ILE D 219 -30.11 -30.45 1.62
CA ILE D 219 -29.95 -29.06 2.01
C ILE D 219 -28.59 -28.51 1.65
N ASN D 220 -28.59 -27.32 1.04
CA ASN D 220 -27.39 -26.62 0.63
C ASN D 220 -26.39 -27.31 -0.29
N GLU D 221 -26.90 -27.93 -1.35
CA GLU D 221 -26.04 -28.52 -2.35
C GLU D 221 -26.08 -27.46 -3.47
N GLU D 222 -26.54 -27.85 -4.65
CA GLU D 222 -26.60 -26.90 -5.76
C GLU D 222 -27.52 -25.70 -5.53
N ASP D 223 -28.64 -25.94 -4.88
CA ASP D 223 -29.59 -24.89 -4.56
C ASP D 223 -29.84 -25.01 -3.06
N HIS D 224 -30.49 -24.03 -2.47
CA HIS D 224 -30.72 -24.09 -1.03
C HIS D 224 -31.38 -25.42 -0.63
N THR D 225 -32.31 -25.89 -1.45
CA THR D 225 -33.00 -27.14 -1.19
C THR D 225 -33.29 -27.93 -2.45
N ARG D 226 -33.27 -29.25 -2.30
CA ARG D 226 -33.56 -30.12 -3.41
C ARG D 226 -34.60 -31.09 -2.90
N ILE D 227 -35.84 -30.88 -3.28
CA ILE D 227 -36.92 -31.74 -2.82
C ILE D 227 -37.21 -32.89 -3.77
N ILE D 228 -37.34 -34.09 -3.21
CA ILE D 228 -37.61 -35.29 -3.99
C ILE D 228 -38.71 -36.15 -3.38
N SER D 229 -39.65 -36.59 -4.21
CA SER D 229 -40.73 -37.46 -3.77
C SER D 229 -40.55 -38.67 -4.69
N GLN D 231 -41.22 -43.24 -5.15
CA GLN D 231 -41.72 -44.52 -4.69
C GLN D 231 -41.68 -45.51 -5.83
N GLY D 233 -43.23 -48.33 -8.36
CA GLY D 233 -44.51 -48.36 -9.06
C GLY D 233 -44.74 -47.23 -10.05
N GLY D 234 -46.01 -47.10 -10.49
CA GLY D 234 -46.37 -46.08 -11.45
C GLY D 234 -47.42 -45.05 -11.03
N ASN D 235 -47.73 -44.93 -9.75
CA ASN D 235 -48.73 -43.94 -9.34
C ASN D 235 -48.07 -42.58 -9.12
N LYS D 237 -49.41 -39.56 -9.39
CA LYS D 237 -50.26 -38.62 -8.64
C LYS D 237 -50.09 -38.74 -7.14
N GLU D 238 -49.87 -39.96 -6.67
CA GLU D 238 -49.65 -40.21 -5.25
C GLU D 238 -48.31 -39.58 -4.91
N VAL D 239 -47.40 -39.65 -5.87
CA VAL D 239 -46.07 -39.08 -5.72
C VAL D 239 -46.17 -37.56 -5.68
N PHE D 240 -46.77 -36.96 -6.71
CA PHE D 240 -46.92 -35.51 -6.79
C PHE D 240 -47.71 -34.88 -5.64
N GLU D 241 -48.67 -35.61 -5.11
CA GLU D 241 -49.50 -35.08 -4.04
C GLU D 241 -48.73 -34.99 -2.74
N ARG D 242 -47.79 -35.92 -2.54
CA ARG D 242 -46.94 -35.94 -1.34
C ARG D 242 -45.89 -34.86 -1.56
N PHE D 243 -45.51 -34.69 -2.82
CA PHE D 243 -44.51 -33.70 -3.25
C PHE D 243 -44.98 -32.27 -3.01
N THR D 244 -46.23 -31.96 -3.36
CA THR D 244 -46.74 -30.60 -3.15
C THR D 244 -47.10 -30.29 -1.69
N ARG D 245 -47.45 -31.32 -0.91
CA ARG D 245 -47.79 -31.14 0.50
C ARG D 245 -46.55 -30.85 1.37
N GLY D 246 -45.46 -31.55 1.11
CA GLY D 246 -44.27 -31.32 1.89
C GLY D 246 -43.85 -29.89 1.62
N LEU D 247 -43.83 -29.56 0.33
CA LEU D 247 -43.47 -28.24 -0.18
C LEU D 247 -44.33 -27.18 0.51
N THR D 248 -45.64 -27.38 0.47
CA THR D 248 -46.57 -26.43 1.09
C THR D 248 -46.31 -26.23 2.60
N GLU D 249 -46.19 -27.32 3.35
CA GLU D 249 -45.95 -27.21 4.79
C GLU D 249 -44.59 -26.63 5.17
N VAL D 250 -43.56 -26.92 4.39
CA VAL D 250 -42.22 -26.40 4.66
C VAL D 250 -42.10 -24.92 4.42
N GLU D 251 -42.66 -24.43 3.32
CA GLU D 251 -42.61 -22.99 3.03
C GLU D 251 -43.45 -22.32 4.14
N LYS D 252 -44.53 -23.00 4.54
CA LYS D 252 -45.43 -22.52 5.59
C LYS D 252 -44.68 -22.24 6.91
N HIS D 253 -43.87 -23.20 7.32
CA HIS D 253 -43.09 -23.14 8.54
C HIS D 253 -41.93 -22.15 8.50
N ILE D 254 -41.22 -22.12 7.38
CA ILE D 254 -40.12 -21.19 7.24
C ILE D 254 -40.68 -19.80 7.47
N LYS D 255 -41.73 -19.49 6.72
CA LYS D 255 -42.40 -18.20 6.78
C LYS D 255 -43.07 -17.85 8.10
N ASP D 256 -43.47 -18.85 8.87
CA ASP D 256 -44.11 -18.56 10.14
C ASP D 256 -43.04 -18.16 11.17
N LYS D 257 -41.92 -18.89 11.14
CA LYS D 257 -40.81 -18.69 12.06
C LYS D 257 -39.92 -17.50 11.69
N THR D 258 -39.53 -17.44 10.42
CA THR D 258 -38.63 -16.39 9.92
C THR D 258 -39.27 -15.37 8.98
N GLY D 259 -40.47 -15.68 8.49
CA GLY D 259 -41.15 -14.76 7.59
C GLY D 259 -40.44 -14.64 6.25
N LYS D 260 -39.54 -15.58 5.97
CA LYS D 260 -38.82 -15.61 4.70
C LYS D 260 -39.61 -16.53 3.78
N GLU D 261 -39.43 -16.36 2.47
CA GLU D 261 -40.19 -17.16 1.50
C GLU D 261 -39.28 -17.70 0.40
N PHE D 262 -39.85 -18.50 -0.50
CA PHE D 262 -39.07 -19.04 -1.59
C PHE D 262 -38.73 -18.01 -2.67
N LYS D 264 -38.73 -16.47 -6.03
CA LYS D 264 -39.61 -16.64 -7.19
C LYS D 264 -40.13 -15.29 -7.72
N ASN D 265 -40.31 -15.19 -9.04
CA ASN D 265 -40.86 -14.00 -9.68
C ASN D 265 -41.73 -14.34 -10.89
N ASP D 266 -42.53 -13.37 -11.36
CA ASP D 266 -43.46 -13.59 -12.46
C ASP D 266 -42.89 -14.00 -13.82
N HIS D 267 -41.67 -13.56 -14.10
CA HIS D 267 -41.03 -13.86 -15.37
C HIS D 267 -40.34 -15.22 -15.41
N LEU D 268 -39.66 -15.58 -14.34
CA LEU D 268 -38.93 -16.85 -14.32
C LEU D 268 -39.45 -18.00 -13.47
N GLY D 269 -40.53 -17.77 -12.73
CA GLY D 269 -41.02 -18.82 -11.87
C GLY D 269 -40.02 -18.93 -10.72
N PHE D 270 -39.71 -20.15 -10.28
CA PHE D 270 -38.73 -20.28 -9.20
C PHE D 270 -37.33 -20.05 -9.73
N VAL D 271 -36.53 -19.30 -8.97
CA VAL D 271 -35.17 -18.99 -9.36
C VAL D 271 -34.22 -19.98 -8.71
N LEU D 272 -33.45 -20.67 -9.57
CA LEU D 272 -32.46 -21.66 -9.20
C LEU D 272 -31.12 -21.12 -9.63
N THR D 273 -30.04 -21.71 -9.13
CA THR D 273 -28.68 -21.29 -9.46
C THR D 273 -28.40 -21.44 -10.95
N CYS D 274 -28.58 -22.64 -11.49
CA CYS D 274 -28.35 -22.89 -12.90
C CYS D 274 -29.59 -22.55 -13.72
N PRO D 275 -29.41 -21.76 -14.80
CA PRO D 275 -30.54 -21.36 -15.64
C PRO D 275 -31.37 -22.49 -16.26
N SER D 276 -30.78 -23.67 -16.41
CA SER D 276 -31.51 -24.79 -17.00
C SER D 276 -32.69 -25.22 -16.13
N ASN D 277 -32.58 -24.95 -14.83
CA ASN D 277 -33.62 -25.35 -13.89
C ASN D 277 -34.65 -24.30 -13.50
N LEU D 278 -34.74 -23.22 -14.29
CA LEU D 278 -35.70 -22.14 -14.02
C LEU D 278 -37.15 -22.56 -14.27
N GLY D 279 -38.08 -21.80 -13.71
CA GLY D 279 -39.49 -22.10 -13.90
C GLY D 279 -40.05 -23.01 -12.85
N THR D 280 -40.24 -24.28 -13.20
CA THR D 280 -40.77 -25.27 -12.27
C THR D 280 -39.65 -25.90 -11.45
N GLY D 281 -38.48 -26.00 -12.09
CA GLY D 281 -37.32 -26.61 -11.48
C GLY D 281 -37.63 -28.09 -11.31
N VAL D 282 -38.63 -28.54 -12.07
CA VAL D 282 -39.12 -29.91 -12.02
C VAL D 282 -38.61 -30.93 -13.02
N ARG D 283 -38.15 -32.05 -12.48
CA ARG D 283 -37.72 -33.17 -13.30
C ARG D 283 -38.57 -34.31 -12.77
N CYS D 284 -39.58 -34.67 -13.56
CA CYS D 284 -40.49 -35.74 -13.26
C CYS D 284 -40.00 -36.88 -14.13
N SER D 285 -39.72 -38.03 -13.53
CA SER D 285 -39.25 -39.14 -14.33
C SER D 285 -39.61 -40.51 -13.77
N VAL D 286 -39.68 -41.48 -14.68
CA VAL D 286 -39.97 -42.85 -14.33
C VAL D 286 -38.91 -43.74 -14.94
N HIS D 287 -38.64 -44.86 -14.30
CA HIS D 287 -37.69 -45.80 -14.84
C HIS D 287 -38.59 -46.84 -15.47
N ALA D 288 -38.62 -46.89 -16.80
CA ALA D 288 -39.47 -47.82 -17.52
C ALA D 288 -38.67 -48.79 -18.39
N LYS D 289 -39.12 -50.05 -18.41
CA LYS D 289 -38.48 -51.09 -19.21
C LYS D 289 -39.05 -51.13 -20.64
N LEU D 290 -38.26 -50.71 -21.62
CA LEU D 290 -38.71 -50.70 -23.01
C LEU D 290 -37.64 -51.23 -23.95
N PRO D 291 -37.34 -52.54 -23.86
CA PRO D 291 -36.32 -53.16 -24.72
C PRO D 291 -36.70 -53.02 -26.18
N HIS D 292 -38.00 -53.08 -26.45
CA HIS D 292 -38.53 -52.97 -27.81
C HIS D 292 -38.53 -51.55 -28.38
N ALA D 294 -36.29 -49.55 -27.26
CA ALA D 294 -34.84 -49.35 -27.19
C ALA D 294 -34.13 -49.75 -28.47
N LYS D 295 -34.86 -50.36 -29.39
CA LYS D 295 -34.30 -50.80 -30.66
C LYS D 295 -35.15 -50.34 -31.83
N ASP D 296 -35.93 -49.28 -31.60
CA ASP D 296 -36.74 -48.70 -32.67
C ASP D 296 -35.93 -47.44 -32.86
N LYS D 297 -35.50 -47.19 -34.09
CA LYS D 297 -34.69 -46.01 -34.32
C LYS D 297 -35.49 -44.72 -34.18
N ARG D 298 -36.81 -44.85 -34.05
CA ARG D 298 -37.70 -43.70 -33.90
C ARG D 298 -37.79 -43.22 -32.47
N PHE D 299 -37.51 -44.12 -31.53
CA PHE D 299 -37.60 -43.81 -30.11
C PHE D 299 -37.23 -42.38 -29.72
N GLU D 300 -36.08 -41.91 -30.19
CA GLU D 300 -35.63 -40.55 -29.86
C GLU D 300 -36.59 -39.42 -30.22
N GLU D 301 -37.05 -39.41 -31.47
CA GLU D 301 -37.96 -38.38 -31.95
C GLU D 301 -39.40 -38.51 -31.47
N ILE D 302 -39.75 -39.69 -30.99
CA ILE D 302 -41.10 -39.93 -30.47
C ILE D 302 -41.15 -39.29 -29.09
N CYS D 303 -40.02 -39.33 -28.38
CA CYS D 303 -39.93 -38.73 -27.04
C CYS D 303 -39.88 -37.22 -27.12
N THR D 304 -39.14 -36.70 -28.10
CA THR D 304 -39.01 -35.26 -28.28
C THR D 304 -40.35 -34.65 -28.64
N LYS D 305 -41.15 -35.40 -29.38
CA LYS D 305 -42.46 -34.92 -29.79
C LYS D 305 -43.44 -34.86 -28.62
N ARG D 307 -42.49 -34.18 -25.79
CA ARG D 307 -41.83 -33.25 -24.90
C ARG D 307 -41.21 -34.00 -23.71
N LEU D 308 -40.73 -35.20 -24.02
CA LEU D 308 -40.11 -36.09 -23.06
C LEU D 308 -38.65 -36.33 -23.36
N GLN D 309 -37.86 -36.58 -22.34
CA GLN D 309 -36.46 -36.87 -22.55
C GLN D 309 -36.18 -38.32 -22.10
N LYS D 310 -35.18 -38.94 -22.72
CA LYS D 310 -34.85 -40.31 -22.37
C LYS D 310 -33.36 -40.53 -22.12
N ARG D 311 -33.05 -41.44 -21.20
CA ARG D 311 -31.68 -41.72 -20.84
C ARG D 311 -31.47 -43.21 -20.60
N GLY D 312 -30.25 -43.66 -20.90
CA GLY D 312 -29.89 -45.05 -20.75
C GLY D 312 -29.59 -45.48 -19.32
N GLY D 322 -31.93 -54.72 -18.29
CA GLY D 322 -31.81 -54.74 -19.74
C GLY D 322 -32.95 -53.99 -20.42
N GLY D 323 -32.63 -52.89 -21.11
CA GLY D 323 -33.66 -52.13 -21.80
C GLY D 323 -34.40 -51.12 -20.92
N VAL D 324 -33.77 -50.70 -19.83
CA VAL D 324 -34.38 -49.73 -18.91
C VAL D 324 -33.97 -48.27 -19.18
N TYR D 325 -34.98 -47.39 -19.22
CA TYR D 325 -34.72 -45.98 -19.47
C TYR D 325 -35.38 -45.05 -18.45
N ASP D 326 -34.69 -43.97 -18.14
CA ASP D 326 -35.20 -42.98 -17.23
C ASP D 326 -35.84 -41.94 -18.14
N ILE D 327 -37.16 -41.97 -18.23
CA ILE D 327 -37.90 -41.04 -19.08
C ILE D 327 -38.32 -39.84 -18.25
N SER D 328 -38.06 -38.62 -18.75
CA SER D 328 -38.41 -37.40 -18.03
C SER D 328 -38.91 -36.26 -18.93
N ASN D 329 -39.46 -35.22 -18.33
CA ASN D 329 -39.95 -34.08 -19.10
C ASN D 329 -38.78 -33.24 -19.58
N LEU D 330 -38.93 -32.70 -20.79
CA LEU D 330 -37.92 -31.86 -21.40
C LEU D 330 -38.07 -30.44 -20.88
N ASP D 331 -39.29 -29.92 -21.00
CA ASP D 331 -39.58 -28.56 -20.59
C ASP D 331 -39.43 -28.25 -19.09
N ARG D 332 -39.09 -26.99 -18.83
CA ARG D 332 -38.91 -26.47 -17.49
C ARG D 332 -39.58 -25.09 -17.34
N LEU D 333 -39.31 -24.21 -18.29
CA LEU D 333 -39.82 -22.84 -18.30
C LEU D 333 -40.78 -22.57 -19.45
N GLY D 334 -41.98 -22.07 -19.14
CA GLY D 334 -42.98 -21.81 -20.16
C GLY D 334 -44.17 -22.75 -20.07
N SER D 335 -44.10 -23.69 -19.13
CA SER D 335 -45.15 -24.68 -18.90
C SER D 335 -45.14 -24.98 -17.40
N SER D 336 -46.30 -25.28 -16.84
CA SER D 336 -46.40 -25.54 -15.40
C SER D 336 -46.09 -26.97 -14.97
N GLU D 337 -45.99 -27.14 -13.65
CA GLU D 337 -45.74 -28.43 -13.03
C GLU D 337 -46.76 -29.46 -13.51
N VAL D 338 -48.03 -29.13 -13.33
CA VAL D 338 -49.10 -30.00 -13.75
C VAL D 338 -48.92 -30.45 -15.19
N GLU D 339 -48.73 -29.50 -16.10
CA GLU D 339 -48.55 -29.86 -17.50
C GLU D 339 -47.34 -30.77 -17.72
N GLN D 340 -46.24 -30.47 -17.06
CA GLN D 340 -45.03 -31.27 -17.20
C GLN D 340 -45.19 -32.68 -16.63
N VAL D 341 -45.86 -32.79 -15.49
CA VAL D 341 -46.08 -34.09 -14.90
C VAL D 341 -46.99 -34.92 -15.80
N ASN D 342 -48.06 -34.30 -16.28
CA ASN D 342 -48.97 -34.98 -17.18
C ASN D 342 -48.27 -35.28 -18.51
N CYS D 343 -47.19 -34.57 -18.80
CA CYS D 343 -46.49 -34.83 -20.05
C CYS D 343 -45.82 -36.19 -20.04
N VAL D 344 -45.29 -36.58 -18.88
CA VAL D 344 -44.64 -37.87 -18.79
C VAL D 344 -45.70 -38.94 -18.49
N ILE D 345 -46.86 -38.55 -17.95
CA ILE D 345 -47.91 -39.55 -17.67
C ILE D 345 -48.50 -39.99 -19.02
N LYS D 346 -48.81 -39.03 -19.88
CA LYS D 346 -49.40 -39.31 -21.19
C LYS D 346 -48.37 -39.97 -22.12
N GLY D 347 -47.15 -39.44 -22.10
CA GLY D 347 -46.11 -39.98 -22.96
C GLY D 347 -45.75 -41.39 -22.59
N VAL D 348 -45.49 -41.61 -21.31
CA VAL D 348 -45.12 -42.94 -20.83
C VAL D 348 -46.12 -44.07 -21.09
N LYS D 349 -47.43 -43.83 -20.93
CA LYS D 349 -48.38 -44.91 -21.18
C LYS D 349 -48.52 -45.23 -22.67
N VAL D 350 -48.12 -44.29 -23.53
CA VAL D 350 -48.16 -44.52 -24.97
C VAL D 350 -46.97 -45.43 -25.24
N LEU D 351 -45.83 -45.09 -24.64
CA LEU D 351 -44.61 -45.89 -24.77
C LEU D 351 -44.90 -47.33 -24.40
N ILE D 352 -45.66 -47.47 -23.33
CA ILE D 352 -46.04 -48.77 -22.82
C ILE D 352 -46.93 -49.49 -23.84
N GLU D 353 -47.87 -48.77 -24.45
CA GLU D 353 -48.78 -49.35 -25.45
C GLU D 353 -48.01 -49.72 -26.72
N GLU D 355 -44.84 -50.59 -26.60
CA GLU D 355 -44.04 -51.73 -26.14
C GLU D 355 -44.83 -53.04 -26.27
N LYS D 356 -46.01 -53.10 -25.68
CA LYS D 356 -46.82 -54.31 -25.77
C LYS D 356 -47.06 -54.72 -27.24
N LYS D 357 -47.20 -53.74 -28.13
CA LYS D 357 -47.43 -54.00 -29.56
C LYS D 357 -46.21 -54.69 -30.17
N LEU D 358 -45.06 -54.06 -30.01
CA LEU D 358 -43.80 -54.57 -30.53
C LEU D 358 -43.51 -55.97 -29.98
N GLU D 359 -43.77 -56.16 -28.69
CA GLU D 359 -43.59 -57.46 -28.03
C GLU D 359 -44.31 -58.55 -28.85
N LYS D 360 -45.36 -58.12 -29.54
CA LYS D 360 -46.17 -59.01 -30.35
C LYS D 360 -45.93 -58.98 -31.85
N GLY D 361 -45.12 -58.05 -32.31
CA GLY D 361 -44.84 -57.97 -33.72
C GLY D 361 -45.85 -57.13 -34.49
N GLU D 362 -46.50 -56.20 -33.80
CA GLU D 362 -47.46 -55.34 -34.47
C GLU D 362 -46.77 -54.01 -34.73
N SER D 363 -47.35 -53.21 -35.61
CA SER D 363 -46.80 -51.90 -35.94
C SER D 363 -47.40 -50.84 -35.02
N ILE D 364 -46.60 -49.84 -34.72
CA ILE D 364 -46.99 -48.75 -33.84
C ILE D 364 -47.04 -47.45 -34.63
N ASP D 365 -46.99 -47.61 -35.96
CA ASP D 365 -47.05 -46.50 -36.92
C ASP D 365 -48.14 -45.50 -36.59
N ASP D 366 -49.25 -46.05 -36.09
CA ASP D 366 -50.45 -45.32 -35.75
C ASP D 366 -50.45 -44.79 -34.30
N LEU D 367 -49.44 -45.19 -33.52
CA LEU D 367 -49.36 -44.72 -32.13
C LEU D 367 -48.31 -43.61 -32.06
N VAL D 368 -47.54 -43.53 -33.13
CA VAL D 368 -46.47 -42.56 -33.32
C VAL D 368 -47.02 -41.15 -33.46
N PRO D 369 -46.61 -40.23 -32.57
CA PRO D 369 -47.06 -38.84 -32.59
C PRO D 369 -46.61 -37.96 -33.76
N LYS D 370 -47.52 -37.15 -34.27
CA LYS D 370 -47.19 -36.25 -35.38
C LYS D 370 -46.42 -35.02 -34.90
#